data_4O6C
#
_entry.id   4O6C
#
_cell.length_a   186.885
_cell.length_b   186.885
_cell.length_c   81.765
_cell.angle_alpha   90.00
_cell.angle_beta   90.00
_cell.angle_gamma   120.00
#
_symmetry.space_group_name_H-M   'P 3'
#
loop_
_entity.id
_entity.type
_entity.pdbx_description
1 polymer NS1
2 non-polymer 2-acetamido-2-deoxy-beta-D-glucopyranose
3 non-polymer 'SULFATE ION'
#
_entity_poly.entity_id   1
_entity_poly.type   'polypeptide(L)'
_entity_poly.pdbx_seq_one_letter_code
;AEHHHHHHSSGVDLGTENLYFQSNADTGCAIDISRQELRCGSGVFIHNDVEAWMDRYKYYPETPQGLAKIIQKAHKEGVC
GLRSVSRLEHQMWEAVKDELNTLLKENGVDLSVVVEKQEGMYKSAPKRLTATTEKLEIGWKAWGKSILFAPELANNTFVV
DGPETKECPTQNRAWNSLEVEDFGFGLTSTRMFLKVRESNTTECDSKIIGTAVKNNLAIHSDLSYWIESRLNDTWKLERA
VLGEVKSCTWPETHTLWGDGILESDLIIPVTLAGPRSNHNRRPGYKTQNQGPWDEGRVEIDFDYCPGTTVTLSESCGHRG
PATRTTTESGKLITDWCCRSCTLPPLRYQTDSGCWYGMEIRPQRHDEKTLVQSQVNA
;
_entity_poly.pdbx_strand_id   A,B,C,D,E,F
#
loop_
_chem_comp.id
_chem_comp.type
_chem_comp.name
_chem_comp.formula
NAG D-saccharide, beta linking 2-acetamido-2-deoxy-beta-D-glucopyranose 'C8 H15 N O6'
SO4 non-polymer 'SULFATE ION' 'O4 S -2'
#
# COMPACT_ATOMS: atom_id res chain seq x y z
N ALA A 25 -16.35 0.07 -25.15
CA ALA A 25 -17.44 -0.19 -24.22
C ALA A 25 -18.62 -0.88 -24.91
N ASP A 26 -19.58 -1.35 -24.13
CA ASP A 26 -20.74 -2.05 -24.67
C ASP A 26 -21.87 -1.11 -25.09
N THR A 27 -22.45 -1.38 -26.25
CA THR A 27 -23.61 -0.61 -26.73
C THR A 27 -24.74 -1.58 -27.01
N GLY A 28 -25.94 -1.28 -26.50
CA GLY A 28 -27.07 -2.16 -26.71
C GLY A 28 -28.35 -1.74 -25.99
N CYS A 29 -29.29 -2.69 -25.93
CA CYS A 29 -30.62 -2.43 -25.39
C CYS A 29 -31.07 -3.62 -24.56
N ALA A 30 -31.86 -3.36 -23.52
CA ALA A 30 -32.30 -4.44 -22.64
C ALA A 30 -33.60 -4.11 -21.92
N ILE A 31 -34.30 -5.16 -21.49
CA ILE A 31 -35.57 -5.00 -20.79
C ILE A 31 -35.39 -5.21 -19.30
N ASP A 32 -35.47 -4.13 -18.53
CA ASP A 32 -35.33 -4.24 -17.09
C ASP A 32 -36.70 -4.25 -16.44
N ILE A 33 -37.13 -5.44 -16.03
CA ILE A 33 -38.41 -5.62 -15.35
C ILE A 33 -38.44 -4.82 -14.05
N SER A 34 -37.32 -4.86 -13.33
CA SER A 34 -37.20 -4.21 -12.04
C SER A 34 -37.52 -2.72 -12.12
N ARG A 35 -36.97 -2.05 -13.13
CA ARG A 35 -37.23 -0.63 -13.31
C ARG A 35 -38.38 -0.45 -14.29
N GLN A 36 -38.94 -1.57 -14.73
CA GLN A 36 -40.07 -1.60 -15.64
C GLN A 36 -39.85 -0.65 -16.81
N GLU A 37 -38.81 -0.92 -17.57
CA GLU A 37 -38.42 -0.02 -18.65
C GLU A 37 -37.59 -0.74 -19.70
N LEU A 38 -37.64 -0.22 -20.92
CA LEU A 38 -36.77 -0.68 -21.98
C LEU A 38 -35.85 0.47 -22.36
N ARG A 39 -34.55 0.20 -22.31
CA ARG A 39 -33.56 1.25 -22.52
C ARG A 39 -32.47 0.81 -23.49
N CYS A 40 -31.90 1.77 -24.20
CA CYS A 40 -30.81 1.52 -25.11
C CYS A 40 -29.73 2.56 -24.88
N GLY A 41 -28.47 2.14 -25.01
CA GLY A 41 -27.35 3.06 -24.87
C GLY A 41 -26.06 2.36 -24.53
N SER A 42 -24.99 3.14 -24.37
CA SER A 42 -23.69 2.59 -24.02
C SER A 42 -23.64 2.21 -22.54
N GLY A 43 -22.75 1.28 -22.21
CA GLY A 43 -22.58 0.84 -20.83
C GLY A 43 -21.83 -0.47 -20.71
N VAL A 44 -22.28 -1.32 -19.80
CA VAL A 44 -21.63 -2.61 -19.54
C VAL A 44 -22.67 -3.71 -19.36
N PHE A 45 -22.55 -4.78 -20.14
CA PHE A 45 -23.49 -5.89 -20.09
C PHE A 45 -22.84 -7.19 -19.62
N ILE A 46 -23.35 -7.76 -18.52
CA ILE A 46 -22.88 -9.05 -18.04
C ILE A 46 -23.85 -10.15 -18.45
N HIS A 47 -23.34 -11.18 -19.13
CA HIS A 47 -24.19 -12.26 -19.63
C HIS A 47 -24.06 -13.55 -18.81
N ASN A 48 -25.12 -14.35 -18.84
CA ASN A 48 -25.10 -15.70 -18.23
C ASN A 48 -24.76 -16.76 -19.28
N ASP A 49 -23.48 -17.16 -19.32
CA ASP A 49 -23.02 -18.13 -20.30
C ASP A 49 -22.83 -19.51 -19.66
N VAL A 50 -23.08 -19.61 -18.35
CA VAL A 50 -22.90 -20.86 -17.63
C VAL A 50 -24.14 -21.74 -17.81
N GLU A 51 -25.29 -21.10 -17.98
CA GLU A 51 -26.55 -21.80 -18.18
C GLU A 51 -26.66 -22.31 -19.60
N ALA A 52 -26.16 -21.53 -20.55
CA ALA A 52 -26.18 -21.91 -21.95
C ALA A 52 -25.36 -23.17 -22.17
N TRP A 53 -26.01 -24.20 -22.70
CA TRP A 53 -25.36 -25.48 -22.98
C TRP A 53 -24.28 -25.30 -24.04
N MET A 54 -24.60 -24.51 -25.06
CA MET A 54 -23.66 -24.24 -26.14
C MET A 54 -22.44 -23.47 -25.64
N ASP A 55 -21.28 -23.81 -26.17
CA ASP A 55 -20.04 -23.14 -25.82
C ASP A 55 -19.85 -21.93 -26.72
N ARG A 56 -20.50 -20.81 -26.37
CA ARG A 56 -20.44 -19.60 -27.19
C ARG A 56 -19.04 -19.00 -27.28
N TYR A 57 -18.14 -19.46 -26.42
CA TYR A 57 -16.75 -19.08 -26.50
C TYR A 57 -15.89 -20.32 -26.75
N LYS A 58 -14.79 -20.14 -27.46
CA LYS A 58 -13.86 -21.23 -27.71
C LYS A 58 -12.43 -20.75 -27.53
N TYR A 59 -11.59 -21.64 -27.01
CA TYR A 59 -10.18 -21.34 -26.81
C TYR A 59 -9.37 -21.78 -28.03
N TYR A 60 -8.36 -20.98 -28.38
CA TYR A 60 -7.43 -21.36 -29.43
C TYR A 60 -6.04 -20.85 -29.08
N PRO A 61 -5.04 -21.73 -29.18
CA PRO A 61 -3.65 -21.32 -29.04
C PRO A 61 -3.32 -20.26 -30.09
N GLU A 62 -2.56 -19.24 -29.72
CA GLU A 62 -2.19 -18.21 -30.66
C GLU A 62 -1.39 -18.82 -31.82
N THR A 63 -0.46 -19.71 -31.50
CA THR A 63 0.31 -20.43 -32.51
C THR A 63 0.52 -21.90 -32.13
N PRO A 64 0.10 -22.82 -33.01
CA PRO A 64 0.30 -24.26 -32.79
C PRO A 64 1.78 -24.66 -32.78
N GLN A 65 2.58 -24.10 -33.67
CA GLN A 65 3.99 -24.44 -33.76
C GLN A 65 4.77 -23.98 -32.54
N GLY A 66 4.41 -22.81 -32.03
CA GLY A 66 5.05 -22.28 -30.84
C GLY A 66 4.68 -23.12 -29.65
N LEU A 67 3.39 -23.43 -29.53
CA LEU A 67 2.89 -24.23 -28.42
C LEU A 67 3.60 -25.58 -28.37
N ALA A 68 3.83 -26.16 -29.53
CA ALA A 68 4.56 -27.41 -29.62
C ALA A 68 5.92 -27.26 -28.95
N LYS A 69 6.63 -26.20 -29.32
CA LYS A 69 7.97 -25.95 -28.80
C LYS A 69 7.92 -25.65 -27.30
N ILE A 70 6.81 -25.08 -26.83
CA ILE A 70 6.66 -24.79 -25.41
C ILE A 70 6.71 -26.06 -24.58
N ILE A 71 5.98 -27.07 -25.04
CA ILE A 71 5.82 -28.29 -24.28
C ILE A 71 7.12 -29.06 -24.19
N GLN A 72 7.84 -29.16 -25.32
CA GLN A 72 9.11 -29.88 -25.30
C GLN A 72 10.09 -29.17 -24.37
N LYS A 73 9.98 -27.84 -24.30
CA LYS A 73 10.80 -27.08 -23.36
C LYS A 73 10.30 -27.35 -21.96
N ALA A 74 8.98 -27.42 -21.81
CA ALA A 74 8.39 -27.81 -20.53
C ALA A 74 8.87 -29.21 -20.19
N HIS A 75 8.82 -30.10 -21.17
CA HIS A 75 9.31 -31.46 -20.99
C HIS A 75 10.79 -31.42 -20.60
N LYS A 76 11.57 -30.66 -21.35
CA LYS A 76 12.99 -30.46 -21.04
C LYS A 76 13.21 -30.02 -19.59
N GLU A 77 12.36 -29.11 -19.13
CA GLU A 77 12.46 -28.57 -17.77
C GLU A 77 12.08 -29.61 -16.70
N GLY A 78 11.55 -30.74 -17.14
CA GLY A 78 11.24 -31.83 -16.23
C GLY A 78 9.76 -31.87 -15.89
N VAL A 79 8.94 -31.35 -16.80
CA VAL A 79 7.50 -31.32 -16.60
C VAL A 79 6.83 -32.51 -17.27
N CYS A 80 6.23 -33.36 -16.44
CA CYS A 80 5.57 -34.57 -16.91
C CYS A 80 4.26 -34.24 -17.63
N GLY A 81 3.57 -33.21 -17.16
CA GLY A 81 2.26 -32.91 -17.71
C GLY A 81 1.61 -31.61 -17.28
N LEU A 82 0.28 -31.60 -17.28
CA LEU A 82 -0.46 -30.35 -17.06
C LEU A 82 -1.85 -30.59 -16.48
N ARG A 83 -2.33 -29.62 -15.71
CA ARG A 83 -3.71 -29.64 -15.22
C ARG A 83 -4.44 -28.41 -15.73
N SER A 84 -5.53 -28.63 -16.45
CA SER A 84 -6.34 -27.53 -16.95
C SER A 84 -7.04 -26.82 -15.80
N VAL A 85 -7.31 -25.53 -16.00
CA VAL A 85 -8.01 -24.73 -15.00
C VAL A 85 -9.50 -25.00 -15.07
N SER A 86 -10.01 -25.14 -16.28
CA SER A 86 -11.44 -25.27 -16.50
C SER A 86 -11.75 -26.25 -17.61
N ARG A 87 -13.01 -26.65 -17.66
CA ARG A 87 -13.51 -27.56 -18.69
C ARG A 87 -13.22 -27.05 -20.10
N LEU A 88 -13.32 -25.73 -20.26
CA LEU A 88 -13.10 -25.11 -21.56
C LEU A 88 -11.64 -25.16 -21.97
N GLU A 89 -10.74 -25.01 -21.01
CA GLU A 89 -9.31 -25.20 -21.26
C GLU A 89 -9.08 -26.65 -21.63
N HIS A 90 -9.63 -27.54 -20.81
CA HIS A 90 -9.59 -28.98 -21.03
C HIS A 90 -10.06 -29.34 -22.44
N GLN A 91 -11.18 -28.74 -22.85
CA GLN A 91 -11.76 -28.97 -24.17
C GLN A 91 -10.80 -28.51 -25.26
N MET A 92 -10.12 -27.39 -25.02
CA MET A 92 -9.17 -26.86 -25.98
C MET A 92 -8.07 -27.86 -26.29
N TRP A 93 -7.53 -28.47 -25.23
CA TRP A 93 -6.48 -29.45 -25.38
C TRP A 93 -6.96 -30.65 -26.18
N GLU A 94 -8.22 -31.01 -25.97
CA GLU A 94 -8.82 -32.16 -26.62
C GLU A 94 -8.74 -32.02 -28.15
N ALA A 95 -9.08 -30.84 -28.65
CA ALA A 95 -9.13 -30.61 -30.09
C ALA A 95 -7.76 -30.48 -30.74
N VAL A 96 -6.81 -29.87 -30.03
CA VAL A 96 -5.52 -29.55 -30.61
C VAL A 96 -4.53 -30.72 -30.55
N LYS A 97 -4.79 -31.70 -29.68
CA LYS A 97 -3.80 -32.73 -29.36
C LYS A 97 -3.32 -33.54 -30.58
N ASP A 98 -4.22 -33.81 -31.51
CA ASP A 98 -3.84 -34.52 -32.73
C ASP A 98 -2.83 -33.67 -33.48
N GLU A 99 -3.21 -32.41 -33.69
CA GLU A 99 -2.43 -31.47 -34.46
C GLU A 99 -1.06 -31.23 -33.83
N LEU A 100 -1.03 -31.25 -32.50
CA LEU A 100 0.22 -31.09 -31.78
C LEU A 100 1.13 -32.28 -32.03
N ASN A 101 0.60 -33.48 -31.82
CA ASN A 101 1.40 -34.70 -31.92
C ASN A 101 1.91 -34.91 -33.33
N THR A 102 1.10 -34.59 -34.32
CA THR A 102 1.51 -34.67 -35.72
C THR A 102 2.73 -33.78 -35.96
N LEU A 103 2.65 -32.55 -35.48
CA LEU A 103 3.77 -31.61 -35.59
C LEU A 103 4.95 -32.19 -34.84
N LEU A 104 4.70 -32.62 -33.60
CA LEU A 104 5.75 -33.16 -32.75
C LEU A 104 6.52 -34.27 -33.43
N LYS A 105 5.83 -35.05 -34.25
CA LYS A 105 6.46 -36.17 -34.93
C LYS A 105 7.08 -35.73 -36.25
N GLU A 106 6.36 -34.90 -36.99
CA GLU A 106 6.91 -34.37 -38.24
C GLU A 106 8.12 -33.48 -37.93
N ASN A 107 8.10 -32.84 -36.76
CA ASN A 107 9.26 -32.13 -36.28
C ASN A 107 10.32 -33.12 -35.82
N GLY A 108 9.86 -34.28 -35.39
CA GLY A 108 10.76 -35.32 -34.92
C GLY A 108 10.92 -35.34 -33.42
N VAL A 109 10.07 -34.58 -32.72
CA VAL A 109 10.10 -34.56 -31.27
C VAL A 109 9.57 -35.90 -30.75
N ASP A 110 10.25 -36.44 -29.76
CA ASP A 110 9.91 -37.74 -29.18
C ASP A 110 8.62 -37.69 -28.38
N LEU A 111 8.39 -36.56 -27.73
CA LEU A 111 7.24 -36.39 -26.87
C LEU A 111 5.92 -36.41 -27.64
N SER A 112 4.88 -36.93 -27.00
CA SER A 112 3.54 -36.87 -27.55
C SER A 112 2.57 -36.53 -26.43
N VAL A 113 1.55 -35.74 -26.75
CA VAL A 113 0.65 -35.25 -25.73
C VAL A 113 -0.51 -36.21 -25.52
N VAL A 114 -0.75 -36.56 -24.27
CA VAL A 114 -1.88 -37.39 -23.89
C VAL A 114 -2.89 -36.55 -23.11
N VAL A 115 -4.10 -36.42 -23.63
CA VAL A 115 -5.14 -35.66 -22.93
C VAL A 115 -6.09 -36.59 -22.20
N GLU A 116 -5.98 -36.58 -20.87
CA GLU A 116 -6.74 -37.49 -20.03
C GLU A 116 -8.05 -36.85 -19.61
N LYS A 117 -9.12 -37.63 -19.60
CA LYS A 117 -10.44 -37.13 -19.24
C LYS A 117 -10.49 -36.65 -17.80
N GLN A 118 -11.11 -35.51 -17.57
CA GLN A 118 -11.22 -34.96 -16.24
C GLN A 118 -12.67 -34.96 -15.76
N GLU A 119 -12.92 -35.72 -14.70
CA GLU A 119 -14.20 -35.68 -14.02
C GLU A 119 -14.01 -35.18 -12.60
N GLY A 120 -14.83 -34.22 -12.20
CA GLY A 120 -14.69 -33.63 -10.88
C GLY A 120 -14.01 -32.28 -10.96
N MET A 121 -13.46 -31.83 -9.84
CA MET A 121 -12.83 -30.52 -9.77
C MET A 121 -11.47 -30.46 -10.44
N TYR A 122 -11.13 -29.29 -10.96
CA TYR A 122 -9.86 -29.08 -11.64
C TYR A 122 -8.84 -28.47 -10.69
N LYS A 123 -7.89 -29.29 -10.24
CA LYS A 123 -6.95 -28.83 -9.23
C LYS A 123 -5.81 -28.04 -9.84
N SER A 124 -5.07 -27.35 -8.99
CA SER A 124 -3.98 -26.48 -9.42
C SER A 124 -2.65 -27.23 -9.48
N ALA A 125 -1.62 -26.55 -9.97
CA ALA A 125 -0.29 -27.14 -10.09
C ALA A 125 0.78 -26.06 -10.10
N PRO A 126 1.85 -26.26 -9.33
CA PRO A 126 2.90 -25.27 -9.06
C PRO A 126 3.74 -24.89 -10.27
N LYS A 127 3.95 -25.83 -11.19
CA LYS A 127 4.77 -25.57 -12.35
C LYS A 127 3.98 -24.72 -13.34
N ARG A 128 4.70 -23.97 -14.17
CA ARG A 128 4.09 -23.09 -15.14
C ARG A 128 4.84 -23.21 -16.46
N LEU A 129 4.13 -23.16 -17.58
CA LEU A 129 4.78 -23.20 -18.89
C LEU A 129 5.52 -21.88 -19.13
N THR A 130 6.70 -21.96 -19.72
CA THR A 130 7.49 -20.75 -19.96
C THR A 130 7.30 -20.26 -21.39
N ALA A 131 7.23 -18.94 -21.55
CA ALA A 131 7.09 -18.36 -22.88
C ALA A 131 8.45 -18.31 -23.55
N THR A 132 8.49 -18.62 -24.84
CA THR A 132 9.74 -18.63 -25.60
C THR A 132 9.42 -18.47 -27.08
N THR A 133 10.46 -18.27 -27.89
CA THR A 133 10.37 -17.97 -29.33
C THR A 133 9.62 -16.66 -29.59
N GLU A 134 10.01 -15.97 -30.66
CA GLU A 134 9.58 -14.59 -30.94
C GLU A 134 9.85 -14.23 -32.40
N ALA A 150 -5.24 -40.54 -36.80
CA ALA A 150 -4.10 -39.97 -37.52
C ALA A 150 -2.76 -40.13 -36.77
N PRO A 151 -2.66 -39.59 -35.54
CA PRO A 151 -1.31 -39.63 -34.95
C PRO A 151 -0.94 -41.03 -34.48
N GLU A 152 0.35 -41.31 -34.47
CA GLU A 152 0.82 -42.60 -33.99
C GLU A 152 0.95 -42.57 -32.48
N LEU A 153 1.38 -43.68 -31.90
CA LEU A 153 1.78 -43.69 -30.51
C LEU A 153 3.14 -43.02 -30.45
N ALA A 154 3.73 -42.89 -29.27
CA ALA A 154 5.07 -42.30 -29.17
C ALA A 154 5.74 -42.70 -27.88
N ASN A 155 7.01 -42.32 -27.77
CA ASN A 155 7.85 -42.78 -26.68
C ASN A 155 7.63 -42.05 -25.36
N ASN A 156 7.59 -40.73 -25.40
CA ASN A 156 7.40 -39.94 -24.18
C ASN A 156 6.09 -39.17 -24.19
N THR A 157 5.43 -39.08 -23.04
CA THR A 157 4.11 -38.46 -22.96
C THR A 157 4.07 -37.17 -22.16
N PHE A 158 3.24 -36.25 -22.61
CA PHE A 158 2.87 -35.08 -21.81
C PHE A 158 1.40 -35.24 -21.42
N VAL A 159 1.16 -35.44 -20.13
CA VAL A 159 -0.17 -35.80 -19.67
C VAL A 159 -1.00 -34.59 -19.27
N VAL A 160 -2.17 -34.48 -19.89
CA VAL A 160 -3.05 -33.39 -19.56
C VAL A 160 -4.20 -33.91 -18.72
N ASP A 161 -4.33 -33.37 -17.51
CA ASP A 161 -5.43 -33.70 -16.60
C ASP A 161 -5.49 -35.18 -16.27
N GLY A 162 -6.69 -35.67 -16.01
CA GLY A 162 -6.90 -37.03 -15.57
C GLY A 162 -6.73 -37.15 -14.08
N PRO A 163 -6.73 -38.39 -13.57
CA PRO A 163 -6.58 -38.60 -12.13
C PRO A 163 -5.16 -38.40 -11.64
N GLU A 164 -4.98 -38.36 -10.33
CA GLU A 164 -3.65 -38.25 -9.74
C GLU A 164 -2.85 -39.51 -10.04
N THR A 165 -1.64 -39.35 -10.58
CA THR A 165 -0.80 -40.51 -10.88
C THR A 165 0.57 -40.31 -10.25
N LYS A 166 1.27 -41.41 -9.99
CA LYS A 166 2.64 -41.31 -9.53
C LYS A 166 3.54 -41.15 -10.75
N GLU A 167 2.99 -41.49 -11.91
CA GLU A 167 3.69 -41.33 -13.17
C GLU A 167 3.87 -39.87 -13.48
N CYS A 168 2.79 -39.12 -13.32
CA CYS A 168 2.84 -37.69 -13.56
C CYS A 168 2.14 -37.00 -12.40
N PRO A 169 2.85 -36.89 -11.27
CA PRO A 169 2.30 -36.22 -10.09
C PRO A 169 2.07 -34.75 -10.39
N THR A 170 1.11 -34.13 -9.70
CA THR A 170 0.75 -32.75 -10.00
C THR A 170 1.90 -31.80 -9.69
N GLN A 171 2.73 -32.15 -8.71
CA GLN A 171 3.91 -31.36 -8.37
C GLN A 171 4.84 -31.12 -9.58
N ASN A 172 4.73 -31.97 -10.59
CA ASN A 172 5.46 -31.77 -11.84
C ASN A 172 4.54 -31.44 -13.02
N ARG A 173 3.36 -30.90 -12.72
CA ARG A 173 2.43 -30.52 -13.78
C ARG A 173 2.26 -29.00 -13.85
N ALA A 174 1.85 -28.54 -15.03
CA ALA A 174 1.60 -27.12 -15.27
C ALA A 174 0.12 -26.82 -15.11
N TRP A 175 -0.20 -25.55 -14.87
CA TRP A 175 -1.56 -25.11 -14.62
C TRP A 175 -1.63 -23.59 -14.64
N ASN A 176 -2.68 -23.04 -15.27
CA ASN A 176 -2.92 -21.59 -15.31
C ASN A 176 -1.79 -20.86 -16.03
N SER A 177 -1.18 -21.52 -17.00
CA SER A 177 -0.04 -20.95 -17.70
C SER A 177 -0.44 -20.09 -18.89
N LEU A 178 -1.73 -20.07 -19.20
CA LEU A 178 -2.21 -19.31 -20.35
C LEU A 178 -3.25 -18.26 -19.96
N GLU A 179 -3.40 -17.26 -20.82
CA GLU A 179 -4.37 -16.19 -20.63
C GLU A 179 -4.81 -15.65 -22.00
N VAL A 180 -6.02 -15.07 -22.05
CA VAL A 180 -6.55 -14.54 -23.30
C VAL A 180 -5.85 -13.25 -23.70
N GLU A 181 -5.22 -13.26 -24.86
CA GLU A 181 -4.60 -12.06 -25.42
C GLU A 181 -5.67 -11.17 -26.02
N ASP A 182 -6.54 -11.78 -26.82
CA ASP A 182 -7.63 -11.03 -27.45
C ASP A 182 -8.71 -11.97 -27.97
N PHE A 183 -9.78 -11.38 -28.48
CA PHE A 183 -10.89 -12.16 -29.00
C PHE A 183 -10.94 -12.10 -30.52
N GLY A 184 -11.60 -13.09 -31.12
CA GLY A 184 -11.81 -13.11 -32.55
C GLY A 184 -13.28 -13.31 -32.83
N PHE A 185 -13.81 -12.60 -33.83
CA PHE A 185 -15.20 -12.78 -34.19
C PHE A 185 -15.49 -14.18 -34.69
N GLY A 186 -16.50 -14.81 -34.09
CA GLY A 186 -16.99 -16.07 -34.59
C GLY A 186 -18.48 -15.99 -34.86
N LEU A 187 -18.91 -16.57 -35.98
CA LEU A 187 -20.32 -16.58 -36.35
C LEU A 187 -21.12 -17.40 -35.34
N THR A 188 -20.62 -18.59 -35.04
CA THR A 188 -21.27 -19.51 -34.12
C THR A 188 -20.71 -19.40 -32.70
N SER A 189 -19.43 -19.07 -32.58
CA SER A 189 -18.78 -19.07 -31.28
C SER A 189 -17.61 -18.12 -31.24
N THR A 190 -17.58 -17.26 -30.22
CA THR A 190 -16.51 -16.27 -30.09
C THR A 190 -15.19 -16.95 -29.83
N ARG A 191 -14.17 -16.55 -30.58
CA ARG A 191 -12.85 -17.14 -30.47
C ARG A 191 -12.01 -16.37 -29.44
N MET A 192 -11.35 -17.10 -28.56
CA MET A 192 -10.51 -16.48 -27.56
C MET A 192 -9.08 -16.98 -27.68
N PHE A 193 -8.20 -16.10 -28.11
CA PHE A 193 -6.81 -16.48 -28.35
C PHE A 193 -6.01 -16.43 -27.06
N LEU A 194 -5.42 -17.57 -26.69
CA LEU A 194 -4.63 -17.68 -25.47
C LEU A 194 -3.17 -17.32 -25.71
N LYS A 195 -2.47 -17.00 -24.63
CA LYS A 195 -1.03 -16.74 -24.69
C LYS A 195 -0.38 -17.09 -23.37
N VAL A 196 0.94 -17.28 -23.41
CA VAL A 196 1.68 -17.69 -22.22
C VAL A 196 1.82 -16.52 -21.23
N ARG A 197 1.45 -16.77 -19.99
CA ARG A 197 1.59 -15.78 -18.93
C ARG A 197 3.05 -15.56 -18.59
N GLU A 198 3.45 -14.29 -18.50
CA GLU A 198 4.81 -13.97 -18.08
C GLU A 198 4.93 -13.97 -16.56
N SER A 199 3.92 -13.42 -15.89
CA SER A 199 3.90 -13.44 -14.43
C SER A 199 3.36 -14.76 -13.89
N ASN A 200 3.67 -15.04 -12.62
CA ASN A 200 3.19 -16.24 -11.96
C ASN A 200 2.08 -15.87 -10.97
N THR A 201 0.86 -16.31 -11.25
CA THR A 201 -0.28 -16.01 -10.39
C THR A 201 -1.15 -17.23 -10.16
N THR A 202 -2.06 -17.10 -9.20
CA THR A 202 -3.08 -18.12 -8.95
C THR A 202 -4.42 -17.55 -9.38
N GLU A 203 -4.38 -16.31 -9.85
CA GLU A 203 -5.58 -15.57 -10.21
C GLU A 203 -6.24 -16.06 -11.49
N CYS A 204 -7.57 -16.16 -11.46
CA CYS A 204 -8.33 -16.49 -12.65
C CYS A 204 -8.15 -15.40 -13.69
N ASP A 205 -8.33 -15.75 -14.97
CA ASP A 205 -8.19 -14.77 -16.04
C ASP A 205 -9.25 -13.69 -15.93
N SER A 206 -8.82 -12.43 -15.80
CA SER A 206 -9.74 -11.33 -15.57
C SER A 206 -10.65 -11.07 -16.77
N LYS A 207 -10.06 -11.16 -17.96
CA LYS A 207 -10.74 -10.87 -19.22
C LYS A 207 -12.14 -11.48 -19.34
N ILE A 208 -12.28 -12.77 -19.02
CA ILE A 208 -13.56 -13.46 -19.19
C ILE A 208 -14.51 -13.26 -18.02
N ILE A 209 -14.05 -12.53 -17.00
CA ILE A 209 -14.87 -12.29 -15.81
C ILE A 209 -15.85 -11.13 -16.03
N GLY A 210 -17.09 -11.34 -15.60
CA GLY A 210 -18.06 -10.26 -15.60
C GLY A 210 -18.68 -10.15 -14.23
N THR A 211 -18.59 -8.95 -13.66
CA THR A 211 -19.08 -8.70 -12.31
C THR A 211 -19.89 -7.40 -12.31
N ALA A 212 -21.05 -7.42 -11.65
CA ALA A 212 -21.97 -6.28 -11.70
C ALA A 212 -23.04 -6.31 -10.59
N VAL A 213 -23.60 -5.16 -10.28
CA VAL A 213 -24.75 -5.08 -9.37
C VAL A 213 -25.70 -3.97 -9.82
N LYS A 214 -26.97 -4.32 -9.98
CA LYS A 214 -28.02 -3.39 -10.40
C LYS A 214 -29.39 -3.93 -10.02
N ASN A 215 -30.29 -3.04 -9.63
CA ASN A 215 -31.64 -3.41 -9.21
C ASN A 215 -31.64 -4.47 -8.11
N ASN A 216 -30.67 -4.36 -7.22
CA ASN A 216 -30.55 -5.23 -6.06
C ASN A 216 -30.30 -6.69 -6.45
N LEU A 217 -29.54 -6.86 -7.54
CA LEU A 217 -29.01 -8.17 -7.93
C LEU A 217 -27.48 -8.09 -8.07
N ALA A 218 -26.75 -8.90 -7.33
CA ALA A 218 -25.30 -8.86 -7.37
C ALA A 218 -24.71 -10.13 -7.94
N ILE A 219 -23.83 -9.98 -8.92
CA ILE A 219 -23.31 -11.12 -9.68
C ILE A 219 -21.78 -11.13 -9.80
N HIS A 220 -21.18 -12.27 -9.47
CA HIS A 220 -19.80 -12.55 -9.83
C HIS A 220 -19.81 -13.68 -10.83
N SER A 221 -19.24 -13.47 -12.01
CA SER A 221 -19.32 -14.49 -13.04
C SER A 221 -18.09 -14.56 -13.93
N ASP A 222 -17.87 -15.76 -14.47
CA ASP A 222 -16.94 -15.97 -15.57
C ASP A 222 -17.60 -16.98 -16.46
N LEU A 223 -16.82 -17.64 -17.31
CA LEU A 223 -17.36 -18.61 -18.25
C LEU A 223 -17.86 -19.91 -17.60
N SER A 224 -17.36 -20.18 -16.39
CA SER A 224 -17.68 -21.42 -15.70
C SER A 224 -18.43 -21.19 -14.39
N TYR A 225 -18.35 -19.98 -13.85
CA TYR A 225 -18.94 -19.69 -12.55
C TYR A 225 -20.06 -18.66 -12.69
N TRP A 226 -21.21 -18.94 -12.07
CA TRP A 226 -22.25 -17.91 -11.93
C TRP A 226 -22.73 -17.85 -10.48
N ILE A 227 -22.32 -16.80 -9.78
CA ILE A 227 -22.66 -16.67 -8.37
C ILE A 227 -23.64 -15.50 -8.20
N GLU A 228 -24.83 -15.82 -7.69
CA GLU A 228 -25.93 -14.88 -7.63
C GLU A 228 -26.36 -14.58 -6.20
N SER A 229 -26.29 -13.33 -5.80
CA SER A 229 -26.73 -12.92 -4.47
C SER A 229 -27.80 -11.84 -4.62
N ARG A 230 -28.81 -11.89 -3.76
CA ARG A 230 -29.93 -10.97 -3.87
C ARG A 230 -30.17 -10.21 -2.57
N LEU A 231 -30.86 -9.09 -2.70
CA LEU A 231 -31.28 -8.28 -1.56
C LEU A 231 -32.75 -8.58 -1.22
N ASN A 232 -32.98 -9.43 -0.23
CA ASN A 232 -34.34 -9.61 0.28
C ASN A 232 -34.52 -8.65 1.44
N ASP A 233 -34.58 -9.19 2.65
CA ASP A 233 -34.47 -8.35 3.83
C ASP A 233 -33.05 -7.80 3.88
N THR A 234 -32.09 -8.68 3.60
CA THR A 234 -30.69 -8.29 3.57
C THR A 234 -30.04 -8.74 2.29
N TRP A 235 -28.74 -8.49 2.18
CA TRP A 235 -27.93 -9.04 1.11
C TRP A 235 -27.30 -10.35 1.58
N LYS A 236 -27.44 -11.39 0.76
CA LYS A 236 -26.83 -12.68 1.05
C LYS A 236 -26.85 -13.52 -0.21
N LEU A 237 -26.06 -14.59 -0.21
CA LEU A 237 -25.98 -15.54 -1.32
C LEU A 237 -27.30 -16.28 -1.52
N GLU A 238 -27.67 -16.47 -2.79
CA GLU A 238 -28.91 -17.12 -3.13
C GLU A 238 -28.75 -18.28 -4.10
N ARG A 239 -27.85 -18.12 -5.06
CA ARG A 239 -27.72 -19.08 -6.16
C ARG A 239 -26.29 -19.19 -6.65
N ALA A 240 -25.81 -20.41 -6.88
CA ALA A 240 -24.48 -20.59 -7.46
C ALA A 240 -24.48 -21.76 -8.46
N VAL A 241 -23.92 -21.52 -9.63
CA VAL A 241 -23.84 -22.56 -10.67
C VAL A 241 -22.42 -22.69 -11.18
N LEU A 242 -21.86 -23.88 -11.03
CA LEU A 242 -20.49 -24.14 -11.44
C LEU A 242 -20.46 -25.26 -12.47
N GLY A 243 -20.10 -24.92 -13.70
CA GLY A 243 -19.94 -25.91 -14.75
C GLY A 243 -18.95 -26.95 -14.27
N GLU A 244 -17.85 -26.46 -13.70
CA GLU A 244 -16.92 -27.30 -12.98
C GLU A 244 -16.41 -26.52 -11.79
N VAL A 245 -15.65 -27.18 -10.91
CA VAL A 245 -15.01 -26.51 -9.79
C VAL A 245 -13.51 -26.36 -10.09
N LYS A 246 -12.97 -25.16 -9.91
CA LYS A 246 -11.56 -24.91 -10.25
C LYS A 246 -10.78 -24.27 -9.09
N SER A 247 -9.46 -24.44 -9.08
CA SER A 247 -8.64 -23.98 -7.96
C SER A 247 -7.81 -22.73 -8.25
N CYS A 248 -8.25 -21.88 -9.19
CA CYS A 248 -7.62 -20.55 -9.36
C CYS A 248 -8.18 -19.60 -8.31
N THR A 249 -7.59 -18.42 -8.17
CA THR A 249 -8.09 -17.47 -7.17
C THR A 249 -8.83 -16.30 -7.83
N TRP A 250 -9.86 -15.81 -7.14
CA TRP A 250 -10.71 -14.74 -7.67
C TRP A 250 -10.12 -13.36 -7.34
N PRO A 251 -9.94 -12.51 -8.36
CA PRO A 251 -9.29 -11.20 -8.27
C PRO A 251 -10.03 -10.21 -7.37
N GLU A 252 -9.30 -9.49 -6.52
CA GLU A 252 -9.89 -8.46 -5.69
C GLU A 252 -10.44 -7.32 -6.52
N THR A 253 -9.81 -7.11 -7.68
CA THR A 253 -10.17 -6.03 -8.58
C THR A 253 -11.60 -6.20 -9.07
N HIS A 254 -12.03 -7.45 -9.18
CA HIS A 254 -13.36 -7.75 -9.68
C HIS A 254 -14.28 -8.24 -8.57
N THR A 255 -14.08 -7.71 -7.36
CA THR A 255 -14.80 -8.22 -6.19
C THR A 255 -15.55 -7.10 -5.46
N LEU A 256 -16.87 -7.22 -5.45
CA LEU A 256 -17.71 -6.29 -4.69
C LEU A 256 -17.59 -6.59 -3.21
N TRP A 257 -17.76 -5.56 -2.39
CA TRP A 257 -17.91 -5.73 -0.95
C TRP A 257 -16.71 -6.46 -0.35
N GLY A 258 -15.54 -6.18 -0.89
CA GLY A 258 -14.32 -6.85 -0.47
C GLY A 258 -13.73 -6.40 0.86
N ASP A 259 -14.42 -5.48 1.52
CA ASP A 259 -13.93 -4.94 2.79
C ASP A 259 -14.38 -5.78 3.97
N GLY A 260 -13.57 -5.77 5.03
CA GLY A 260 -13.95 -6.36 6.31
C GLY A 260 -14.21 -7.84 6.19
N ILE A 261 -13.35 -8.53 5.43
CA ILE A 261 -13.58 -9.94 5.12
C ILE A 261 -13.16 -10.91 6.21
N LEU A 262 -14.10 -11.78 6.57
CA LEU A 262 -13.81 -12.98 7.33
C LEU A 262 -13.79 -14.16 6.37
N GLU A 263 -12.62 -14.76 6.19
CA GLU A 263 -12.51 -15.89 5.27
C GLU A 263 -13.35 -17.07 5.76
N SER A 264 -13.53 -17.14 7.07
CA SER A 264 -14.30 -18.22 7.67
C SER A 264 -15.76 -18.20 7.21
N ASP A 265 -16.27 -17.02 6.90
CA ASP A 265 -17.68 -16.88 6.57
C ASP A 265 -17.94 -17.09 5.08
N LEU A 266 -16.87 -17.13 4.29
CA LEU A 266 -16.99 -17.31 2.85
C LEU A 266 -17.49 -18.71 2.49
N ILE A 267 -18.70 -18.77 1.96
CA ILE A 267 -19.33 -20.03 1.62
C ILE A 267 -18.46 -20.83 0.67
N ILE A 268 -18.34 -20.33 -0.55
CA ILE A 268 -17.39 -20.91 -1.50
C ILE A 268 -15.99 -20.54 -1.07
N PRO A 269 -15.16 -21.55 -0.76
CA PRO A 269 -13.79 -21.32 -0.30
C PRO A 269 -12.94 -20.53 -1.31
N VAL A 270 -11.98 -19.79 -0.78
CA VAL A 270 -11.07 -18.97 -1.58
C VAL A 270 -10.26 -19.83 -2.55
N THR A 271 -9.85 -20.99 -2.06
CA THR A 271 -8.99 -21.91 -2.78
C THR A 271 -9.71 -22.59 -3.93
N LEU A 272 -11.03 -22.46 -3.95
CA LEU A 272 -11.84 -23.01 -5.02
C LEU A 272 -12.46 -21.86 -5.80
N ALA A 273 -11.66 -20.81 -6.00
CA ALA A 273 -12.03 -19.63 -6.78
C ALA A 273 -13.23 -18.88 -6.21
N GLY A 274 -13.40 -18.94 -4.89
CA GLY A 274 -14.39 -18.12 -4.23
C GLY A 274 -13.95 -16.67 -4.11
N PRO A 275 -14.81 -15.72 -4.49
CA PRO A 275 -14.55 -14.29 -4.42
C PRO A 275 -14.55 -13.76 -2.98
N ARG A 276 -13.58 -12.94 -2.61
CA ARG A 276 -13.52 -12.37 -1.26
C ARG A 276 -14.55 -11.26 -1.06
N SER A 277 -15.82 -11.67 -1.06
CA SER A 277 -16.92 -10.72 -0.94
C SER A 277 -17.78 -11.02 0.27
N ASN A 278 -18.36 -9.99 0.85
CA ASN A 278 -19.33 -10.21 1.93
C ASN A 278 -20.68 -10.57 1.31
N HIS A 279 -20.69 -10.65 -0.03
CA HIS A 279 -21.80 -11.22 -0.77
C HIS A 279 -21.72 -12.75 -0.72
N ASN A 280 -20.51 -13.26 -0.56
CA ASN A 280 -20.27 -14.69 -0.53
C ASN A 280 -20.54 -15.26 0.85
N ARG A 281 -21.71 -14.98 1.39
CA ARG A 281 -22.04 -15.40 2.74
C ARG A 281 -23.53 -15.70 2.90
N ARG A 282 -23.85 -16.49 3.91
CA ARG A 282 -25.24 -16.69 4.33
C ARG A 282 -25.28 -16.87 5.83
N PRO A 283 -26.25 -16.20 6.48
CA PRO A 283 -26.44 -16.29 7.94
C PRO A 283 -26.58 -17.72 8.42
N GLY A 284 -25.76 -18.11 9.38
CA GLY A 284 -25.82 -19.45 9.93
C GLY A 284 -24.97 -20.48 9.20
N TYR A 285 -24.13 -20.01 8.29
CA TYR A 285 -23.25 -20.91 7.53
C TYR A 285 -21.82 -20.36 7.52
N LYS A 286 -20.86 -21.26 7.32
CA LYS A 286 -19.44 -20.90 7.29
C LYS A 286 -18.81 -21.32 5.97
N THR A 287 -17.48 -21.44 5.96
CA THR A 287 -16.80 -21.96 4.79
C THR A 287 -17.19 -23.40 4.55
N GLN A 288 -17.61 -23.71 3.33
CA GLN A 288 -17.97 -25.07 2.95
C GLN A 288 -16.78 -25.77 2.34
N ASN A 289 -15.78 -26.03 3.17
CA ASN A 289 -14.57 -26.69 2.74
C ASN A 289 -14.81 -28.14 2.36
N GLN A 290 -15.87 -28.71 2.92
CA GLN A 290 -16.20 -30.10 2.69
C GLN A 290 -17.49 -30.28 1.90
N GLY A 291 -17.69 -29.43 0.90
CA GLY A 291 -18.79 -29.61 -0.02
C GLY A 291 -18.42 -30.61 -1.09
N PRO A 292 -19.42 -31.08 -1.85
CA PRO A 292 -19.19 -32.00 -2.98
C PRO A 292 -18.53 -31.30 -4.18
N TRP A 293 -17.26 -30.96 -4.04
CA TRP A 293 -16.56 -30.20 -5.07
C TRP A 293 -16.02 -31.05 -6.20
N ASP A 294 -15.80 -32.33 -5.91
CA ASP A 294 -15.17 -33.25 -6.85
C ASP A 294 -16.22 -33.97 -7.69
N GLU A 295 -17.43 -33.44 -7.67
CA GLU A 295 -18.51 -34.01 -8.44
C GLU A 295 -18.55 -33.44 -9.84
N GLY A 296 -17.79 -32.37 -10.07
CA GLY A 296 -17.83 -31.70 -11.35
C GLY A 296 -18.77 -30.51 -11.26
N ARG A 297 -19.91 -30.61 -11.92
CA ARG A 297 -20.92 -29.55 -11.86
C ARG A 297 -21.59 -29.47 -10.46
N VAL A 298 -21.58 -28.28 -9.89
CA VAL A 298 -22.16 -28.05 -8.58
C VAL A 298 -23.14 -26.90 -8.63
N GLU A 299 -24.38 -27.16 -8.22
CA GLU A 299 -25.40 -26.12 -8.22
C GLU A 299 -25.81 -25.86 -6.78
N ILE A 300 -25.53 -24.66 -6.30
CA ILE A 300 -25.80 -24.31 -4.92
C ILE A 300 -27.00 -23.39 -4.80
N ASP A 301 -27.85 -23.67 -3.83
CA ASP A 301 -29.01 -22.83 -3.55
C ASP A 301 -29.56 -23.15 -2.16
N PHE A 302 -30.59 -22.43 -1.75
CA PHE A 302 -31.12 -22.62 -0.41
C PHE A 302 -32.57 -23.07 -0.47
N ASP A 303 -32.74 -24.35 -0.22
CA ASP A 303 -34.01 -25.02 -0.43
C ASP A 303 -33.87 -26.38 0.19
N TYR A 304 -34.89 -27.23 0.05
CA TYR A 304 -34.82 -28.58 0.59
C TYR A 304 -34.51 -29.61 -0.49
N CYS A 305 -33.63 -30.53 -0.16
CA CYS A 305 -33.33 -31.66 -1.03
C CYS A 305 -34.59 -32.50 -1.12
N PRO A 306 -35.01 -32.84 -2.34
CA PRO A 306 -36.28 -33.52 -2.62
C PRO A 306 -36.58 -34.66 -1.64
N GLY A 307 -37.70 -34.56 -0.93
CA GLY A 307 -38.11 -35.60 -0.01
C GLY A 307 -37.38 -35.58 1.33
N THR A 308 -36.71 -34.47 1.64
CA THR A 308 -35.98 -34.39 2.90
C THR A 308 -36.48 -33.25 3.78
N THR A 309 -36.18 -33.34 5.07
CA THR A 309 -36.57 -32.31 6.03
C THR A 309 -35.36 -31.90 6.85
N VAL A 310 -35.18 -30.60 7.00
CA VAL A 310 -34.12 -30.09 7.87
C VAL A 310 -34.79 -29.32 9.00
N THR A 311 -34.33 -29.52 10.22
CA THR A 311 -34.96 -28.86 11.36
C THR A 311 -33.89 -28.44 12.36
N LEU A 312 -34.15 -27.34 13.06
CA LEU A 312 -33.23 -26.86 14.07
C LEU A 312 -33.36 -27.73 15.31
N SER A 313 -32.22 -28.13 15.86
CA SER A 313 -32.21 -28.89 17.09
C SER A 313 -30.85 -28.77 17.74
N GLU A 314 -30.85 -28.63 19.06
CA GLU A 314 -29.61 -28.59 19.82
C GLU A 314 -29.08 -30.01 20.00
N SER A 315 -29.98 -30.98 19.88
CA SER A 315 -29.60 -32.39 19.96
C SER A 315 -28.89 -32.84 18.68
N CYS A 316 -28.99 -32.05 17.62
CA CYS A 316 -28.30 -32.37 16.37
C CYS A 316 -26.79 -32.28 16.54
N GLY A 317 -26.05 -32.74 15.54
CA GLY A 317 -24.61 -32.78 15.63
C GLY A 317 -23.96 -31.60 14.95
N HIS A 318 -22.67 -31.40 15.20
CA HIS A 318 -21.93 -30.26 14.64
C HIS A 318 -21.59 -30.48 13.17
N ARG A 319 -21.09 -29.44 12.53
CA ARG A 319 -20.81 -29.48 11.09
C ARG A 319 -19.78 -30.54 10.74
N GLY A 320 -19.97 -31.16 9.57
CA GLY A 320 -19.07 -32.17 9.05
C GLY A 320 -19.24 -32.21 7.54
N PRO A 321 -18.57 -33.16 6.88
CA PRO A 321 -18.58 -33.28 5.41
C PRO A 321 -19.99 -33.28 4.82
N ALA A 322 -20.18 -32.53 3.74
CA ALA A 322 -21.46 -32.49 3.04
C ALA A 322 -21.93 -33.90 2.70
N THR A 323 -23.16 -34.20 3.09
CA THR A 323 -23.67 -35.55 2.94
C THR A 323 -24.73 -35.55 1.85
N ARG A 324 -24.86 -36.66 1.13
CA ARG A 324 -25.87 -36.74 0.10
C ARG A 324 -27.13 -37.33 0.70
N THR A 325 -28.28 -36.98 0.14
CA THR A 325 -29.54 -37.48 0.65
C THR A 325 -29.72 -38.93 0.27
N THR A 326 -29.35 -39.28 -0.95
CA THR A 326 -29.36 -40.68 -1.37
C THR A 326 -28.02 -41.32 -1.02
N THR A 327 -28.09 -42.52 -0.45
CA THR A 327 -26.88 -43.28 -0.13
C THR A 327 -26.44 -44.07 -1.35
N GLU A 328 -25.33 -44.78 -1.22
CA GLU A 328 -24.77 -45.55 -2.33
C GLU A 328 -25.77 -46.57 -2.88
N SER A 329 -26.58 -47.13 -1.98
CA SER A 329 -27.66 -48.00 -2.41
C SER A 329 -28.72 -47.18 -3.16
N GLY A 330 -28.95 -45.95 -2.72
CA GLY A 330 -30.00 -45.13 -3.30
C GLY A 330 -31.10 -44.79 -2.31
N LYS A 331 -31.02 -45.34 -1.10
CA LYS A 331 -32.03 -45.10 -0.06
C LYS A 331 -32.18 -43.62 0.26
N LEU A 332 -33.43 -43.20 0.41
CA LEU A 332 -33.70 -41.80 0.74
C LEU A 332 -33.64 -41.58 2.25
N ILE A 333 -33.10 -40.44 2.63
CA ILE A 333 -32.99 -40.06 4.03
C ILE A 333 -33.90 -38.87 4.31
N THR A 334 -34.96 -39.10 5.07
CA THR A 334 -35.98 -38.08 5.27
C THR A 334 -35.56 -37.03 6.28
N ASP A 335 -35.03 -37.46 7.42
CA ASP A 335 -34.84 -36.54 8.53
C ASP A 335 -33.41 -36.06 8.72
N TRP A 336 -33.20 -34.76 8.50
CA TRP A 336 -31.93 -34.12 8.76
C TRP A 336 -32.11 -33.08 9.85
N CYS A 337 -31.01 -32.61 10.41
CA CYS A 337 -31.08 -31.53 11.37
C CYS A 337 -29.89 -30.59 11.24
N CYS A 338 -29.97 -29.48 11.95
CA CYS A 338 -28.86 -28.55 12.08
C CYS A 338 -29.03 -27.76 13.38
N ARG A 339 -27.94 -27.20 13.87
CA ARG A 339 -27.94 -26.45 15.11
C ARG A 339 -28.25 -24.97 14.89
N SER A 340 -27.35 -24.28 14.18
CA SER A 340 -27.46 -22.83 14.03
C SER A 340 -27.52 -22.34 12.58
N CYS A 341 -27.86 -23.20 11.63
CA CYS A 341 -28.02 -22.77 10.24
C CYS A 341 -29.36 -22.02 10.05
N THR A 342 -29.50 -21.36 8.91
CA THR A 342 -30.78 -20.71 8.60
C THR A 342 -31.57 -21.53 7.61
N LEU A 343 -32.80 -21.13 7.36
CA LEU A 343 -33.66 -21.84 6.42
C LEU A 343 -34.29 -20.85 5.46
N PRO A 344 -34.52 -21.26 4.20
CA PRO A 344 -34.26 -22.58 3.60
C PRO A 344 -32.78 -22.99 3.61
N PRO A 345 -32.53 -24.30 3.74
CA PRO A 345 -31.19 -24.83 4.00
C PRO A 345 -30.27 -24.88 2.78
N LEU A 346 -28.96 -24.89 3.01
CA LEU A 346 -27.97 -24.92 1.94
C LEU A 346 -28.10 -26.21 1.14
N ARG A 347 -28.19 -26.07 -0.16
CA ARG A 347 -28.47 -27.23 -1.00
C ARG A 347 -27.49 -27.31 -2.16
N TYR A 348 -26.94 -28.51 -2.36
CA TYR A 348 -26.14 -28.80 -3.54
C TYR A 348 -26.93 -29.69 -4.49
N GLN A 349 -26.84 -29.44 -5.79
CA GLN A 349 -27.38 -30.37 -6.76
C GLN A 349 -26.23 -30.89 -7.62
N THR A 350 -26.24 -32.20 -7.82
CA THR A 350 -25.15 -32.89 -8.47
C THR A 350 -25.75 -34.03 -9.29
N ASP A 351 -25.06 -34.41 -10.37
CA ASP A 351 -25.47 -35.52 -11.22
C ASP A 351 -25.83 -36.76 -10.41
N SER A 352 -25.06 -37.02 -9.36
CA SER A 352 -25.29 -38.18 -8.51
C SER A 352 -26.52 -38.01 -7.62
N GLY A 353 -26.84 -36.77 -7.27
CA GLY A 353 -27.95 -36.49 -6.39
C GLY A 353 -27.81 -35.13 -5.75
N CYS A 354 -28.53 -34.91 -4.66
CA CYS A 354 -28.46 -33.61 -4.01
C CYS A 354 -27.86 -33.73 -2.61
N TRP A 355 -27.22 -32.66 -2.16
CA TRP A 355 -26.49 -32.67 -0.91
C TRP A 355 -26.90 -31.48 -0.08
N TYR A 356 -26.79 -31.60 1.23
CA TYR A 356 -27.00 -30.48 2.12
C TYR A 356 -25.65 -29.91 2.57
N GLY A 357 -25.69 -28.75 3.22
CA GLY A 357 -24.48 -28.10 3.70
C GLY A 357 -23.86 -28.80 4.89
N MET A 358 -22.63 -28.43 5.19
CA MET A 358 -21.85 -29.04 6.26
C MET A 358 -22.55 -28.99 7.63
N GLU A 359 -23.25 -27.88 7.89
CA GLU A 359 -23.95 -27.70 9.16
C GLU A 359 -25.17 -28.59 9.26
N ILE A 360 -25.61 -29.12 8.13
CA ILE A 360 -26.76 -30.00 8.11
C ILE A 360 -26.31 -31.42 8.41
N ARG A 361 -26.94 -32.03 9.41
CA ARG A 361 -26.57 -33.37 9.79
C ARG A 361 -27.82 -34.25 9.84
N PRO A 362 -27.63 -35.56 9.66
CA PRO A 362 -28.76 -36.49 9.75
C PRO A 362 -29.32 -36.58 11.17
N GLN A 363 -30.63 -36.55 11.28
CA GLN A 363 -31.29 -36.66 12.56
C GLN A 363 -31.07 -38.02 13.22
N ARG A 364 -31.11 -39.08 12.41
CA ARG A 364 -31.15 -40.45 12.92
C ARG A 364 -29.91 -41.31 12.68
N HIS A 365 -29.07 -40.94 11.71
CA HIS A 365 -28.04 -41.85 11.22
C HIS A 365 -26.74 -41.96 12.02
N ASP A 366 -26.12 -43.14 11.91
CA ASP A 366 -24.70 -43.31 12.16
C ASP A 366 -23.99 -42.73 10.94
N GLU A 367 -22.73 -42.34 11.09
CA GLU A 367 -22.09 -41.47 10.12
C GLU A 367 -21.41 -42.20 8.96
N LYS A 368 -20.84 -43.36 9.23
CA LYS A 368 -20.10 -44.11 8.20
C LYS A 368 -20.96 -44.59 7.04
N THR A 369 -22.26 -44.76 7.29
CA THR A 369 -23.15 -45.44 6.35
C THR A 369 -23.49 -44.61 5.10
N LEU A 370 -23.25 -43.30 5.14
CA LEU A 370 -23.72 -42.40 4.10
C LEU A 370 -22.59 -41.87 3.21
N VAL A 371 -22.96 -41.32 2.05
CA VAL A 371 -22.03 -40.70 1.13
C VAL A 371 -21.65 -39.30 1.59
N GLN A 372 -20.37 -39.08 1.87
CA GLN A 372 -19.90 -37.79 2.35
C GLN A 372 -18.77 -37.28 1.49
N SER A 373 -18.77 -35.96 1.25
CA SER A 373 -17.68 -35.34 0.52
C SER A 373 -16.36 -35.61 1.21
N GLN A 374 -15.35 -35.94 0.43
CA GLN A 374 -14.05 -36.22 1.00
C GLN A 374 -13.08 -35.13 0.56
N VAL A 375 -13.61 -33.95 0.30
CA VAL A 375 -12.80 -32.85 -0.18
C VAL A 375 -12.54 -31.88 0.97
N ASN A 376 -11.28 -31.52 1.14
CA ASN A 376 -10.86 -30.55 2.13
C ASN A 376 -10.01 -29.47 1.49
N ALA A 377 -10.60 -28.30 1.32
CA ALA A 377 -9.95 -27.21 0.60
C ALA A 377 -10.20 -25.88 1.29
N ALA B 25 -34.36 -10.15 -13.49
CA ALA B 25 -33.07 -9.82 -14.08
C ALA B 25 -33.22 -9.14 -15.42
N ASP B 26 -32.12 -8.61 -15.96
CA ASP B 26 -32.15 -7.91 -17.24
C ASP B 26 -31.98 -8.87 -18.43
N THR B 27 -32.79 -8.65 -19.46
CA THR B 27 -32.72 -9.43 -20.69
C THR B 27 -32.51 -8.53 -21.90
N GLY B 28 -31.53 -8.86 -22.74
CA GLY B 28 -31.24 -8.04 -23.91
C GLY B 28 -30.03 -8.46 -24.73
N CYS B 29 -29.61 -7.55 -25.62
CA CYS B 29 -28.55 -7.84 -26.58
C CYS B 29 -27.65 -6.62 -26.70
N ALA B 30 -26.36 -6.85 -26.93
CA ALA B 30 -25.41 -5.75 -27.03
C ALA B 30 -24.16 -6.13 -27.83
N ILE B 31 -23.50 -5.12 -28.39
CA ILE B 31 -22.30 -5.33 -29.19
C ILE B 31 -21.03 -5.04 -28.40
N ASP B 32 -20.29 -6.09 -28.06
CA ASP B 32 -19.05 -5.93 -27.33
C ASP B 32 -17.85 -5.95 -28.27
N ILE B 33 -17.31 -4.78 -28.54
CA ILE B 33 -16.15 -4.60 -29.41
C ILE B 33 -14.95 -5.36 -28.86
N SER B 34 -14.81 -5.28 -27.54
CA SER B 34 -13.67 -5.88 -26.85
C SER B 34 -13.58 -7.37 -27.13
N ARG B 35 -14.71 -8.05 -27.05
CA ARG B 35 -14.75 -9.47 -27.33
C ARG B 35 -15.15 -9.72 -28.78
N GLN B 36 -15.33 -8.63 -29.52
CA GLN B 36 -15.67 -8.67 -30.93
C GLN B 36 -16.80 -9.65 -31.20
N GLU B 37 -17.95 -9.39 -30.59
CA GLU B 37 -19.06 -10.32 -30.65
C GLU B 37 -20.39 -9.64 -30.38
N LEU B 38 -21.46 -10.22 -30.89
CA LEU B 38 -22.81 -9.79 -30.55
C LEU B 38 -23.53 -10.94 -29.84
N ARG B 39 -24.03 -10.65 -28.64
CA ARG B 39 -24.63 -11.66 -27.81
C ARG B 39 -25.97 -11.20 -27.26
N CYS B 40 -26.86 -12.14 -27.01
CA CYS B 40 -28.17 -11.84 -26.43
C CYS B 40 -28.46 -12.86 -25.34
N GLY B 41 -29.10 -12.39 -24.26
CA GLY B 41 -29.48 -13.26 -23.16
C GLY B 41 -29.70 -12.51 -21.86
N SER B 42 -30.01 -13.24 -20.80
CA SER B 42 -30.23 -12.64 -19.48
C SER B 42 -28.92 -12.24 -18.83
N GLY B 43 -28.99 -11.26 -17.92
CA GLY B 43 -27.82 -10.80 -17.22
C GLY B 43 -28.04 -9.45 -16.55
N VAL B 44 -27.02 -8.59 -16.60
CA VAL B 44 -27.08 -7.27 -15.96
C VAL B 44 -26.50 -6.18 -16.86
N PHE B 45 -27.28 -5.13 -17.10
CA PHE B 45 -26.84 -4.02 -17.96
C PHE B 45 -26.70 -2.72 -17.17
N ILE B 46 -25.49 -2.18 -17.16
CA ILE B 46 -25.26 -0.87 -16.55
C ILE B 46 -25.23 0.16 -17.65
N HIS B 47 -26.07 1.18 -17.54
CA HIS B 47 -26.17 2.19 -18.58
C HIS B 47 -25.47 3.47 -18.17
N ASN B 48 -25.01 4.22 -19.16
CA ASN B 48 -24.45 5.54 -18.92
C ASN B 48 -25.57 6.56 -19.08
N ASP B 49 -26.16 6.93 -17.96
CA ASP B 49 -27.28 7.86 -17.96
C ASP B 49 -26.83 9.25 -17.51
N VAL B 50 -25.55 9.37 -17.19
CA VAL B 50 -24.99 10.65 -16.76
C VAL B 50 -24.64 11.47 -18.00
N GLU B 51 -24.32 10.78 -19.09
CA GLU B 51 -23.99 11.46 -20.35
C GLU B 51 -25.24 11.94 -21.09
N ALA B 52 -26.31 11.15 -21.02
CA ALA B 52 -27.56 11.51 -21.66
C ALA B 52 -28.15 12.77 -21.01
N TRP B 53 -28.38 13.78 -21.83
CA TRP B 53 -28.96 15.03 -21.36
C TRP B 53 -30.38 14.82 -20.86
N MET B 54 -31.15 14.02 -21.57
CA MET B 54 -32.54 13.74 -21.21
C MET B 54 -32.64 13.01 -19.87
N ASP B 55 -33.65 13.39 -19.08
CA ASP B 55 -33.88 12.77 -17.80
C ASP B 55 -34.81 11.57 -17.97
N ARG B 56 -34.23 10.44 -18.34
CA ARG B 56 -34.99 9.22 -18.58
C ARG B 56 -35.65 8.68 -17.31
N TYR B 57 -35.22 9.21 -16.16
CA TYR B 57 -35.85 8.88 -14.89
C TYR B 57 -36.41 10.14 -14.27
N LYS B 58 -37.51 9.99 -13.54
CA LYS B 58 -38.12 11.10 -12.83
C LYS B 58 -38.53 10.65 -11.45
N TYR B 59 -38.43 11.56 -10.48
CA TYR B 59 -38.83 11.25 -9.12
C TYR B 59 -40.29 11.62 -8.90
N TYR B 60 -41.00 10.80 -8.15
CA TYR B 60 -42.36 11.12 -7.75
C TYR B 60 -42.60 10.63 -6.34
N PRO B 61 -43.13 11.51 -5.50
CA PRO B 61 -43.58 11.10 -4.17
C PRO B 61 -44.66 10.05 -4.31
N GLU B 62 -44.65 9.05 -3.45
CA GLU B 62 -45.67 8.00 -3.50
C GLU B 62 -47.04 8.62 -3.27
N THR B 63 -47.12 9.54 -2.31
CA THR B 63 -48.36 10.27 -2.06
C THR B 63 -48.08 11.74 -1.76
N PRO B 64 -48.68 12.64 -2.55
CA PRO B 64 -48.57 14.08 -2.31
C PRO B 64 -49.22 14.48 -0.99
N GLN B 65 -50.37 13.89 -0.68
CA GLN B 65 -51.12 14.22 0.53
C GLN B 65 -50.36 13.81 1.78
N GLY B 66 -49.71 12.65 1.73
CA GLY B 66 -48.92 12.18 2.85
C GLY B 66 -47.70 13.06 3.01
N LEU B 67 -47.06 13.37 1.90
CA LEU B 67 -45.85 14.18 1.89
C LEU B 67 -46.10 15.53 2.54
N ALA B 68 -47.25 16.11 2.27
CA ALA B 68 -47.65 17.38 2.89
C ALA B 68 -47.63 17.27 4.42
N LYS B 69 -48.27 16.22 4.93
CA LYS B 69 -48.38 16.00 6.37
C LYS B 69 -46.99 15.74 6.96
N ILE B 70 -46.11 15.15 6.16
CA ILE B 70 -44.75 14.88 6.61
C ILE B 70 -44.03 16.18 6.94
N ILE B 71 -44.18 17.16 6.06
CA ILE B 71 -43.46 18.42 6.17
C ILE B 71 -43.93 19.25 7.36
N GLN B 72 -45.25 19.34 7.54
CA GLN B 72 -45.79 20.12 8.66
C GLN B 72 -45.36 19.50 9.98
N LYS B 73 -45.22 18.17 9.99
CA LYS B 73 -44.73 17.47 11.17
C LYS B 73 -43.25 17.77 11.32
N ALA B 74 -42.54 17.79 10.19
CA ALA B 74 -41.14 18.18 10.21
C ALA B 74 -41.03 19.61 10.72
N HIS B 75 -41.89 20.49 10.20
CA HIS B 75 -41.95 21.87 10.66
C HIS B 75 -42.26 21.93 12.15
N LYS B 76 -43.29 21.20 12.55
CA LYS B 76 -43.66 21.10 13.96
C LYS B 76 -42.47 20.70 14.82
N GLU B 77 -41.71 19.72 14.35
CA GLU B 77 -40.54 19.22 15.06
C GLU B 77 -39.42 20.27 15.03
N GLY B 78 -39.60 21.31 14.21
CA GLY B 78 -38.67 22.41 14.16
C GLY B 78 -37.73 22.38 12.96
N VAL B 79 -38.16 21.75 11.87
CA VAL B 79 -37.31 21.67 10.69
C VAL B 79 -37.64 22.83 9.76
N CYS B 80 -36.67 23.73 9.61
CA CYS B 80 -36.84 24.95 8.83
C CYS B 80 -36.89 24.65 7.34
N GLY B 81 -36.13 23.65 6.92
CA GLY B 81 -36.02 23.36 5.50
C GLY B 81 -35.33 22.05 5.16
N LEU B 82 -34.72 22.00 3.98
CA LEU B 82 -34.20 20.73 3.47
C LEU B 82 -33.04 20.93 2.49
N ARG B 83 -32.17 19.92 2.41
CA ARG B 83 -31.12 19.91 1.39
C ARG B 83 -31.27 18.66 0.52
N SER B 84 -31.43 18.85 -0.78
CA SER B 84 -31.53 17.71 -1.69
C SER B 84 -30.20 16.97 -1.79
N VAL B 85 -30.29 15.67 -2.07
CA VAL B 85 -29.11 14.82 -2.23
C VAL B 85 -28.54 15.02 -3.63
N SER B 86 -29.43 15.18 -4.60
CA SER B 86 -29.03 15.25 -6.00
C SER B 86 -29.88 16.26 -6.76
N ARG B 87 -29.40 16.63 -7.94
CA ARG B 87 -30.12 17.53 -8.84
C ARG B 87 -31.53 17.01 -9.13
N LEU B 88 -31.64 15.69 -9.27
CA LEU B 88 -32.91 15.06 -9.59
C LEU B 88 -33.89 15.18 -8.43
N GLU B 89 -33.38 15.06 -7.22
CA GLU B 89 -34.22 15.27 -6.04
C GLU B 89 -34.70 16.71 -6.03
N HIS B 90 -33.76 17.63 -6.21
CA HIS B 90 -34.05 19.05 -6.29
C HIS B 90 -35.15 19.34 -7.31
N GLN B 91 -35.02 18.73 -8.49
CA GLN B 91 -35.99 18.91 -9.57
C GLN B 91 -37.37 18.42 -9.16
N MET B 92 -37.41 17.32 -8.42
CA MET B 92 -38.68 16.76 -7.95
C MET B 92 -39.42 17.80 -7.13
N TRP B 93 -38.68 18.46 -6.25
CA TRP B 93 -39.28 19.48 -5.39
C TRP B 93 -39.84 20.63 -6.20
N GLU B 94 -39.13 21.01 -7.26
CA GLU B 94 -39.54 22.12 -8.11
C GLU B 94 -40.92 21.92 -8.72
N ALA B 95 -41.16 20.74 -9.27
CA ALA B 95 -42.40 20.45 -9.96
C ALA B 95 -43.56 20.26 -8.98
N VAL B 96 -43.27 19.67 -7.83
CA VAL B 96 -44.31 19.32 -6.88
C VAL B 96 -44.70 20.51 -5.99
N LYS B 97 -43.84 21.52 -5.91
CA LYS B 97 -43.99 22.58 -4.90
C LYS B 97 -45.32 23.35 -4.99
N ASP B 98 -45.79 23.62 -6.21
CA ASP B 98 -47.05 24.34 -6.37
C ASP B 98 -48.17 23.51 -5.78
N GLU B 99 -48.22 22.25 -6.19
CA GLU B 99 -49.26 21.33 -5.80
C GLU B 99 -49.26 21.14 -4.29
N LEU B 100 -48.07 21.15 -3.70
CA LEU B 100 -47.95 21.02 -2.25
C LEU B 100 -48.59 22.20 -1.56
N ASN B 101 -48.16 23.40 -1.96
CA ASN B 101 -48.59 24.63 -1.32
C ASN B 101 -50.09 24.85 -1.48
N THR B 102 -50.61 24.48 -2.65
CA THR B 102 -52.05 24.51 -2.89
C THR B 102 -52.76 23.64 -1.87
N LEU B 103 -52.26 22.42 -1.68
CA LEU B 103 -52.82 21.53 -0.69
C LEU B 103 -52.67 22.15 0.68
N LEU B 104 -51.47 22.61 0.99
CA LEU B 104 -51.15 23.19 2.29
C LEU B 104 -52.14 24.31 2.66
N LYS B 105 -52.59 25.03 1.65
CA LYS B 105 -53.50 26.14 1.88
C LYS B 105 -54.95 25.67 1.85
N GLU B 106 -55.26 24.78 0.91
CA GLU B 106 -56.61 24.21 0.84
C GLU B 106 -56.85 23.37 2.10
N ASN B 107 -55.77 22.82 2.65
CA ASN B 107 -55.83 22.17 3.97
C ASN B 107 -55.95 23.21 5.08
N GLY B 108 -55.39 24.39 4.85
CA GLY B 108 -55.43 25.46 5.83
C GLY B 108 -54.19 25.56 6.68
N VAL B 109 -53.15 24.82 6.31
CA VAL B 109 -51.88 24.87 7.01
C VAL B 109 -51.17 26.20 6.71
N ASP B 110 -50.58 26.82 7.72
CA ASP B 110 -49.91 28.11 7.56
C ASP B 110 -48.62 28.01 6.76
N LEU B 111 -47.92 26.90 6.89
CA LEU B 111 -46.62 26.70 6.21
C LEU B 111 -46.75 26.59 4.69
N SER B 112 -45.72 27.07 3.98
CA SER B 112 -45.63 26.91 2.53
C SER B 112 -44.19 26.59 2.13
N VAL B 113 -44.02 25.75 1.11
CA VAL B 113 -42.69 25.29 0.72
C VAL B 113 -42.03 26.22 -0.30
N VAL B 114 -40.82 26.65 0.01
CA VAL B 114 -40.04 27.48 -0.89
C VAL B 114 -38.86 26.67 -1.41
N VAL B 115 -38.82 26.46 -2.72
CA VAL B 115 -37.73 25.69 -3.32
C VAL B 115 -36.72 26.64 -3.91
N GLU B 116 -35.55 26.70 -3.26
CA GLU B 116 -34.52 27.64 -3.65
C GLU B 116 -33.56 26.97 -4.63
N LYS B 117 -33.12 27.73 -5.63
CA LYS B 117 -32.21 27.21 -6.65
C LYS B 117 -30.88 26.78 -6.05
N GLN B 118 -30.38 25.63 -6.49
CA GLN B 118 -29.11 25.12 -6.01
C GLN B 118 -28.04 25.12 -7.10
N GLU B 119 -27.01 25.93 -6.89
CA GLU B 119 -25.85 25.93 -7.76
C GLU B 119 -24.63 25.48 -6.97
N GLY B 120 -23.89 24.53 -7.51
CA GLY B 120 -22.76 23.98 -6.79
C GLY B 120 -23.08 22.63 -6.19
N MET B 121 -22.32 22.22 -5.19
CA MET B 121 -22.47 20.91 -4.58
C MET B 121 -23.69 20.83 -3.64
N TYR B 122 -24.26 19.62 -3.53
CA TYR B 122 -25.40 19.37 -2.66
C TYR B 122 -24.94 18.79 -1.32
N LYS B 123 -24.96 19.61 -0.28
CA LYS B 123 -24.43 19.18 1.01
C LYS B 123 -25.44 18.37 1.80
N SER B 124 -24.95 17.76 2.86
CA SER B 124 -25.76 16.90 3.69
C SER B 124 -26.43 17.70 4.81
N ALA B 125 -27.28 17.04 5.57
CA ALA B 125 -28.00 17.68 6.68
C ALA B 125 -28.46 16.63 7.68
N PRO B 126 -28.25 16.91 8.97
CA PRO B 126 -28.45 15.95 10.07
C PRO B 126 -29.89 15.50 10.30
N LYS B 127 -30.85 16.38 10.04
CA LYS B 127 -32.25 16.05 10.26
C LYS B 127 -32.77 15.13 9.16
N ARG B 128 -33.78 14.36 9.50
CA ARG B 128 -34.40 13.42 8.57
C ARG B 128 -35.91 13.52 8.70
N LEU B 129 -36.62 13.42 7.59
CA LEU B 129 -38.08 13.45 7.64
C LEU B 129 -38.57 12.15 8.25
N THR B 130 -39.59 12.24 9.10
CA THR B 130 -40.11 11.05 9.75
C THR B 130 -41.31 10.53 8.99
N ALA B 131 -41.39 9.22 8.84
CA ALA B 131 -42.51 8.61 8.13
C ALA B 131 -43.69 8.53 9.07
N THR B 132 -44.89 8.80 8.54
CA THR B 132 -46.10 8.81 9.35
C THR B 132 -47.33 8.61 8.46
N THR B 133 -48.48 8.43 9.10
CA THR B 133 -49.77 8.11 8.46
C THR B 133 -49.71 6.79 7.69
N GLU B 134 -50.84 6.09 7.67
CA GLU B 134 -50.92 4.70 7.23
C GLU B 134 -52.37 4.33 6.95
N ALA B 150 -50.34 30.07 -9.55
CA ALA B 150 -51.48 29.57 -8.80
C ALA B 150 -51.37 29.80 -7.29
N PRO B 151 -50.32 29.26 -6.64
CA PRO B 151 -50.36 29.39 -5.19
C PRO B 151 -50.04 30.81 -4.70
N GLU B 152 -50.59 31.16 -3.56
CA GLU B 152 -50.36 32.48 -2.98
C GLU B 152 -49.06 32.51 -2.21
N LEU B 153 -48.78 33.66 -1.61
CA LEU B 153 -47.70 33.78 -0.64
C LEU B 153 -48.19 33.11 0.64
N ALA B 154 -47.37 33.08 1.67
CA ALA B 154 -47.81 32.51 2.95
C ALA B 154 -46.96 32.98 4.11
N ASN B 155 -47.40 32.64 5.32
CA ASN B 155 -46.79 33.15 6.54
C ASN B 155 -45.49 32.46 6.92
N ASN B 156 -45.48 31.13 6.91
CA ASN B 156 -44.28 30.38 7.28
C ASN B 156 -43.72 29.57 6.12
N THR B 157 -42.39 29.48 6.05
CA THR B 157 -41.71 28.81 4.93
C THR B 157 -40.93 27.53 5.30
N PHE B 158 -40.96 26.55 4.39
CA PHE B 158 -40.05 25.40 4.44
C PHE B 158 -39.08 25.46 3.24
N VAL B 159 -37.79 25.69 3.50
CA VAL B 159 -36.83 26.01 2.45
C VAL B 159 -36.06 24.82 1.89
N VAL B 160 -36.12 24.64 0.58
CA VAL B 160 -35.40 23.57 -0.08
C VAL B 160 -34.17 24.13 -0.80
N ASP B 161 -32.99 23.64 -0.41
CA ASP B 161 -31.73 24.01 -1.05
C ASP B 161 -31.47 25.51 -0.99
N GLY B 162 -30.76 26.03 -1.99
CA GLY B 162 -30.37 27.42 -1.98
C GLY B 162 -29.09 27.63 -1.20
N PRO B 163 -28.70 28.89 -0.99
CA PRO B 163 -27.48 29.20 -0.25
C PRO B 163 -27.63 29.00 1.25
N GLU B 164 -26.51 29.02 1.98
CA GLU B 164 -26.55 28.94 3.44
C GLU B 164 -27.18 30.19 4.03
N THR B 165 -28.17 30.01 4.90
CA THR B 165 -28.82 31.16 5.53
C THR B 165 -28.84 30.99 7.04
N LYS B 166 -28.92 32.10 7.76
CA LYS B 166 -29.08 32.04 9.21
C LYS B 166 -30.56 31.87 9.52
N GLU B 167 -31.38 32.15 8.51
CA GLU B 167 -32.82 31.98 8.62
C GLU B 167 -33.14 30.49 8.69
N CYS B 168 -32.52 29.72 7.82
CA CYS B 168 -32.70 28.28 7.80
C CYS B 168 -31.35 27.59 7.69
N PRO B 169 -30.63 27.51 8.81
CA PRO B 169 -29.33 26.85 8.81
C PRO B 169 -29.45 25.38 8.45
N THR B 170 -28.40 24.81 7.88
CA THR B 170 -28.45 23.42 7.41
C THR B 170 -28.68 22.49 8.58
N GLN B 171 -28.14 22.86 9.75
CA GLN B 171 -28.33 22.08 10.97
C GLN B 171 -29.80 21.85 11.32
N ASN B 172 -30.69 22.68 10.78
CA ASN B 172 -32.11 22.48 10.99
C ASN B 172 -32.81 22.08 9.70
N ARG B 173 -32.05 21.50 8.77
CA ARG B 173 -32.58 21.04 7.50
C ARG B 173 -32.52 19.53 7.37
N ALA B 174 -33.39 18.98 6.53
CA ALA B 174 -33.42 17.53 6.28
C ALA B 174 -32.65 17.18 5.01
N TRP B 175 -32.24 15.93 4.88
CA TRP B 175 -31.46 15.45 3.75
C TRP B 175 -31.39 13.92 3.73
N ASN B 176 -31.56 13.33 2.55
CA ASN B 176 -31.47 11.88 2.35
C ASN B 176 -32.56 11.13 3.13
N SER B 177 -33.72 11.76 3.23
CA SER B 177 -34.84 11.18 3.97
C SER B 177 -35.74 10.30 3.10
N LEU B 178 -35.49 10.28 1.80
CA LEU B 178 -36.32 9.49 0.87
C LEU B 178 -35.52 8.44 0.12
N GLU B 179 -36.23 7.42 -0.36
CA GLU B 179 -35.63 6.35 -1.13
C GLU B 179 -36.64 5.76 -2.11
N VAL B 180 -36.14 5.14 -3.16
CA VAL B 180 -37.00 4.57 -4.18
C VAL B 180 -37.69 3.32 -3.67
N GLU B 181 -39.02 3.34 -3.63
CA GLU B 181 -39.76 2.15 -3.26
C GLU B 181 -39.85 1.21 -4.46
N ASP B 182 -40.24 1.77 -5.61
CA ASP B 182 -40.39 0.99 -6.81
C ASP B 182 -40.39 1.86 -8.07
N PHE B 183 -40.43 1.21 -9.22
CA PHE B 183 -40.42 1.95 -10.47
C PHE B 183 -41.78 1.85 -11.15
N GLY B 184 -42.05 2.81 -12.02
CA GLY B 184 -43.26 2.79 -12.80
C GLY B 184 -42.87 2.96 -14.25
N PHE B 185 -43.51 2.21 -15.12
CA PHE B 185 -43.23 2.33 -16.55
C PHE B 185 -43.61 3.69 -17.07
N GLY B 186 -42.67 4.35 -17.73
CA GLY B 186 -42.93 5.57 -18.43
C GLY B 186 -42.51 5.43 -19.88
N LEU B 187 -43.35 5.95 -20.78
CA LEU B 187 -43.05 5.89 -22.21
C LEU B 187 -41.80 6.70 -22.55
N THR B 188 -41.77 7.94 -22.07
CA THR B 188 -40.67 8.84 -22.33
C THR B 188 -39.63 8.83 -21.20
N SER B 189 -40.09 8.56 -19.98
CA SER B 189 -39.18 8.63 -18.84
C SER B 189 -39.64 7.70 -17.73
N THR B 190 -38.69 6.92 -17.22
CA THR B 190 -38.99 5.94 -16.17
C THR B 190 -39.38 6.64 -14.89
N ARG B 191 -40.47 6.20 -14.28
CA ARG B 191 -40.95 6.82 -13.06
C ARG B 191 -40.35 6.15 -11.83
N MET B 192 -39.89 6.97 -10.89
CA MET B 192 -39.32 6.45 -9.65
C MET B 192 -40.06 7.00 -8.44
N PHE B 193 -40.81 6.13 -7.78
CA PHE B 193 -41.63 6.53 -6.64
C PHE B 193 -40.82 6.51 -5.33
N LEU B 194 -40.72 7.65 -4.66
CA LEU B 194 -39.96 7.77 -3.42
C LEU B 194 -40.78 7.46 -2.17
N LYS B 195 -40.08 7.17 -1.08
CA LYS B 195 -40.74 6.98 0.21
C LYS B 195 -39.79 7.35 1.35
N VAL B 196 -40.37 7.63 2.53
CA VAL B 196 -39.57 8.08 3.67
C VAL B 196 -38.76 6.93 4.28
N ARG B 197 -37.47 7.17 4.46
CA ARG B 197 -36.58 6.20 5.06
C ARG B 197 -36.88 5.99 6.55
N GLU B 198 -36.97 4.73 6.97
CA GLU B 198 -37.18 4.40 8.36
C GLU B 198 -35.86 4.40 9.13
N SER B 199 -34.82 3.85 8.52
CA SER B 199 -33.50 3.87 9.12
C SER B 199 -32.81 5.20 8.82
N ASN B 200 -31.79 5.53 9.61
CA ASN B 200 -31.05 6.77 9.41
C ASN B 200 -29.67 6.46 8.82
N THR B 201 -29.43 6.91 7.59
CA THR B 201 -28.17 6.63 6.92
C THR B 201 -27.57 7.84 6.21
N THR B 202 -26.31 7.70 5.82
CA THR B 202 -25.63 8.68 4.99
C THR B 202 -25.40 8.11 3.61
N GLU B 203 -25.82 6.86 3.44
CA GLU B 203 -25.59 6.10 2.22
C GLU B 203 -26.46 6.53 1.04
N CYS B 204 -25.87 6.62 -0.15
CA CYS B 204 -26.63 6.91 -1.35
C CYS B 204 -27.64 5.79 -1.59
N ASP B 205 -28.72 6.13 -2.28
CA ASP B 205 -29.77 5.15 -2.58
C ASP B 205 -29.20 4.06 -3.47
N SER B 206 -29.28 2.83 -2.97
CA SER B 206 -28.71 1.66 -3.61
C SER B 206 -29.41 1.32 -4.93
N LYS B 207 -30.74 1.44 -4.93
CA LYS B 207 -31.58 1.09 -6.07
C LYS B 207 -31.08 1.62 -7.42
N ILE B 208 -30.76 2.91 -7.47
CA ILE B 208 -30.39 3.57 -8.72
C ILE B 208 -28.91 3.39 -9.07
N ILE B 209 -28.18 2.70 -8.21
CA ILE B 209 -26.76 2.48 -8.43
C ILE B 209 -26.51 1.33 -9.38
N GLY B 210 -25.59 1.53 -10.31
CA GLY B 210 -25.11 0.46 -11.17
C GLY B 210 -23.59 0.45 -11.13
N THR B 211 -23.02 -0.70 -10.77
CA THR B 211 -21.58 -0.81 -10.64
C THR B 211 -21.17 -2.09 -11.34
N ALA B 212 -20.13 -2.04 -12.16
CA ALA B 212 -19.77 -3.20 -12.98
C ALA B 212 -18.35 -3.14 -13.53
N VAL B 213 -17.81 -4.32 -13.84
CA VAL B 213 -16.52 -4.44 -14.50
C VAL B 213 -16.51 -5.60 -15.50
N LYS B 214 -16.14 -5.30 -16.74
CA LYS B 214 -16.06 -6.30 -17.80
C LYS B 214 -15.15 -5.80 -18.91
N ASN B 215 -14.41 -6.71 -19.52
CA ASN B 215 -13.46 -6.37 -20.59
C ASN B 215 -12.48 -5.28 -20.15
N ASN B 216 -12.09 -5.34 -18.89
CA ASN B 216 -11.11 -4.43 -18.31
C ASN B 216 -11.60 -2.97 -18.29
N LEU B 217 -12.91 -2.82 -18.08
CA LEU B 217 -13.53 -1.53 -17.80
C LEU B 217 -14.30 -1.59 -16.50
N ALA B 218 -13.93 -0.75 -15.54
CA ALA B 218 -14.58 -0.76 -14.24
C ALA B 218 -15.35 0.52 -14.02
N ILE B 219 -16.60 0.37 -13.61
CA ILE B 219 -17.53 1.50 -13.50
C ILE B 219 -18.23 1.49 -12.16
N HIS B 220 -18.24 2.64 -11.50
CA HIS B 220 -19.14 2.87 -10.38
C HIS B 220 -20.11 3.96 -10.83
N SER B 221 -21.41 3.70 -10.79
CA SER B 221 -22.32 4.70 -11.32
C SER B 221 -23.65 4.75 -10.60
N ASP B 222 -24.26 5.93 -10.68
CA ASP B 222 -25.66 6.13 -10.35
C ASP B 222 -26.21 7.11 -11.38
N LEU B 223 -27.32 7.75 -11.07
CA LEU B 223 -27.95 8.67 -12.00
C LEU B 223 -27.16 9.98 -12.18
N SER B 224 -26.27 10.25 -11.22
CA SER B 224 -25.51 11.48 -11.20
C SER B 224 -24.01 11.25 -11.35
N TYR B 225 -23.56 10.05 -11.03
CA TYR B 225 -22.13 9.77 -11.03
C TYR B 225 -21.78 8.73 -12.08
N TRP B 226 -20.76 9.03 -12.89
CA TRP B 226 -20.20 8.01 -13.77
C TRP B 226 -18.69 7.99 -13.57
N ILE B 227 -18.23 6.97 -12.85
CA ILE B 227 -16.83 6.85 -12.51
C ILE B 227 -16.20 5.69 -13.26
N GLU B 228 -15.21 6.02 -14.08
CA GLU B 228 -14.65 5.07 -15.01
C GLU B 228 -13.17 4.84 -14.73
N SER B 229 -12.82 3.59 -14.43
CA SER B 229 -11.42 3.23 -14.24
C SER B 229 -11.12 2.12 -15.24
N ARG B 230 -9.95 2.18 -15.85
CA ARG B 230 -9.61 1.24 -16.91
C ARG B 230 -8.30 0.53 -16.60
N LEU B 231 -8.12 -0.61 -17.25
CA LEU B 231 -6.88 -1.36 -17.14
C LEU B 231 -5.98 -1.06 -18.33
N ASN B 232 -4.99 -0.18 -18.14
CA ASN B 232 -3.96 0.03 -19.14
C ASN B 232 -2.78 -0.87 -18.81
N ASP B 233 -1.68 -0.30 -18.33
CA ASP B 233 -0.61 -1.10 -17.75
C ASP B 233 -1.13 -1.68 -16.43
N THR B 234 -1.81 -0.82 -15.68
CA THR B 234 -2.42 -1.23 -14.41
C THR B 234 -3.88 -0.78 -14.38
N TRP B 235 -4.53 -1.02 -13.24
CA TRP B 235 -5.84 -0.48 -12.99
C TRP B 235 -5.74 0.88 -12.30
N LYS B 236 -6.43 1.86 -12.84
CA LYS B 236 -6.47 3.19 -12.26
C LYS B 236 -7.63 3.99 -12.81
N LEU B 237 -7.98 5.06 -12.10
CA LEU B 237 -9.04 5.96 -12.53
C LEU B 237 -8.66 6.65 -13.82
N GLU B 238 -9.63 6.80 -14.71
CA GLU B 238 -9.41 7.43 -15.99
C GLU B 238 -10.41 8.54 -16.26
N ARG B 239 -11.65 8.31 -15.86
CA ARG B 239 -12.71 9.23 -16.21
C ARG B 239 -13.79 9.30 -15.14
N ALA B 240 -14.24 10.51 -14.81
CA ALA B 240 -15.33 10.68 -13.87
C ALA B 240 -16.23 11.80 -14.36
N VAL B 241 -17.54 11.55 -14.37
CA VAL B 241 -18.48 12.58 -14.79
C VAL B 241 -19.56 12.72 -13.73
N LEU B 242 -19.67 13.92 -13.18
CA LEU B 242 -20.62 14.21 -12.12
C LEU B 242 -21.57 15.31 -12.56
N GLY B 243 -22.84 14.95 -12.72
CA GLY B 243 -23.87 15.93 -13.03
C GLY B 243 -23.90 16.99 -11.96
N GLU B 244 -23.83 16.53 -10.70
CA GLU B 244 -23.62 17.42 -9.58
C GLU B 244 -22.74 16.70 -8.55
N VAL B 245 -22.33 17.43 -7.52
CA VAL B 245 -21.58 16.84 -6.41
C VAL B 245 -22.49 16.67 -5.20
N LYS B 246 -22.47 15.49 -4.59
CA LYS B 246 -23.36 15.18 -3.47
C LYS B 246 -22.60 14.66 -2.25
N SER B 247 -23.17 14.83 -1.06
CA SER B 247 -22.49 14.44 0.17
C SER B 247 -23.07 13.17 0.81
N CYS B 248 -23.69 12.31 0.01
CA CYS B 248 -24.12 11.00 0.48
C CYS B 248 -22.91 10.06 0.49
N THR B 249 -23.03 8.89 1.11
CA THR B 249 -21.88 8.01 1.14
C THR B 249 -22.11 6.82 0.22
N TRP B 250 -21.03 6.35 -0.41
CA TRP B 250 -21.12 5.26 -1.37
C TRP B 250 -21.02 3.91 -0.67
N PRO B 251 -22.03 3.05 -0.90
CA PRO B 251 -22.18 1.76 -0.21
C PRO B 251 -21.05 0.79 -0.49
N GLU B 252 -20.57 0.15 0.56
CA GLU B 252 -19.50 -0.85 0.43
C GLU B 252 -20.00 -2.02 -0.39
N THR B 253 -21.30 -2.26 -0.29
CA THR B 253 -21.95 -3.36 -0.97
C THR B 253 -21.86 -3.20 -2.48
N HIS B 254 -21.80 -1.96 -2.94
CA HIS B 254 -21.73 -1.68 -4.37
C HIS B 254 -20.35 -1.14 -4.74
N THR B 255 -19.32 -1.63 -4.06
CA THR B 255 -17.99 -1.11 -4.25
C THR B 255 -16.99 -2.20 -4.60
N LEU B 256 -16.43 -2.15 -5.80
CA LEU B 256 -15.39 -3.08 -6.19
C LEU B 256 -14.07 -2.78 -5.50
N TRP B 257 -13.28 -3.82 -5.26
CA TRP B 257 -11.90 -3.66 -4.81
C TRP B 257 -11.85 -2.86 -3.50
N GLY B 258 -12.85 -3.08 -2.65
CA GLY B 258 -13.00 -2.34 -1.40
C GLY B 258 -12.08 -2.72 -0.28
N ASP B 259 -11.17 -3.66 -0.55
CA ASP B 259 -10.24 -4.15 0.45
C ASP B 259 -8.96 -3.32 0.52
N GLY B 260 -8.32 -3.29 1.69
CA GLY B 260 -7.01 -2.69 1.83
C GLY B 260 -7.00 -1.21 1.51
N ILE B 261 -8.04 -0.52 1.96
CA ILE B 261 -8.24 0.87 1.59
C ILE B 261 -7.40 1.86 2.40
N LEU B 262 -6.68 2.73 1.68
CA LEU B 262 -6.13 3.94 2.26
C LEU B 262 -7.05 5.06 1.83
N GLU B 263 -7.73 5.66 2.81
CA GLU B 263 -8.66 6.73 2.52
C GLU B 263 -7.88 7.91 1.93
N SER B 264 -6.62 8.00 2.30
CA SER B 264 -5.74 9.08 1.84
C SER B 264 -5.52 9.04 0.32
N ASP B 265 -5.56 7.85 -0.26
CA ASP B 265 -5.28 7.72 -1.69
C ASP B 265 -6.52 7.83 -2.57
N LEU B 266 -7.71 7.83 -1.97
CA LEU B 266 -8.96 7.91 -2.72
C LEU B 266 -9.14 9.28 -3.37
N ILE B 267 -9.09 9.33 -4.70
CA ILE B 267 -9.16 10.59 -5.45
C ILE B 267 -10.43 11.38 -5.10
N ILE B 268 -11.58 10.87 -5.52
CA ILE B 268 -12.85 11.43 -5.07
C ILE B 268 -13.03 11.03 -3.60
N PRO B 269 -13.12 12.04 -2.72
CA PRO B 269 -13.27 11.83 -1.28
C PRO B 269 -14.51 11.03 -0.91
N VAL B 270 -14.43 10.32 0.20
CA VAL B 270 -15.50 9.50 0.74
C VAL B 270 -16.74 10.34 1.03
N THR B 271 -16.50 11.55 1.52
CA THR B 271 -17.56 12.43 1.99
C THR B 271 -18.40 12.99 0.85
N LEU B 272 -17.91 12.84 -0.37
CA LEU B 272 -18.62 13.29 -1.55
C LEU B 272 -19.04 12.11 -2.41
N ALA B 273 -19.49 11.04 -1.75
CA ALA B 273 -19.98 9.84 -2.41
C ALA B 273 -18.88 9.20 -3.23
N GLY B 274 -17.65 9.38 -2.78
CA GLY B 274 -16.52 8.69 -3.37
C GLY B 274 -16.56 7.24 -2.93
N PRO B 275 -16.43 6.32 -3.88
CA PRO B 275 -16.42 4.89 -3.59
C PRO B 275 -15.16 4.48 -2.86
N ARG B 276 -15.30 3.70 -1.79
CA ARG B 276 -14.14 3.19 -1.08
C ARG B 276 -13.52 2.06 -1.90
N SER B 277 -12.98 2.41 -3.05
CA SER B 277 -12.45 1.46 -4.01
C SER B 277 -10.97 1.74 -4.31
N ASN B 278 -10.18 0.71 -4.58
CA ASN B 278 -8.81 0.97 -5.00
C ASN B 278 -8.80 1.31 -6.48
N HIS B 279 -10.00 1.34 -7.07
CA HIS B 279 -10.21 1.87 -8.41
C HIS B 279 -10.27 3.39 -8.35
N ASN B 280 -10.66 3.93 -7.20
CA ASN B 280 -10.75 5.37 -7.05
C ASN B 280 -9.39 5.94 -6.69
N ARG B 281 -8.38 5.64 -7.51
CA ARG B 281 -7.02 6.04 -7.25
C ARG B 281 -6.26 6.31 -8.54
N ARG B 282 -5.18 7.08 -8.44
CA ARG B 282 -4.21 7.25 -9.53
C ARG B 282 -2.82 7.45 -8.94
N PRO B 283 -1.82 6.77 -9.52
CA PRO B 283 -0.42 6.88 -9.08
C PRO B 283 0.11 8.31 -9.02
N GLY B 284 0.67 8.68 -7.89
CA GLY B 284 1.23 10.01 -7.71
C GLY B 284 0.20 11.02 -7.23
N TYR B 285 -0.97 10.54 -6.85
CA TYR B 285 -2.04 11.43 -6.38
C TYR B 285 -2.67 10.89 -5.09
N LYS B 286 -3.28 11.78 -4.32
CA LYS B 286 -3.93 11.43 -3.06
C LYS B 286 -5.40 11.81 -3.09
N THR B 287 -6.01 11.93 -1.92
CA THR B 287 -7.38 12.43 -1.85
C THR B 287 -7.44 13.89 -2.33
N GLN B 288 -8.35 14.17 -3.24
CA GLN B 288 -8.55 15.52 -3.74
C GLN B 288 -9.64 16.22 -2.94
N ASN B 289 -9.32 16.50 -1.67
CA ASN B 289 -10.25 17.15 -0.76
C ASN B 289 -10.54 18.59 -1.16
N GLN B 290 -9.59 19.20 -1.88
CA GLN B 290 -9.72 20.59 -2.30
C GLN B 290 -9.89 20.73 -3.80
N GLY B 291 -10.70 19.85 -4.39
CA GLY B 291 -11.06 20.00 -5.79
C GLY B 291 -12.22 20.97 -5.92
N PRO B 292 -12.49 21.43 -7.15
CA PRO B 292 -13.60 22.33 -7.44
C PRO B 292 -14.97 21.64 -7.36
N TRP B 293 -15.39 21.28 -6.16
CA TRP B 293 -16.62 20.51 -6.00
C TRP B 293 -17.86 21.38 -5.99
N ASP B 294 -17.69 22.66 -5.66
CA ASP B 294 -18.81 23.57 -5.50
C ASP B 294 -19.15 24.29 -6.81
N GLU B 295 -18.63 23.76 -7.90
CA GLU B 295 -18.90 24.31 -9.21
C GLU B 295 -20.13 23.69 -9.84
N GLY B 296 -20.60 22.60 -9.26
CA GLY B 296 -21.71 21.86 -9.82
C GLY B 296 -21.22 20.66 -10.61
N ARG B 297 -21.40 20.69 -11.92
CA ARG B 297 -20.94 19.61 -12.80
C ARG B 297 -19.41 19.56 -12.86
N VAL B 298 -18.85 18.40 -12.55
CA VAL B 298 -17.40 18.24 -12.54
C VAL B 298 -17.02 17.03 -13.36
N GLU B 299 -16.13 17.24 -14.33
CA GLU B 299 -15.67 16.16 -15.20
C GLU B 299 -14.19 15.92 -14.95
N ILE B 300 -13.85 14.73 -14.46
CA ILE B 300 -12.48 14.43 -14.10
C ILE B 300 -11.86 13.51 -15.14
N ASP B 301 -10.62 13.81 -15.53
CA ASP B 301 -9.88 12.99 -16.47
C ASP B 301 -8.40 13.35 -16.40
N PHE B 302 -7.58 12.65 -17.18
CA PHE B 302 -6.14 12.87 -17.12
C PHE B 302 -5.60 13.29 -18.47
N ASP B 303 -5.28 14.57 -18.57
CA ASP B 303 -4.89 15.20 -19.82
C ASP B 303 -4.38 16.59 -19.47
N TYR B 304 -4.07 17.39 -20.47
CA TYR B 304 -3.60 18.75 -20.21
C TYR B 304 -4.73 19.75 -20.43
N CYS B 305 -4.85 20.70 -19.51
CA CYS B 305 -5.80 21.80 -19.67
C CYS B 305 -5.34 22.62 -20.86
N PRO B 306 -6.27 22.91 -21.78
CA PRO B 306 -5.99 23.58 -23.06
C PRO B 306 -5.04 24.75 -22.93
N GLY B 307 -3.91 24.67 -23.62
CA GLY B 307 -2.93 25.75 -23.62
C GLY B 307 -2.04 25.77 -22.38
N THR B 308 -1.99 24.67 -21.64
CA THR B 308 -1.18 24.60 -20.44
C THR B 308 -0.13 23.48 -20.50
N THR B 309 0.90 23.60 -19.68
CA THR B 309 1.94 22.60 -19.57
C THR B 309 2.17 22.25 -18.10
N VAL B 310 2.26 20.96 -17.81
CA VAL B 310 2.61 20.51 -16.46
C VAL B 310 3.93 19.74 -16.53
N THR B 311 4.84 20.00 -15.59
CA THR B 311 6.14 19.34 -15.61
C THR B 311 6.60 18.99 -14.20
N LEU B 312 7.35 17.90 -14.09
CA LEU B 312 7.89 17.45 -12.81
C LEU B 312 9.07 18.32 -12.39
N SER B 313 9.06 18.74 -11.13
CA SER B 313 10.18 19.50 -10.58
C SER B 313 10.16 19.45 -9.07
N GLU B 314 11.33 19.34 -8.47
CA GLU B 314 11.47 19.36 -7.02
C GLU B 314 11.37 20.79 -6.53
N SER B 315 11.64 21.74 -7.42
CA SER B 315 11.52 23.15 -7.12
C SER B 315 10.06 23.59 -7.02
N CYS B 316 9.16 22.76 -7.54
CA CYS B 316 7.74 23.05 -7.49
C CYS B 316 7.23 23.02 -6.04
N GLY B 317 5.98 23.45 -5.85
CA GLY B 317 5.42 23.55 -4.52
C GLY B 317 4.57 22.34 -4.15
N HIS B 318 4.24 22.23 -2.87
CA HIS B 318 3.47 21.09 -2.36
C HIS B 318 1.99 21.23 -2.69
N ARG B 319 1.23 20.17 -2.45
CA ARG B 319 -0.18 20.15 -2.83
C ARG B 319 -0.96 21.24 -2.10
N GLY B 320 -1.90 21.84 -2.80
CA GLY B 320 -2.75 22.88 -2.27
C GLY B 320 -4.05 22.91 -3.06
N PRO B 321 -4.92 23.90 -2.78
CA PRO B 321 -6.24 24.00 -3.42
C PRO B 321 -6.19 23.97 -4.95
N ALA B 322 -7.07 23.17 -5.54
CA ALA B 322 -7.19 23.08 -6.99
C ALA B 322 -7.36 24.46 -7.61
N THR B 323 -6.48 24.78 -8.57
CA THR B 323 -6.44 26.10 -9.15
C THR B 323 -6.94 26.06 -10.59
N ARG B 324 -7.55 27.16 -11.04
CA ARG B 324 -8.05 27.24 -12.40
C ARG B 324 -6.98 27.86 -13.30
N THR B 325 -7.02 27.51 -14.58
CA THR B 325 -6.06 28.02 -15.55
C THR B 325 -6.36 29.48 -15.90
N THR B 326 -7.64 29.81 -16.08
CA THR B 326 -8.04 31.18 -16.30
C THR B 326 -8.29 31.87 -14.97
N THR B 327 -7.77 33.08 -14.82
CA THR B 327 -8.01 33.86 -13.62
C THR B 327 -9.31 34.64 -13.78
N GLU B 328 -9.70 35.38 -12.74
CA GLU B 328 -10.95 36.12 -12.76
C GLU B 328 -11.03 37.09 -13.93
N SER B 329 -9.87 37.66 -14.30
CA SER B 329 -9.80 38.47 -15.51
C SER B 329 -10.02 37.63 -16.74
N GLY B 330 -9.53 36.39 -16.70
CA GLY B 330 -9.61 35.51 -17.86
C GLY B 330 -8.23 35.18 -18.39
N LYS B 331 -7.20 35.78 -17.79
CA LYS B 331 -5.83 35.55 -18.22
C LYS B 331 -5.44 34.08 -18.12
N LEU B 332 -4.76 33.60 -19.16
CA LEU B 332 -4.31 32.22 -19.21
C LEU B 332 -2.97 32.02 -18.52
N ILE B 333 -2.83 30.88 -17.87
CA ILE B 333 -1.60 30.51 -17.20
C ILE B 333 -0.95 29.31 -17.88
N THR B 334 0.19 29.54 -18.52
CA THR B 334 0.80 28.52 -19.35
C THR B 334 1.57 27.47 -18.55
N ASP B 335 2.38 27.93 -17.61
CA ASP B 335 3.34 27.04 -16.96
C ASP B 335 2.94 26.57 -15.57
N TRP B 336 2.69 25.26 -15.45
CA TRP B 336 2.41 24.62 -14.18
C TRP B 336 3.48 23.58 -13.85
N CYS B 337 3.53 23.14 -12.60
CA CYS B 337 4.45 22.08 -12.22
C CYS B 337 3.81 21.15 -11.20
N CYS B 338 4.52 20.06 -10.90
CA CYS B 338 4.15 19.15 -9.83
C CYS B 338 5.39 18.44 -9.36
N ARG B 339 5.35 17.88 -8.16
CA ARG B 339 6.49 17.20 -7.58
C ARG B 339 6.52 15.71 -7.91
N SER B 340 5.53 14.98 -7.39
CA SER B 340 5.52 13.52 -7.52
C SER B 340 4.26 12.97 -8.18
N CYS B 341 3.54 13.80 -8.92
CA CYS B 341 2.36 13.33 -9.65
C CYS B 341 2.78 12.57 -10.91
N THR B 342 1.83 11.86 -11.53
CA THR B 342 2.10 11.19 -12.80
C THR B 342 1.50 11.98 -13.96
N LEU B 343 1.78 11.54 -15.18
CA LEU B 343 1.28 12.21 -16.37
C LEU B 343 0.66 11.19 -17.32
N PRO B 344 -0.40 11.60 -18.05
CA PRO B 344 -1.05 12.92 -18.10
C PRO B 344 -1.68 13.34 -16.77
N PRO B 345 -1.68 14.67 -16.51
CA PRO B 345 -2.04 15.20 -15.19
C PRO B 345 -3.54 15.21 -14.88
N LEU B 346 -3.87 15.24 -13.59
CA LEU B 346 -5.27 15.25 -13.14
C LEU B 346 -5.95 16.52 -13.65
N ARG B 347 -7.11 16.37 -14.29
CA ARG B 347 -7.76 17.50 -14.92
C ARG B 347 -9.23 17.61 -14.54
N TYR B 348 -9.66 18.82 -14.16
CA TYR B 348 -11.06 19.10 -13.94
C TYR B 348 -11.61 19.94 -15.10
N GLN B 349 -12.82 19.64 -15.53
CA GLN B 349 -13.54 20.50 -16.48
C GLN B 349 -14.81 20.96 -15.80
N THR B 350 -15.06 22.26 -15.92
CA THR B 350 -16.15 22.93 -15.23
C THR B 350 -16.68 24.03 -16.16
N ASP B 351 -17.95 24.40 -16.00
CA ASP B 351 -18.56 25.48 -16.77
C ASP B 351 -17.69 26.74 -16.81
N SER B 352 -17.08 27.07 -15.67
CA SER B 352 -16.25 28.27 -15.57
C SER B 352 -14.91 28.11 -16.29
N GLY B 353 -14.43 26.88 -16.38
CA GLY B 353 -13.15 26.61 -17.01
C GLY B 353 -12.58 25.28 -16.58
N CYS B 354 -11.26 25.10 -16.78
CA CYS B 354 -10.64 23.84 -16.42
C CYS B 354 -9.62 24.04 -15.30
N TRP B 355 -9.43 23.01 -14.49
CA TRP B 355 -8.59 23.10 -13.30
C TRP B 355 -7.63 21.91 -13.25
N TYR B 356 -6.49 22.10 -12.60
CA TYR B 356 -5.58 21.00 -12.36
C TYR B 356 -5.71 20.44 -10.94
N GLY B 357 -5.09 19.28 -10.72
CA GLY B 357 -5.19 18.61 -9.43
C GLY B 357 -4.40 19.32 -8.35
N MET B 358 -4.67 18.93 -7.11
CA MET B 358 -4.07 19.56 -5.93
C MET B 358 -2.54 19.51 -5.94
N GLU B 359 -1.97 18.40 -6.41
CA GLU B 359 -0.53 18.26 -6.45
C GLU B 359 0.08 19.14 -7.53
N ILE B 360 -0.77 19.60 -8.45
CA ILE B 360 -0.35 20.47 -9.53
C ILE B 360 -0.33 21.92 -9.07
N ARG B 361 0.81 22.58 -9.27
CA ARG B 361 0.97 23.97 -8.83
C ARG B 361 1.49 24.84 -9.98
N PRO B 362 1.23 26.15 -9.91
CA PRO B 362 1.74 27.09 -10.91
C PRO B 362 3.24 27.22 -10.84
N GLN B 363 3.91 27.21 -11.99
CA GLN B 363 5.36 27.38 -12.04
C GLN B 363 5.80 28.76 -11.56
N ARG B 364 5.06 29.80 -11.97
CA ARG B 364 5.52 31.19 -11.82
C ARG B 364 4.77 32.06 -10.81
N HIS B 365 3.54 31.70 -10.47
CA HIS B 365 2.65 32.64 -9.77
C HIS B 365 2.82 32.82 -8.26
N ASP B 366 2.41 34.01 -7.82
CA ASP B 366 2.05 34.24 -6.44
C ASP B 366 0.68 33.58 -6.27
N GLU B 367 0.33 33.20 -5.05
CA GLU B 367 -0.79 32.28 -4.84
C GLU B 367 -2.16 32.94 -4.72
N LYS B 368 -2.21 34.12 -4.12
CA LYS B 368 -3.47 34.83 -3.89
C LYS B 368 -4.17 35.27 -5.18
N THR B 369 -3.38 35.46 -6.23
CA THR B 369 -3.85 36.13 -7.44
C THR B 369 -4.82 35.28 -8.27
N LEU B 370 -4.85 33.98 -8.01
CA LEU B 370 -5.57 33.05 -8.88
C LEU B 370 -6.82 32.47 -8.23
N VAL B 371 -7.68 31.90 -9.06
CA VAL B 371 -8.90 31.25 -8.59
C VAL B 371 -8.60 29.86 -8.02
N GLN B 372 -8.87 29.67 -6.74
CA GLN B 372 -8.60 28.39 -6.08
C GLN B 372 -9.86 27.91 -5.37
N SER B 373 -10.09 26.61 -5.42
CA SER B 373 -11.22 26.00 -4.73
C SER B 373 -11.16 26.30 -3.24
N GLN B 374 -12.31 26.63 -2.67
CA GLN B 374 -12.39 26.93 -1.25
C GLN B 374 -13.17 25.85 -0.53
N VAL B 375 -13.11 24.64 -1.08
CA VAL B 375 -13.85 23.50 -0.54
C VAL B 375 -12.91 22.60 0.25
N ASN B 376 -13.33 22.23 1.46
CA ASN B 376 -12.56 21.31 2.29
C ASN B 376 -13.47 20.21 2.80
N ALA B 377 -13.32 19.01 2.24
CA ALA B 377 -14.19 17.89 2.53
C ALA B 377 -13.41 16.58 2.65
N ALA C 25 -2.33 -25.64 42.59
CA ALA C 25 -3.79 -25.71 42.52
C ALA C 25 -4.42 -25.15 43.80
N ASP C 26 -5.74 -24.98 43.79
CA ASP C 26 -6.44 -24.46 44.95
C ASP C 26 -6.78 -25.58 45.92
N THR C 27 -6.55 -25.32 47.21
CA THR C 27 -6.91 -26.27 48.25
C THR C 27 -7.79 -25.57 49.28
N GLY C 28 -8.92 -26.20 49.60
CA GLY C 28 -9.84 -25.61 50.57
C GLY C 28 -11.12 -26.38 50.76
N CYS C 29 -12.08 -25.73 51.41
CA CYS C 29 -13.35 -26.36 51.75
C CYS C 29 -14.49 -25.37 51.60
N ALA C 30 -15.67 -25.86 51.24
CA ALA C 30 -16.82 -24.99 51.02
C ALA C 30 -18.14 -25.70 51.23
N ILE C 31 -19.18 -24.92 51.52
CA ILE C 31 -20.51 -25.48 51.75
C ILE C 31 -21.39 -25.33 50.52
N ASP C 32 -21.66 -26.46 49.87
CA ASP C 32 -22.51 -26.47 48.69
C ASP C 32 -23.92 -26.88 49.07
N ILE C 33 -24.81 -25.89 49.15
CA ILE C 33 -26.21 -26.11 49.49
C ILE C 33 -26.89 -27.00 48.45
N SER C 34 -26.56 -26.77 47.18
CA SER C 34 -27.17 -27.47 46.07
C SER C 34 -27.02 -28.98 46.20
N ARG C 35 -25.81 -29.43 46.54
CA ARG C 35 -25.57 -30.85 46.74
C ARG C 35 -25.72 -31.20 48.21
N GLN C 36 -26.10 -30.21 49.02
CA GLN C 36 -26.32 -30.37 50.45
C GLN C 36 -25.18 -31.12 51.09
N GLU C 37 -23.99 -30.54 51.00
CA GLU C 37 -22.78 -31.21 51.46
C GLU C 37 -21.67 -30.23 51.79
N LEU C 38 -20.79 -30.66 52.69
CA LEU C 38 -19.56 -29.94 52.97
C LEU C 38 -18.38 -30.80 52.56
N ARG C 39 -17.53 -30.25 51.70
CA ARG C 39 -16.42 -31.02 51.13
C ARG C 39 -15.13 -30.23 51.23
N CYS C 40 -14.01 -30.95 51.32
CA CYS C 40 -12.70 -30.32 51.36
C CYS C 40 -11.76 -31.07 50.43
N GLY C 41 -10.87 -30.33 49.79
CA GLY C 41 -9.88 -30.94 48.92
C GLY C 41 -9.32 -29.98 47.88
N SER C 42 -8.44 -30.49 47.03
CA SER C 42 -7.85 -29.68 45.97
C SER C 42 -8.84 -29.43 44.85
N GLY C 43 -8.64 -28.33 44.12
CA GLY C 43 -9.52 -28.00 43.01
C GLY C 43 -9.38 -26.56 42.56
N VAL C 44 -10.51 -25.93 42.23
CA VAL C 44 -10.52 -24.55 41.75
C VAL C 44 -11.69 -23.75 42.36
N PHE C 45 -11.37 -22.61 42.99
CA PHE C 45 -12.39 -21.78 43.63
C PHE C 45 -12.49 -20.40 42.94
N ILE C 46 -13.69 -20.08 42.45
CA ILE C 46 -13.96 -18.78 41.85
C ILE C 46 -14.68 -17.86 42.85
N HIS C 47 -14.14 -16.67 43.07
CA HIS C 47 -14.70 -15.75 44.05
C HIS C 47 -15.45 -14.58 43.42
N ASN C 48 -16.41 -14.03 44.16
CA ASN C 48 -17.09 -12.81 43.77
C ASN C 48 -16.42 -11.61 44.40
N ASP C 49 -15.56 -10.94 43.63
CA ASP C 49 -14.82 -9.80 44.15
C ASP C 49 -15.42 -8.48 43.66
N VAL C 50 -16.45 -8.58 42.83
CA VAL C 50 -17.08 -7.39 42.26
C VAL C 50 -18.08 -6.82 43.27
N GLU C 51 -18.64 -7.70 44.10
CA GLU C 51 -19.59 -7.29 45.13
C GLU C 51 -18.88 -6.67 46.32
N ALA C 52 -17.70 -7.19 46.64
CA ALA C 52 -16.93 -6.68 47.75
C ALA C 52 -16.49 -5.24 47.47
N TRP C 53 -16.88 -4.34 48.37
CA TRP C 53 -16.52 -2.94 48.25
C TRP C 53 -15.01 -2.78 48.37
N MET C 54 -14.43 -3.53 49.30
CA MET C 54 -12.99 -3.49 49.53
C MET C 54 -12.20 -3.99 48.33
N ASP C 55 -11.10 -3.33 48.04
CA ASP C 55 -10.26 -3.73 46.92
C ASP C 55 -9.25 -4.75 47.41
N ARG C 56 -9.67 -6.02 47.48
CA ARG C 56 -8.81 -7.07 47.99
C ARG C 56 -7.57 -7.27 47.13
N TYR C 57 -7.59 -6.69 45.94
CA TYR C 57 -6.43 -6.71 45.05
C TYR C 57 -5.92 -5.31 44.77
N LYS C 58 -4.61 -5.19 44.57
CA LYS C 58 -4.01 -3.91 44.22
C LYS C 58 -2.96 -4.05 43.12
N TYR C 59 -2.89 -3.04 42.25
CA TYR C 59 -1.92 -3.02 41.17
C TYR C 59 -0.64 -2.30 41.61
N TYR C 60 0.50 -2.81 41.17
CA TYR C 60 1.77 -2.14 41.39
C TYR C 60 2.68 -2.36 40.20
N PRO C 61 3.27 -1.27 39.69
CA PRO C 61 4.27 -1.38 38.65
C PRO C 61 5.43 -2.22 39.14
N GLU C 62 5.98 -3.06 38.29
CA GLU C 62 7.12 -3.88 38.70
C GLU C 62 8.30 -2.97 39.07
N THR C 63 8.51 -1.94 38.27
CA THR C 63 9.54 -0.95 38.57
C THR C 63 9.08 0.46 38.25
N PRO C 64 9.11 1.35 39.27
CA PRO C 64 8.78 2.75 39.05
C PRO C 64 9.78 3.43 38.13
N GLN C 65 11.07 3.13 38.33
CA GLN C 65 12.13 3.74 37.53
C GLN C 65 12.03 3.27 36.09
N GLY C 66 11.67 2.01 35.92
CA GLY C 66 11.50 1.46 34.59
C GLY C 66 10.27 2.09 33.96
N LEU C 67 9.18 2.15 34.71
CA LEU C 67 7.93 2.72 34.22
C LEU C 67 8.12 4.16 33.75
N ALA C 68 8.90 4.92 34.51
CA ALA C 68 9.19 6.31 34.15
C ALA C 68 9.79 6.40 32.74
N LYS C 69 10.82 5.59 32.50
CA LYS C 69 11.52 5.62 31.22
C LYS C 69 10.61 5.14 30.09
N ILE C 70 9.65 4.28 30.41
CA ILE C 70 8.71 3.78 29.41
C ILE C 70 7.89 4.94 28.85
N ILE C 71 7.41 5.81 29.75
CA ILE C 71 6.52 6.89 29.39
C ILE C 71 7.21 7.96 28.55
N GLN C 72 8.42 8.35 28.94
CA GLN C 72 9.16 9.37 28.20
C GLN C 72 9.43 8.86 26.80
N LYS C 73 9.63 7.55 26.66
CA LYS C 73 9.80 6.93 25.36
C LYS C 73 8.47 6.93 24.62
N ALA C 74 7.39 6.68 25.35
CA ALA C 74 6.06 6.79 24.78
C ALA C 74 5.84 8.23 24.32
N HIS C 75 6.23 9.17 25.18
CA HIS C 75 6.16 10.59 24.85
C HIS C 75 7.00 10.86 23.61
N LYS C 76 8.23 10.34 23.61
CA LYS C 76 9.13 10.43 22.46
C LYS C 76 8.46 9.96 21.17
N GLU C 77 7.76 8.84 21.25
CA GLU C 77 7.09 8.24 20.09
C GLU C 77 5.88 9.04 19.65
N GLY C 78 5.46 10.00 20.47
CA GLY C 78 4.35 10.87 20.12
C GLY C 78 3.05 10.48 20.80
N VAL C 79 3.16 9.85 21.97
CA VAL C 79 1.98 9.44 22.72
C VAL C 79 1.61 10.50 23.75
N CYS C 80 0.44 11.11 23.55
CA CYS C 80 0.00 12.19 24.43
C CYS C 80 -0.42 11.67 25.80
N GLY C 81 -1.02 10.49 25.84
CA GLY C 81 -1.55 9.98 27.09
C GLY C 81 -2.00 8.52 27.08
N LEU C 82 -2.95 8.20 27.94
CA LEU C 82 -3.34 6.81 28.14
C LEU C 82 -4.79 6.68 28.60
N ARG C 83 -5.38 5.53 28.27
CA ARG C 83 -6.70 5.20 28.77
C ARG C 83 -6.60 3.92 29.61
N SER C 84 -6.99 3.99 30.87
CA SER C 84 -6.98 2.80 31.71
C SER C 84 -8.06 1.84 31.23
N VAL C 85 -7.80 0.56 31.45
CA VAL C 85 -8.74 -0.49 31.06
C VAL C 85 -9.84 -0.60 32.10
N SER C 86 -9.46 -0.42 33.37
CA SER C 86 -10.38 -0.62 34.47
C SER C 86 -10.16 0.39 35.57
N ARG C 87 -11.14 0.48 36.46
CA ARG C 87 -11.10 1.36 37.62
C ARG C 87 -9.85 1.07 38.46
N LEU C 88 -9.50 -0.21 38.54
CA LEU C 88 -8.36 -0.65 39.32
C LEU C 88 -7.03 -0.24 38.68
N GLU C 89 -6.96 -0.28 37.35
CA GLU C 89 -5.80 0.23 36.65
C GLU C 89 -5.71 1.73 36.89
N HIS C 90 -6.86 2.38 36.68
CA HIS C 90 -7.02 3.80 36.92
C HIS C 90 -6.57 4.16 38.34
N GLN C 91 -7.01 3.38 39.32
CA GLN C 91 -6.64 3.61 40.71
C GLN C 91 -5.13 3.49 40.92
N MET C 92 -4.49 2.56 40.23
CA MET C 92 -3.05 2.38 40.35
C MET C 92 -2.31 3.65 39.97
N TRP C 93 -2.72 4.26 38.86
CA TRP C 93 -2.08 5.47 38.36
C TRP C 93 -2.20 6.59 39.38
N GLU C 94 -3.34 6.63 40.06
CA GLU C 94 -3.62 7.67 41.04
C GLU C 94 -2.55 7.71 42.14
N ALA C 95 -2.20 6.54 42.65
CA ALA C 95 -1.24 6.43 43.75
C ALA C 95 0.21 6.63 43.33
N VAL C 96 0.55 6.16 42.13
CA VAL C 96 1.94 6.16 41.68
C VAL C 96 2.36 7.51 41.08
N LYS C 97 1.37 8.33 40.70
CA LYS C 97 1.64 9.53 39.90
C LYS C 97 2.59 10.53 40.57
N ASP C 98 2.48 10.67 41.89
CA ASP C 98 3.39 11.57 42.61
C ASP C 98 4.81 11.04 42.46
N GLU C 99 4.97 9.76 42.77
CA GLU C 99 6.29 9.13 42.76
C GLU C 99 6.91 9.16 41.38
N LEU C 100 6.06 9.03 40.36
CA LEU C 100 6.55 9.09 38.98
C LEU C 100 7.08 10.48 38.69
N ASN C 101 6.27 11.48 38.97
CA ASN C 101 6.62 12.86 38.68
C ASN C 101 7.85 13.29 39.47
N THR C 102 7.94 12.82 40.72
CA THR C 102 9.12 13.08 41.55
C THR C 102 10.37 12.56 40.86
N LEU C 103 10.30 11.33 40.38
CA LEU C 103 11.42 10.77 39.63
C LEU C 103 11.66 11.59 38.38
N LEU C 104 10.58 11.84 37.62
CA LEU C 104 10.68 12.55 36.36
C LEU C 104 11.42 13.86 36.49
N LYS C 105 11.26 14.52 37.63
CA LYS C 105 11.91 15.80 37.85
C LYS C 105 13.30 15.60 38.47
N GLU C 106 13.41 14.66 39.41
CA GLU C 106 14.71 14.34 39.98
C GLU C 106 15.58 13.70 38.89
N ASN C 107 14.95 12.99 37.96
CA ASN C 107 15.66 12.51 36.77
C ASN C 107 15.91 13.69 35.85
N GLY C 108 15.03 14.68 35.90
CA GLY C 108 15.16 15.87 35.07
C GLY C 108 14.36 15.82 33.79
N VAL C 109 13.49 14.83 33.67
CA VAL C 109 12.64 14.71 32.51
C VAL C 109 11.59 15.82 32.53
N ASP C 110 11.34 16.44 31.39
CA ASP C 110 10.40 17.55 31.29
C ASP C 110 8.96 17.12 31.52
N LEU C 111 8.65 15.90 31.06
CA LEU C 111 7.28 15.40 31.12
C LEU C 111 6.83 15.16 32.56
N SER C 112 5.54 15.35 32.80
CA SER C 112 4.92 15.01 34.08
C SER C 112 3.58 14.36 33.81
N VAL C 113 3.21 13.39 34.65
CA VAL C 113 2.02 12.60 34.42
C VAL C 113 0.80 13.24 35.06
N VAL C 114 -0.25 13.41 34.25
CA VAL C 114 -1.51 13.94 34.75
C VAL C 114 -2.56 12.85 34.76
N VAL C 115 -3.08 12.54 35.94
CA VAL C 115 -4.09 11.51 36.07
C VAL C 115 -5.46 12.14 36.16
N GLU C 116 -6.24 12.01 35.09
CA GLU C 116 -7.55 12.62 35.01
C GLU C 116 -8.64 11.66 35.47
N LYS C 117 -9.62 12.19 36.19
CA LYS C 117 -10.71 11.39 36.71
C LYS C 117 -11.54 10.79 35.59
N GLN C 118 -11.88 9.51 35.74
CA GLN C 118 -12.70 8.82 34.75
C GLN C 118 -14.05 8.42 35.33
N GLU C 119 -15.10 8.99 34.78
CA GLU C 119 -16.46 8.59 35.12
C GLU C 119 -17.11 7.99 33.90
N GLY C 120 -17.71 6.82 34.06
CA GLY C 120 -18.30 6.15 32.93
C GLY C 120 -17.41 5.02 32.44
N MET C 121 -17.61 4.62 31.20
CA MET C 121 -16.90 3.49 30.63
C MET C 121 -15.44 3.80 30.29
N TYR C 122 -14.60 2.78 30.36
CA TYR C 122 -13.19 2.90 30.04
C TYR C 122 -12.95 2.42 28.62
N LYS C 123 -12.76 3.36 27.70
CA LYS C 123 -12.61 3.01 26.30
C LYS C 123 -11.20 2.58 25.95
N SER C 124 -11.05 2.05 24.73
CA SER C 124 -9.78 1.52 24.27
C SER C 124 -8.97 2.61 23.58
N ALA C 125 -7.75 2.27 23.18
CA ALA C 125 -6.85 3.20 22.51
C ALA C 125 -5.83 2.41 21.71
N PRO C 126 -5.60 2.82 20.45
CA PRO C 126 -4.79 2.08 19.50
C PRO C 126 -3.30 1.99 19.85
N LYS C 127 -2.78 3.03 20.48
CA LYS C 127 -1.35 3.04 20.82
C LYS C 127 -1.07 2.15 22.02
N ARG C 128 0.14 1.65 22.11
CA ARG C 128 0.54 0.76 23.18
C ARG C 128 1.91 1.13 23.71
N LEU C 129 2.09 1.03 25.03
CA LEU C 129 3.39 1.32 25.62
C LEU C 129 4.40 0.26 25.21
N THR C 130 5.61 0.69 24.93
CA THR C 130 6.65 -0.24 24.51
C THR C 130 7.54 -0.62 25.68
N ALA C 131 7.92 -1.90 25.76
CA ALA C 131 8.79 -2.37 26.82
C ALA C 131 10.24 -2.07 26.46
N THR C 132 11.01 -1.64 27.45
CA THR C 132 12.41 -1.28 27.23
C THR C 132 13.17 -1.33 28.56
N THR C 133 14.49 -1.21 28.48
CA THR C 133 15.44 -1.35 29.61
C THR C 133 15.38 -2.76 30.21
N GLU C 134 16.52 -3.21 30.73
CA GLU C 134 16.73 -4.60 31.11
C GLU C 134 17.94 -4.72 32.02
N ALA C 150 3.59 17.41 47.08
CA ALA C 150 5.03 17.23 46.88
C ALA C 150 5.48 17.60 45.45
N PRO C 151 4.93 16.91 44.42
CA PRO C 151 5.52 17.23 43.11
C PRO C 151 5.06 18.59 42.59
N GLU C 152 5.90 19.22 41.78
CA GLU C 152 5.58 20.53 41.22
C GLU C 152 4.72 20.38 39.98
N LEU C 153 4.39 21.52 39.38
CA LEU C 153 3.80 21.51 38.05
C LEU C 153 4.93 21.19 37.08
N ALA C 154 4.62 21.14 35.80
CA ALA C 154 5.67 20.88 34.82
C ALA C 154 5.26 21.32 33.44
N ASN C 155 6.21 21.24 32.50
CA ASN C 155 6.02 21.78 31.17
C ASN C 155 5.21 20.89 30.24
N ASN C 156 5.52 19.60 30.20
CA ASN C 156 4.80 18.68 29.32
C ASN C 156 4.01 17.64 30.10
N THR C 157 2.84 17.28 29.58
CA THR C 157 1.93 16.37 30.29
C THR C 157 1.71 15.01 29.64
N PHE C 158 1.59 13.98 30.46
CA PHE C 158 1.08 12.69 30.02
C PHE C 158 -0.28 12.48 30.68
N VAL C 159 -1.33 12.45 29.87
CA VAL C 159 -2.69 12.46 30.40
C VAL C 159 -3.26 11.06 30.58
N VAL C 160 -3.73 10.76 31.78
CA VAL C 160 -4.35 9.47 32.04
C VAL C 160 -5.85 9.64 32.14
N ASP C 161 -6.58 8.95 31.25
CA ASP C 161 -8.03 8.94 31.28
C ASP C 161 -8.62 10.34 31.17
N GLY C 162 -9.76 10.52 31.81
CA GLY C 162 -10.50 11.76 31.71
C GLY C 162 -11.36 11.71 30.47
N PRO C 163 -11.98 12.83 30.12
CA PRO C 163 -12.84 12.93 28.94
C PRO C 163 -12.04 13.01 27.65
N GLU C 164 -12.74 12.87 26.52
CA GLU C 164 -12.11 13.02 25.21
C GLU C 164 -11.63 14.46 25.02
N THR C 165 -10.36 14.64 24.67
CA THR C 165 -9.83 15.98 24.45
C THR C 165 -9.15 16.10 23.10
N LYS C 166 -9.08 17.31 22.56
CA LYS C 166 -8.35 17.54 21.32
C LYS C 166 -6.88 17.70 21.67
N GLU C 167 -6.64 17.97 22.94
CA GLU C 167 -5.29 18.08 23.45
C GLU C 167 -4.63 16.71 23.45
N CYS C 168 -5.37 15.71 23.92
CA CYS C 168 -4.87 14.35 23.94
C CYS C 168 -5.94 13.40 23.44
N PRO C 169 -6.09 13.32 22.11
CA PRO C 169 -7.08 12.41 21.50
C PRO C 169 -6.70 10.97 21.79
N THR C 170 -7.70 10.10 21.81
CA THR C 170 -7.48 8.71 22.18
C THR C 170 -6.58 8.03 21.16
N GLN C 171 -6.69 8.45 19.91
CA GLN C 171 -5.85 7.93 18.84
C GLN C 171 -4.35 8.06 19.13
N ASN C 172 -4.02 8.99 20.03
CA ASN C 172 -2.64 9.16 20.48
C ASN C 172 -2.49 8.73 21.93
N ARG C 173 -3.39 7.87 22.40
CA ARG C 173 -3.32 7.38 23.76
C ARG C 173 -3.02 5.88 23.81
N ALA C 174 -2.46 5.45 24.94
CA ALA C 174 -2.17 4.05 25.16
C ALA C 174 -3.31 3.43 25.95
N TRP C 175 -3.42 2.11 25.87
CA TRP C 175 -4.48 1.37 26.54
C TRP C 175 -4.18 -0.11 26.49
N ASN C 176 -4.39 -0.81 27.60
CA ASN C 176 -4.18 -2.25 27.68
C ASN C 176 -2.72 -2.61 27.43
N SER C 177 -1.82 -1.74 27.87
CA SER C 177 -0.40 -1.95 27.64
C SER C 177 0.27 -2.77 28.74
N LEU C 178 -0.47 -3.08 29.80
CA LEU C 178 0.10 -3.82 30.92
C LEU C 178 -0.61 -5.13 31.21
N GLU C 179 0.10 -6.03 31.89
CA GLU C 179 -0.46 -7.32 32.28
C GLU C 179 0.19 -7.79 33.59
N VAL C 180 -0.52 -8.61 34.34
CA VAL C 180 -0.01 -9.09 35.61
C VAL C 180 1.10 -10.11 35.39
N GLU C 181 2.30 -9.79 35.88
CA GLU C 181 3.41 -10.74 35.82
C GLU C 181 3.28 -11.78 36.92
N ASP C 182 3.01 -11.31 38.13
CA ASP C 182 2.87 -12.21 39.26
C ASP C 182 2.12 -11.53 40.41
N PHE C 183 1.85 -12.31 41.45
CA PHE C 183 1.15 -11.79 42.61
C PHE C 183 2.08 -11.69 43.81
N GLY C 184 1.71 -10.83 44.75
CA GLY C 184 2.46 -10.69 45.98
C GLY C 184 1.50 -10.82 47.15
N PHE C 185 1.91 -11.53 48.18
CA PHE C 185 1.08 -11.67 49.37
C PHE C 185 0.91 -10.34 50.06
N GLY C 186 -0.35 -9.98 50.32
CA GLY C 186 -0.67 -8.84 51.13
C GLY C 186 -1.56 -9.29 52.27
N LEU C 187 -1.32 -8.76 53.46
CA LEU C 187 -2.13 -9.09 54.62
C LEU C 187 -3.56 -8.59 54.44
N THR C 188 -3.68 -7.34 54.02
CA THR C 188 -4.99 -6.71 53.81
C THR C 188 -5.48 -6.79 52.36
N SER C 189 -4.54 -6.81 51.42
CA SER C 189 -4.89 -6.78 50.01
C SER C 189 -3.80 -7.42 49.15
N THR C 190 -4.20 -8.32 48.26
CA THR C 190 -3.25 -9.03 47.41
C THR C 190 -2.58 -8.08 46.42
N ARG C 191 -1.26 -8.18 46.30
CA ARG C 191 -0.51 -7.31 45.40
C ARG C 191 -0.38 -7.93 44.02
N MET C 192 -0.63 -7.14 42.99
CA MET C 192 -0.53 -7.61 41.62
C MET C 192 0.47 -6.77 40.84
N PHE C 193 1.61 -7.37 40.53
CA PHE C 193 2.68 -6.65 39.85
C PHE C 193 2.48 -6.65 38.34
N LEU C 194 2.36 -5.46 37.76
CA LEU C 194 2.13 -5.32 36.33
C LEU C 194 3.43 -5.28 35.55
N LYS C 195 3.34 -5.54 34.25
CA LYS C 195 4.47 -5.46 33.36
C LYS C 195 4.00 -5.11 31.96
N VAL C 196 4.92 -4.63 31.13
CA VAL C 196 4.58 -4.21 29.77
C VAL C 196 4.32 -5.40 28.86
N ARG C 197 3.18 -5.39 28.17
CA ARG C 197 2.86 -6.42 27.20
C ARG C 197 3.76 -6.33 25.98
N GLU C 198 4.32 -7.47 25.57
CA GLU C 198 5.11 -7.51 24.35
C GLU C 198 4.22 -7.64 23.12
N SER C 199 3.17 -8.45 23.24
CA SER C 199 2.21 -8.61 22.16
C SER C 199 1.16 -7.49 22.17
N ASN C 200 0.51 -7.29 21.04
CA ASN C 200 -0.55 -6.30 20.93
C ASN C 200 -1.90 -7.00 20.85
N THR C 201 -2.73 -6.82 21.88
CA THR C 201 -4.03 -7.48 21.91
C THR C 201 -5.14 -6.54 22.38
N THR C 202 -6.37 -6.98 22.20
CA THR C 202 -7.53 -6.29 22.70
C THR C 202 -8.13 -7.12 23.83
N GLU C 203 -7.50 -8.27 24.07
CA GLU C 203 -7.98 -9.22 25.06
C GLU C 203 -7.75 -8.72 26.48
N CYS C 204 -8.76 -8.90 27.33
CA CYS C 204 -8.63 -8.57 28.74
C CYS C 204 -7.55 -9.45 29.36
N ASP C 205 -6.95 -8.99 30.46
CA ASP C 205 -5.90 -9.78 31.11
C ASP C 205 -6.48 -11.09 31.63
N SER C 206 -5.92 -12.19 31.14
CA SER C 206 -6.44 -13.52 31.45
C SER C 206 -6.27 -13.90 32.93
N LYS C 207 -5.09 -13.58 33.48
CA LYS C 207 -4.73 -13.92 34.85
C LYS C 207 -5.82 -13.69 35.91
N ILE C 208 -6.43 -12.51 35.89
CA ILE C 208 -7.40 -12.14 36.92
C ILE C 208 -8.80 -12.70 36.67
N ILE C 209 -8.96 -13.39 35.54
CA ILE C 209 -10.26 -13.94 35.15
C ILE C 209 -10.56 -15.28 35.82
N GLY C 210 -11.79 -15.43 36.31
CA GLY C 210 -12.27 -16.69 36.83
C GLY C 210 -13.60 -17.07 36.18
N THR C 211 -13.65 -18.27 35.60
CA THR C 211 -14.83 -18.75 34.89
C THR C 211 -15.14 -20.16 35.35
N ALA C 212 -16.40 -20.46 35.61
CA ALA C 212 -16.77 -21.76 36.17
C ALA C 212 -18.25 -22.08 36.00
N VAL C 213 -18.57 -23.37 36.01
CA VAL C 213 -19.96 -23.84 36.02
C VAL C 213 -20.09 -25.10 36.87
N LYS C 214 -21.00 -25.06 37.83
CA LYS C 214 -21.26 -26.18 38.74
C LYS C 214 -22.64 -26.00 39.35
N ASN C 215 -23.35 -27.11 39.58
CA ASN C 215 -24.69 -27.07 40.14
C ASN C 215 -25.62 -26.14 39.37
N ASN C 216 -25.43 -26.11 38.06
CA ASN C 216 -26.27 -25.34 37.14
C ASN C 216 -26.17 -23.83 37.37
N LEU C 217 -24.97 -23.38 37.76
CA LEU C 217 -24.66 -21.95 37.84
C LEU C 217 -23.44 -21.63 36.97
N ALA C 218 -23.62 -20.75 35.99
CA ALA C 218 -22.53 -20.42 35.08
C ALA C 218 -22.06 -18.98 35.26
N ILE C 219 -20.75 -18.81 35.42
CA ILE C 219 -20.16 -17.52 35.78
C ILE C 219 -19.00 -17.13 34.88
N HIS C 220 -19.04 -15.91 34.36
CA HIS C 220 -17.87 -15.28 33.77
C HIS C 220 -17.53 -14.07 34.63
N SER C 221 -16.30 -14.01 35.13
CA SER C 221 -15.95 -12.95 36.06
C SER C 221 -14.51 -12.52 35.94
N ASP C 222 -14.26 -11.27 36.34
CA ASP C 222 -12.93 -10.76 36.62
C ASP C 222 -13.04 -9.87 37.84
N LEU C 223 -12.09 -8.97 38.02
CA LEU C 223 -12.11 -8.08 39.18
C LEU C 223 -13.22 -7.01 39.08
N SER C 224 -13.68 -6.75 37.87
CA SER C 224 -14.66 -5.69 37.66
C SER C 224 -15.98 -6.23 37.12
N TYR C 225 -15.94 -7.41 36.52
CA TYR C 225 -17.12 -7.99 35.89
C TYR C 225 -17.57 -9.24 36.63
N TRP C 226 -18.87 -9.32 36.88
CA TRP C 226 -19.47 -10.55 37.38
C TRP C 226 -20.71 -10.87 36.55
N ILE C 227 -20.58 -11.87 35.69
CA ILE C 227 -21.68 -12.24 34.80
C ILE C 227 -22.24 -13.59 35.21
N GLU C 228 -23.53 -13.59 35.57
CA GLU C 228 -24.17 -14.76 36.16
C GLU C 228 -25.32 -15.28 35.32
N SER C 229 -25.23 -16.53 34.88
CA SER C 229 -26.31 -17.16 34.15
C SER C 229 -26.72 -18.43 34.89
N ARG C 230 -28.02 -18.69 34.95
CA ARG C 230 -28.52 -19.82 35.71
C ARG C 230 -29.39 -20.72 34.86
N LEU C 231 -29.54 -21.95 35.30
CA LEU C 231 -30.41 -22.92 34.65
C LEU C 231 -31.75 -23.00 35.37
N ASN C 232 -32.75 -22.31 34.82
CA ASN C 232 -34.11 -22.48 35.29
C ASN C 232 -34.75 -23.57 34.44
N ASP C 233 -35.68 -23.17 33.57
CA ASP C 233 -36.16 -24.08 32.53
C ASP C 233 -35.04 -24.31 31.54
N THR C 234 -34.36 -23.23 31.17
CA THR C 234 -33.25 -23.29 30.24
C THR C 234 -32.04 -22.58 30.80
N TRP C 235 -30.98 -22.52 30.00
CA TRP C 235 -29.83 -21.70 30.32
C TRP C 235 -29.99 -20.32 29.72
N LYS C 236 -29.81 -19.30 30.55
CA LYS C 236 -29.91 -17.93 30.10
C LYS C 236 -29.28 -17.00 31.13
N LEU C 237 -28.99 -15.78 30.69
CA LEU C 237 -28.42 -14.76 31.55
C LEU C 237 -29.41 -14.37 32.65
N GLU C 238 -28.91 -14.13 33.85
CA GLU C 238 -29.77 -13.77 34.97
C GLU C 238 -29.27 -12.51 35.67
N ARG C 239 -27.95 -12.40 35.82
CA ARG C 239 -27.40 -11.30 36.60
C ARG C 239 -26.04 -10.84 36.11
N ALA C 240 -25.86 -9.53 36.01
CA ALA C 240 -24.57 -8.95 35.66
C ALA C 240 -24.28 -7.70 36.48
N VAL C 241 -23.08 -7.65 37.05
CA VAL C 241 -22.65 -6.50 37.83
C VAL C 241 -21.28 -6.05 37.33
N LEU C 242 -21.19 -4.81 36.90
CA LEU C 242 -19.96 -4.28 36.34
C LEU C 242 -19.50 -3.09 37.18
N GLY C 243 -18.36 -3.27 37.85
CA GLY C 243 -17.76 -2.19 38.64
C GLY C 243 -17.57 -0.98 37.76
N GLU C 244 -17.06 -1.23 36.56
CA GLU C 244 -17.03 -0.22 35.51
C GLU C 244 -17.24 -0.90 34.16
N VAL C 245 -17.39 -0.13 33.10
CA VAL C 245 -17.52 -0.68 31.76
C VAL C 245 -16.20 -0.50 31.02
N LYS C 246 -15.71 -1.57 30.40
CA LYS C 246 -14.41 -1.54 29.72
C LYS C 246 -14.48 -2.06 28.30
N SER C 247 -13.52 -1.64 27.47
CA SER C 247 -13.54 -1.96 26.04
C SER C 247 -12.49 -2.97 25.62
N CYS C 248 -12.04 -3.81 26.57
CA CYS C 248 -11.17 -4.93 26.23
C CYS C 248 -12.02 -6.06 25.67
N THR C 249 -11.41 -7.07 25.08
CA THR C 249 -12.20 -8.17 24.53
C THR C 249 -12.06 -9.39 25.41
N TRP C 250 -13.13 -10.16 25.51
CA TRP C 250 -13.14 -11.33 26.38
C TRP C 250 -12.58 -12.56 25.65
N PRO C 251 -11.57 -13.21 26.26
CA PRO C 251 -10.83 -14.33 25.67
C PRO C 251 -11.70 -15.55 25.40
N GLU C 252 -11.54 -16.16 24.24
CA GLU C 252 -12.27 -17.37 23.90
C GLU C 252 -11.87 -18.53 24.80
N THR C 253 -10.62 -18.49 25.25
CA THR C 253 -10.05 -19.52 26.09
C THR C 253 -10.78 -19.63 27.43
N HIS C 254 -11.33 -18.51 27.89
CA HIS C 254 -12.03 -18.49 29.16
C HIS C 254 -13.53 -18.32 28.94
N THR C 255 -14.03 -18.90 27.86
CA THR C 255 -15.43 -18.70 27.48
C THR C 255 -16.16 -20.04 27.32
N LEU C 256 -17.13 -20.28 28.19
CA LEU C 256 -17.98 -21.45 28.08
C LEU C 256 -18.97 -21.29 26.93
N TRP C 257 -19.36 -22.40 26.33
CA TRP C 257 -20.43 -22.41 25.35
C TRP C 257 -20.14 -21.48 24.18
N GLY C 258 -18.87 -21.41 23.79
CA GLY C 258 -18.44 -20.49 22.76
C GLY C 258 -18.76 -20.91 21.33
N ASP C 259 -19.45 -22.03 21.19
CA ASP C 259 -19.77 -22.56 19.86
C ASP C 259 -21.06 -21.95 19.33
N GLY C 260 -21.16 -21.87 18.01
CA GLY C 260 -22.41 -21.50 17.37
C GLY C 260 -22.89 -20.12 17.77
N ILE C 261 -21.95 -19.17 17.82
CA ILE C 261 -22.24 -17.84 18.33
C ILE C 261 -22.89 -16.92 17.31
N LEU C 262 -24.02 -16.32 17.70
CA LEU C 262 -24.57 -15.16 17.00
C LEU C 262 -24.22 -13.92 17.81
N GLU C 263 -23.39 -13.07 17.24
CA GLU C 263 -22.96 -11.86 17.93
C GLU C 263 -24.15 -10.92 18.15
N SER C 264 -25.14 -10.99 17.27
CA SER C 264 -26.33 -10.15 17.37
C SER C 264 -27.13 -10.44 18.64
N ASP C 265 -27.05 -11.68 19.11
CA ASP C 265 -27.83 -12.14 20.26
C ASP C 265 -27.11 -11.93 21.59
N LEU C 266 -25.83 -11.60 21.53
CA LEU C 266 -25.03 -11.39 22.74
C LEU C 266 -25.48 -10.13 23.49
N ILE C 267 -26.06 -10.33 24.67
CA ILE C 267 -26.57 -9.20 25.45
C ILE C 267 -25.50 -8.15 25.69
N ILE C 268 -24.52 -8.48 26.53
CA ILE C 268 -23.37 -7.62 26.70
C ILE C 268 -22.52 -7.71 25.44
N PRO C 269 -22.36 -6.58 24.73
CA PRO C 269 -21.62 -6.56 23.46
C PRO C 269 -20.19 -7.05 23.59
N VAL C 270 -19.67 -7.61 22.51
CA VAL C 270 -18.31 -8.13 22.45
C VAL C 270 -17.29 -7.01 22.70
N THR C 271 -17.60 -5.83 22.18
CA THR C 271 -16.71 -4.69 22.23
C THR C 271 -16.61 -4.10 23.63
N LEU C 272 -17.50 -4.51 24.52
CA LEU C 272 -17.48 -4.05 25.90
C LEU C 272 -17.13 -5.20 26.84
N ALA C 273 -16.18 -6.04 26.40
CA ALA C 273 -15.68 -7.17 27.17
C ALA C 273 -16.79 -8.17 27.44
N GLY C 274 -17.77 -8.24 26.55
CA GLY C 274 -18.76 -9.28 26.62
C GLY C 274 -18.18 -10.58 26.11
N PRO C 275 -18.35 -11.66 26.88
CA PRO C 275 -17.87 -13.00 26.50
C PRO C 275 -18.67 -13.57 25.35
N ARG C 276 -17.99 -14.15 24.36
CA ARG C 276 -18.68 -14.79 23.25
C ARG C 276 -19.29 -16.12 23.68
N SER C 277 -20.29 -16.03 24.54
CA SER C 277 -20.94 -17.19 25.11
C SER C 277 -22.43 -17.20 24.78
N ASN C 278 -22.99 -18.39 24.64
CA ASN C 278 -24.42 -18.50 24.46
C ASN C 278 -25.11 -18.39 25.83
N HIS C 279 -24.28 -18.17 26.85
CA HIS C 279 -24.75 -17.80 28.18
C HIS C 279 -25.09 -16.31 28.20
N ASN C 280 -24.41 -15.54 27.34
CA ASN C 280 -24.62 -14.11 27.24
C ASN C 280 -25.82 -13.80 26.36
N ARG C 281 -26.95 -14.41 26.68
CA ARG C 281 -28.15 -14.26 25.87
C ARG C 281 -29.39 -14.31 26.76
N ARG C 282 -30.48 -13.76 26.25
CA ARG C 282 -31.79 -13.93 26.87
C ARG C 282 -32.84 -13.93 25.79
N PRO C 283 -33.80 -14.87 25.89
CA PRO C 283 -34.89 -14.97 24.92
C PRO C 283 -35.66 -13.66 24.72
N GLY C 284 -35.80 -13.24 23.47
CA GLY C 284 -36.53 -12.02 23.15
C GLY C 284 -35.69 -10.76 23.20
N TYR C 285 -34.38 -10.92 23.32
CA TYR C 285 -33.47 -9.78 23.38
C TYR C 285 -32.29 -9.95 22.44
N LYS C 286 -31.68 -8.83 22.07
CA LYS C 286 -30.55 -8.86 21.17
C LYS C 286 -29.35 -8.22 21.87
N THR C 287 -28.36 -7.83 21.09
CA THR C 287 -27.24 -7.10 21.64
C THR C 287 -27.71 -5.76 22.15
N GLN C 288 -27.35 -5.43 23.38
CA GLN C 288 -27.73 -4.16 23.94
C GLN C 288 -26.61 -3.18 23.67
N ASN C 289 -26.45 -2.83 22.39
CA ASN C 289 -25.43 -1.90 21.96
C ASN C 289 -25.72 -0.49 22.45
N GLN C 290 -26.99 -0.22 22.74
CA GLN C 290 -27.40 1.09 23.21
C GLN C 290 -27.87 1.05 24.65
N GLY C 291 -27.16 0.27 25.47
CA GLY C 291 -27.41 0.26 26.90
C GLY C 291 -26.67 1.40 27.55
N PRO C 292 -27.02 1.69 28.82
CA PRO C 292 -26.37 2.73 29.61
C PRO C 292 -24.97 2.34 30.03
N TRP C 293 -24.04 2.28 29.09
CA TRP C 293 -22.70 1.80 29.36
C TRP C 293 -21.79 2.90 29.90
N ASP C 294 -22.13 4.14 29.64
CA ASP C 294 -21.28 5.27 29.99
C ASP C 294 -21.65 5.82 31.37
N GLU C 295 -22.41 5.03 32.12
CA GLU C 295 -22.84 5.42 33.46
C GLU C 295 -21.84 5.01 34.53
N GLY C 296 -20.88 4.16 34.13
CA GLY C 296 -19.92 3.63 35.07
C GLY C 296 -20.35 2.25 35.54
N ARG C 297 -20.73 2.15 36.81
CA ARG C 297 -21.22 0.89 37.35
C ARG C 297 -22.56 0.54 36.76
N VAL C 298 -22.67 -0.67 36.23
CA VAL C 298 -23.90 -1.13 35.62
C VAL C 298 -24.30 -2.46 36.21
N GLU C 299 -25.53 -2.52 36.73
CA GLU C 299 -26.04 -3.75 37.30
C GLU C 299 -27.20 -4.24 36.44
N ILE C 300 -27.01 -5.40 35.83
CA ILE C 300 -28.00 -5.94 34.90
C ILE C 300 -28.73 -7.12 35.52
N ASP C 301 -30.05 -7.14 35.37
CA ASP C 301 -30.88 -8.24 35.84
C ASP C 301 -32.22 -8.17 35.14
N PHE C 302 -33.10 -9.13 35.43
CA PHE C 302 -34.39 -9.17 34.75
C PHE C 302 -35.52 -9.06 35.77
N ASP C 303 -36.13 -7.89 35.79
CA ASP C 303 -37.11 -7.51 36.79
C ASP C 303 -37.78 -6.24 36.31
N TYR C 304 -38.66 -5.67 37.13
CA TYR C 304 -39.31 -4.42 36.78
C TYR C 304 -38.66 -3.26 37.52
N CYS C 305 -38.42 -2.17 36.79
CA CYS C 305 -37.93 -0.94 37.39
C CYS C 305 -39.00 -0.42 38.33
N PRO C 306 -38.61 -0.06 39.57
CA PRO C 306 -39.52 0.34 40.64
C PRO C 306 -40.63 1.27 40.19
N GLY C 307 -41.87 0.85 40.34
CA GLY C 307 -43.02 1.66 39.98
C GLY C 307 -43.33 1.70 38.49
N THR C 308 -42.80 0.76 37.72
CA THR C 308 -43.04 0.73 36.28
C THR C 308 -43.71 -0.56 35.83
N THR C 309 -44.35 -0.52 34.65
CA THR C 309 -44.99 -1.70 34.08
C THR C 309 -44.56 -1.90 32.63
N VAL C 310 -44.22 -3.13 32.29
CA VAL C 310 -43.87 -3.48 30.91
C VAL C 310 -44.91 -4.47 30.40
N THR C 311 -45.36 -4.26 29.16
CA THR C 311 -46.40 -5.12 28.59
C THR C 311 -46.12 -5.39 27.11
N LEU C 312 -46.50 -6.58 26.66
CA LEU C 312 -46.34 -6.95 25.26
C LEU C 312 -47.41 -6.26 24.42
N SER C 313 -46.99 -5.68 23.30
CA SER C 313 -47.94 -5.07 22.38
C SER C 313 -47.32 -4.92 21.01
N GLU C 314 -48.11 -5.19 19.98
CA GLU C 314 -47.67 -4.99 18.60
C GLU C 314 -47.76 -3.51 18.25
N SER C 315 -48.60 -2.79 19.00
CA SER C 315 -48.73 -1.36 18.82
C SER C 315 -47.50 -0.65 19.39
N CYS C 316 -46.72 -1.37 20.18
CA CYS C 316 -45.50 -0.81 20.76
C CYS C 316 -44.48 -0.53 19.66
N GLY C 317 -43.41 0.17 20.02
CA GLY C 317 -42.40 0.58 19.05
C GLY C 317 -41.23 -0.37 19.01
N HIS C 318 -40.40 -0.21 17.98
CA HIS C 318 -39.25 -1.09 17.80
C HIS C 318 -38.12 -0.70 18.74
N ARG C 319 -37.09 -1.55 18.82
CA ARG C 319 -36.00 -1.34 19.76
C ARG C 319 -35.25 -0.04 19.49
N GLY C 320 -34.82 0.63 20.56
CA GLY C 320 -34.06 1.85 20.46
C GLY C 320 -33.23 2.01 21.71
N PRO C 321 -32.54 3.15 21.86
CA PRO C 321 -31.63 3.40 22.97
C PRO C 321 -32.24 3.13 24.34
N ALA C 322 -31.50 2.45 25.20
CA ALA C 322 -31.96 2.16 26.56
C ALA C 322 -32.40 3.44 27.24
N THR C 323 -33.63 3.42 27.74
CA THR C 323 -34.22 4.62 28.30
C THR C 323 -34.34 4.46 29.81
N ARG C 324 -34.21 5.56 30.54
CA ARG C 324 -34.34 5.51 31.98
C ARG C 324 -35.78 5.77 32.35
N THR C 325 -36.20 5.22 33.48
CA THR C 325 -37.56 5.38 33.97
C THR C 325 -37.77 6.80 34.46
N THR C 326 -36.77 7.31 35.15
CA THR C 326 -36.78 8.70 35.60
C THR C 326 -36.19 9.62 34.53
N THR C 327 -36.90 10.72 34.27
CA THR C 327 -36.41 11.73 33.33
C THR C 327 -35.48 12.72 34.04
N GLU C 328 -34.92 13.66 33.29
CA GLU C 328 -33.98 14.63 33.84
C GLU C 328 -34.62 15.46 34.95
N SER C 329 -35.91 15.75 34.79
CA SER C 329 -36.68 16.39 35.85
C SER C 329 -36.83 15.45 37.04
N GLY C 330 -36.97 14.16 36.76
CA GLY C 330 -37.17 13.17 37.80
C GLY C 330 -38.51 12.45 37.74
N LYS C 331 -39.37 12.87 36.83
CA LYS C 331 -40.70 12.29 36.68
C LYS C 331 -40.67 10.79 36.37
N LEU C 332 -41.54 10.03 37.04
CA LEU C 332 -41.63 8.59 36.81
C LEU C 332 -42.51 8.24 35.62
N ILE C 333 -42.10 7.21 34.90
CA ILE C 333 -42.85 6.72 33.76
C ILE C 333 -43.42 5.35 34.04
N THR C 334 -44.74 5.28 34.14
CA THR C 334 -45.41 4.06 34.57
C THR C 334 -45.53 3.02 33.45
N ASP C 335 -45.96 3.47 32.27
CA ASP C 335 -46.32 2.53 31.22
C ASP C 335 -45.27 2.38 30.13
N TRP C 336 -44.67 1.19 30.08
CA TRP C 336 -43.74 0.83 29.02
C TRP C 336 -44.33 -0.33 28.21
N CYS C 337 -43.75 -0.58 27.05
CA CYS C 337 -44.15 -1.73 26.28
C CYS C 337 -42.96 -2.33 25.57
N CYS C 338 -43.18 -3.49 24.98
CA CYS C 338 -42.20 -4.15 24.12
C CYS C 338 -42.93 -5.05 23.16
N ARG C 339 -42.28 -5.37 22.05
CA ARG C 339 -42.90 -6.18 21.02
C ARG C 339 -42.64 -7.67 21.25
N SER C 340 -41.38 -8.07 21.17
CA SER C 340 -41.04 -9.49 21.22
C SER C 340 -40.07 -9.84 22.35
N CYS C 341 -39.94 -8.97 23.35
CA CYS C 341 -39.09 -9.28 24.49
C CYS C 341 -39.81 -10.27 25.43
N THR C 342 -39.07 -10.84 26.37
CA THR C 342 -39.67 -11.70 27.38
C THR C 342 -39.80 -10.99 28.73
N LEU C 343 -40.42 -11.66 29.69
CA LEU C 343 -40.61 -11.08 31.02
C LEU C 343 -40.20 -12.09 32.09
N PRO C 344 -39.64 -11.61 33.22
CA PRO C 344 -39.37 -10.21 33.60
C PRO C 344 -38.39 -9.49 32.67
N PRO C 345 -38.60 -8.18 32.48
CA PRO C 345 -37.89 -7.42 31.46
C PRO C 345 -36.47 -7.06 31.85
N LEU C 346 -35.65 -6.79 30.84
CA LEU C 346 -34.25 -6.43 31.04
C LEU C 346 -34.17 -5.14 31.86
N ARG C 347 -33.34 -5.16 32.91
CA ARG C 347 -33.26 -4.02 33.82
C ARG C 347 -31.80 -3.63 34.05
N TYR C 348 -31.54 -2.33 33.96
CA TYR C 348 -30.24 -1.79 34.33
C TYR C 348 -30.37 -1.07 35.66
N GLN C 349 -29.37 -1.20 36.52
CA GLN C 349 -29.32 -0.37 37.72
C GLN C 349 -28.09 0.49 37.65
N THR C 350 -28.28 1.77 37.91
CA THR C 350 -27.24 2.77 37.74
C THR C 350 -27.40 3.80 38.85
N ASP C 351 -26.30 4.44 39.22
CA ASP C 351 -26.30 5.52 40.22
C ASP C 351 -27.40 6.54 39.93
N SER C 352 -27.57 6.85 38.64
CA SER C 352 -28.56 7.83 38.22
C SER C 352 -29.98 7.29 38.30
N GLY C 353 -30.13 5.98 38.15
CA GLY C 353 -31.43 5.37 38.19
C GLY C 353 -31.47 4.01 37.52
N CYS C 354 -32.68 3.57 37.16
CA CYS C 354 -32.84 2.28 36.53
C CYS C 354 -33.40 2.45 35.12
N TRP C 355 -33.02 1.53 34.24
CA TRP C 355 -33.34 1.63 32.82
C TRP C 355 -33.89 0.31 32.34
N TYR C 356 -34.68 0.35 31.26
CA TYR C 356 -35.11 -0.88 30.63
C TYR C 356 -34.28 -1.17 29.38
N GLY C 357 -34.42 -2.39 28.85
CA GLY C 357 -33.66 -2.81 27.70
C GLY C 357 -34.09 -2.10 26.43
N MET C 358 -33.26 -2.22 25.40
CA MET C 358 -33.50 -1.53 24.13
C MET C 358 -34.85 -1.85 23.51
N GLU C 359 -35.27 -3.11 23.63
CA GLU C 359 -36.53 -3.55 23.03
C GLU C 359 -37.72 -2.99 23.80
N ILE C 360 -37.47 -2.52 25.02
CA ILE C 360 -38.53 -1.95 25.84
C ILE C 360 -38.71 -0.49 25.47
N ARG C 361 -39.95 -0.12 25.19
CA ARG C 361 -40.25 1.25 24.78
C ARG C 361 -41.38 1.82 25.63
N PRO C 362 -41.42 3.16 25.76
CA PRO C 362 -42.49 3.83 26.50
C PRO C 362 -43.83 3.70 25.79
N GLN C 363 -44.87 3.37 26.55
CA GLN C 363 -46.21 3.24 25.99
C GLN C 363 -46.75 4.57 25.46
N ARG C 364 -46.49 5.65 26.21
CA ARG C 364 -47.16 6.92 25.98
C ARG C 364 -46.30 8.05 25.41
N HIS C 365 -44.98 7.94 25.56
CA HIS C 365 -44.11 9.09 25.32
C HIS C 365 -43.73 9.45 23.90
N ASP C 366 -43.46 10.73 23.71
CA ASP C 366 -42.63 11.21 22.62
C ASP C 366 -41.21 10.87 23.04
N GLU C 367 -40.32 10.70 22.08
CA GLU C 367 -39.03 10.07 22.35
C GLU C 367 -37.96 11.05 22.82
N LYS C 368 -38.01 12.28 22.34
CA LYS C 368 -37.03 13.30 22.70
C LYS C 368 -37.09 13.67 24.18
N THR C 369 -38.23 13.44 24.82
CA THR C 369 -38.48 13.94 26.17
C THR C 369 -37.71 13.18 27.25
N LEU C 370 -37.20 11.99 26.92
CA LEU C 370 -36.63 11.11 27.94
C LEU C 370 -35.11 10.97 27.86
N VAL C 371 -34.53 10.46 28.95
CA VAL C 371 -33.10 10.17 29.02
C VAL C 371 -32.78 8.87 28.31
N GLN C 372 -31.97 8.95 27.27
CA GLN C 372 -31.61 7.77 26.49
C GLN C 372 -30.10 7.64 26.38
N SER C 373 -29.62 6.40 26.45
CA SER C 373 -28.21 6.12 26.27
C SER C 373 -27.76 6.62 24.90
N GLN C 374 -26.60 7.26 24.86
CA GLN C 374 -26.08 7.77 23.61
C GLN C 374 -24.84 6.97 23.25
N VAL C 375 -24.85 5.71 23.68
CA VAL C 375 -23.74 4.80 23.43
C VAL C 375 -24.10 3.86 22.29
N ASN C 376 -23.19 3.76 21.32
CA ASN C 376 -23.33 2.81 20.23
C ASN C 376 -22.04 2.03 20.06
N ALA C 377 -22.06 0.77 20.51
CA ALA C 377 -20.85 -0.04 20.54
C ALA C 377 -21.14 -1.49 20.14
N ALA D 25 -25.47 -21.20 45.79
CA ALA D 25 -24.07 -21.04 45.40
C ALA D 25 -23.14 -21.58 46.47
N ASP D 26 -21.85 -21.68 46.15
CA ASP D 26 -20.88 -22.23 47.08
C ASP D 26 -20.33 -21.14 48.03
N THR D 27 -20.25 -21.48 49.31
CA THR D 27 -19.66 -20.61 50.31
C THR D 27 -18.56 -21.36 51.05
N GLY D 28 -17.39 -20.75 51.17
CA GLY D 28 -16.26 -21.40 51.82
C GLY D 28 -14.98 -20.60 51.75
N CYS D 29 -13.88 -21.26 52.04
CA CYS D 29 -12.57 -20.61 52.11
C CYS D 29 -11.54 -21.55 51.49
N ALA D 30 -10.51 -20.99 50.87
CA ALA D 30 -9.50 -21.82 50.21
C ALA D 30 -8.15 -21.14 50.11
N ILE D 31 -7.11 -21.96 50.00
CA ILE D 31 -5.73 -21.49 49.90
C ILE D 31 -5.24 -21.50 48.46
N ASP D 32 -5.08 -20.32 47.86
CA ASP D 32 -4.59 -20.21 46.51
C ASP D 32 -3.10 -19.85 46.49
N ILE D 33 -2.27 -20.85 46.22
CA ILE D 33 -0.82 -20.66 46.15
C ILE D 33 -0.41 -19.68 45.05
N SER D 34 -1.08 -19.80 43.91
CA SER D 34 -0.76 -19.00 42.73
C SER D 34 -0.83 -17.50 43.02
N ARG D 35 -1.89 -17.08 43.71
CA ARG D 35 -2.04 -15.68 44.06
C ARG D 35 -1.50 -15.41 45.47
N GLN D 36 -0.95 -16.46 46.08
CA GLN D 36 -0.36 -16.37 47.41
C GLN D 36 -1.29 -15.65 48.39
N GLU D 37 -2.47 -16.22 48.60
CA GLU D 37 -3.50 -15.59 49.43
C GLU D 37 -4.48 -16.61 49.98
N LEU D 38 -5.09 -16.27 51.12
CA LEU D 38 -6.18 -17.06 51.67
C LEU D 38 -7.46 -16.22 51.67
N ARG D 39 -8.50 -16.74 51.04
CA ARG D 39 -9.73 -15.97 50.87
C ARG D 39 -10.97 -16.78 51.25
N CYS D 40 -12.00 -16.07 51.68
CA CYS D 40 -13.28 -16.68 52.03
C CYS D 40 -14.43 -15.86 51.45
N GLY D 41 -15.48 -16.55 50.99
CA GLY D 41 -16.66 -15.88 50.48
C GLY D 41 -17.46 -16.78 49.55
N SER D 42 -18.55 -16.24 49.01
CA SER D 42 -19.40 -17.01 48.10
C SER D 42 -18.75 -17.12 46.73
N GLY D 43 -19.11 -18.18 46.00
CA GLY D 43 -18.58 -18.41 44.66
C GLY D 43 -18.82 -19.83 44.17
N VAL D 44 -17.84 -20.42 43.50
CA VAL D 44 -17.96 -21.76 42.94
C VAL D 44 -16.68 -22.59 43.13
N PHE D 45 -16.80 -23.77 43.74
CA PHE D 45 -15.66 -24.64 44.01
C PHE D 45 -15.74 -25.96 43.24
N ILE D 46 -14.73 -26.23 42.41
CA ILE D 46 -14.63 -27.49 41.69
C ILE D 46 -13.67 -28.45 42.39
N HIS D 47 -14.14 -29.66 42.69
CA HIS D 47 -13.33 -30.62 43.44
C HIS D 47 -12.79 -31.75 42.59
N ASN D 48 -11.66 -32.31 43.02
CA ASN D 48 -11.12 -33.50 42.39
C ASN D 48 -11.61 -34.74 43.12
N ASP D 49 -12.67 -35.35 42.59
CA ASP D 49 -13.25 -36.53 43.21
C ASP D 49 -12.84 -37.78 42.44
N VAL D 50 -12.06 -37.58 41.38
CA VAL D 50 -11.62 -38.69 40.54
C VAL D 50 -10.40 -39.34 41.16
N GLU D 51 -9.61 -38.54 41.86
CA GLU D 51 -8.41 -39.03 42.54
C GLU D 51 -8.82 -39.73 43.82
N ALA D 52 -9.85 -39.21 44.46
CA ALA D 52 -10.35 -39.79 45.69
C ALA D 52 -10.88 -41.19 45.45
N TRP D 53 -10.29 -42.15 46.17
CA TRP D 53 -10.69 -43.55 46.06
C TRP D 53 -12.11 -43.69 46.59
N MET D 54 -12.40 -43.00 47.69
CA MET D 54 -13.72 -43.08 48.29
C MET D 54 -14.78 -42.50 47.37
N ASP D 55 -15.92 -43.17 47.32
CA ASP D 55 -17.03 -42.73 46.50
C ASP D 55 -17.88 -41.78 47.32
N ARG D 56 -17.47 -40.53 47.37
CA ARG D 56 -18.15 -39.51 48.16
C ARG D 56 -19.56 -39.26 47.66
N TYR D 57 -19.86 -39.76 46.47
CA TYR D 57 -21.21 -39.68 45.93
C TYR D 57 -21.78 -41.06 45.71
N LYS D 58 -23.09 -41.19 45.87
CA LYS D 58 -23.76 -42.45 45.63
C LYS D 58 -25.05 -42.25 44.86
N TYR D 59 -25.35 -43.21 43.99
CA TYR D 59 -26.57 -43.17 43.21
C TYR D 59 -27.68 -43.92 43.93
N TYR D 60 -28.90 -43.39 43.86
CA TYR D 60 -30.06 -44.06 44.38
C TYR D 60 -31.27 -43.79 43.51
N PRO D 61 -31.99 -44.85 43.14
CA PRO D 61 -33.26 -44.68 42.45
C PRO D 61 -34.22 -43.90 43.33
N GLU D 62 -35.00 -43.01 42.75
CA GLU D 62 -35.96 -42.25 43.52
C GLU D 62 -36.95 -43.22 44.15
N THR D 63 -37.39 -44.18 43.35
CA THR D 63 -38.28 -45.23 43.81
C THR D 63 -37.92 -46.59 43.22
N PRO D 64 -37.63 -47.57 44.08
CA PRO D 64 -37.37 -48.93 43.61
C PRO D 64 -38.60 -49.55 42.96
N GLN D 65 -39.77 -49.30 43.53
CA GLN D 65 -41.02 -49.86 43.01
C GLN D 65 -41.35 -49.28 41.63
N GLY D 66 -41.10 -47.99 41.47
CA GLY D 66 -41.34 -47.32 40.21
C GLY D 66 -40.34 -47.86 39.19
N LEU D 67 -39.09 -47.96 39.61
CA LEU D 67 -38.02 -48.45 38.75
C LEU D 67 -38.33 -49.86 38.25
N ALA D 68 -38.88 -50.69 39.12
CA ALA D 68 -39.26 -52.05 38.77
C ALA D 68 -40.23 -52.06 37.59
N LYS D 69 -41.28 -51.26 37.70
CA LYS D 69 -42.32 -51.19 36.69
C LYS D 69 -41.76 -50.65 35.37
N ILE D 70 -40.74 -49.81 35.46
CA ILE D 70 -40.09 -49.25 34.28
C ILE D 70 -39.49 -50.39 33.47
N ILE D 71 -38.83 -51.30 34.17
CA ILE D 71 -38.07 -52.37 33.55
C ILE D 71 -38.97 -53.36 32.82
N GLN D 72 -40.06 -53.75 33.48
CA GLN D 72 -41.00 -54.69 32.85
C GLN D 72 -41.63 -54.06 31.61
N LYS D 73 -41.81 -52.74 31.64
CA LYS D 73 -42.32 -52.02 30.47
C LYS D 73 -41.25 -51.96 29.39
N ALA D 74 -40.00 -51.76 29.80
CA ALA D 74 -38.90 -51.82 28.86
C ALA D 74 -38.83 -53.21 28.24
N HIS D 75 -38.95 -54.23 29.09
CA HIS D 75 -39.00 -55.61 28.65
C HIS D 75 -40.16 -55.84 27.70
N LYS D 76 -41.34 -55.39 28.10
CA LYS D 76 -42.52 -55.47 27.24
C LYS D 76 -42.24 -54.86 25.87
N GLU D 77 -41.57 -53.71 25.87
CA GLU D 77 -41.23 -53.02 24.63
C GLU D 77 -40.15 -53.78 23.85
N GLY D 78 -39.54 -54.76 24.51
CA GLY D 78 -38.56 -55.60 23.85
C GLY D 78 -37.12 -55.25 24.18
N VAL D 79 -36.91 -54.68 25.36
CA VAL D 79 -35.56 -54.32 25.76
C VAL D 79 -34.92 -55.45 26.57
N CYS D 80 -33.87 -56.04 26.01
CA CYS D 80 -33.21 -57.19 26.61
C CYS D 80 -32.42 -56.84 27.85
N GLY D 81 -31.78 -55.67 27.84
CA GLY D 81 -30.91 -55.30 28.93
C GLY D 81 -30.43 -53.86 28.89
N LEU D 82 -29.27 -53.59 29.47
CA LEU D 82 -28.83 -52.21 29.66
C LEU D 82 -27.31 -52.05 29.69
N ARG D 83 -26.85 -50.88 29.27
CA ARG D 83 -25.45 -50.53 29.37
C ARG D 83 -25.32 -49.28 30.23
N SER D 84 -24.57 -49.39 31.32
CA SER D 84 -24.34 -48.26 32.20
C SER D 84 -23.46 -47.23 31.50
N VAL D 85 -23.64 -45.97 31.87
CA VAL D 85 -22.83 -44.88 31.31
C VAL D 85 -21.48 -44.85 32.01
N SER D 86 -21.50 -45.10 33.31
CA SER D 86 -20.30 -44.97 34.13
C SER D 86 -20.23 -46.03 35.22
N ARG D 87 -19.06 -46.17 35.81
CA ARG D 87 -18.81 -47.11 36.89
C ARG D 87 -19.75 -46.91 38.08
N LEU D 88 -20.04 -45.66 38.39
CA LEU D 88 -20.90 -45.33 39.52
C LEU D 88 -22.33 -45.74 39.24
N GLU D 89 -22.76 -45.59 37.99
CA GLU D 89 -24.07 -46.07 37.57
C GLU D 89 -24.07 -47.59 37.68
N HIS D 90 -23.04 -48.21 37.13
CA HIS D 90 -22.83 -49.66 37.21
C HIS D 90 -22.91 -50.15 38.65
N GLN D 91 -22.23 -49.42 39.54
CA GLN D 91 -22.22 -49.76 40.97
C GLN D 91 -23.60 -49.66 41.58
N MET D 92 -24.37 -48.66 41.17
CA MET D 92 -25.73 -48.48 41.68
C MET D 92 -26.57 -49.71 41.41
N TRP D 93 -26.45 -50.24 40.20
CA TRP D 93 -27.20 -51.42 39.81
C TRP D 93 -26.83 -52.62 40.68
N GLU D 94 -25.55 -52.70 41.05
CA GLU D 94 -25.05 -53.81 41.84
C GLU D 94 -25.77 -53.98 43.17
N ALA D 95 -25.93 -52.88 43.89
CA ALA D 95 -26.52 -52.92 45.21
C ALA D 95 -28.03 -53.12 45.16
N VAL D 96 -28.66 -52.52 44.15
CA VAL D 96 -30.12 -52.49 44.07
C VAL D 96 -30.70 -53.77 43.47
N LYS D 97 -29.87 -54.53 42.77
CA LYS D 97 -30.35 -55.66 41.97
C LYS D 97 -31.09 -56.69 42.81
N ASP D 98 -30.61 -56.91 44.03
CA ASP D 98 -31.26 -57.85 44.94
C ASP D 98 -32.67 -57.36 45.26
N GLU D 99 -32.75 -56.11 45.68
CA GLU D 99 -34.01 -55.50 46.10
C GLU D 99 -35.01 -55.45 44.96
N LEU D 100 -34.51 -55.24 43.75
CA LEU D 100 -35.37 -55.22 42.58
C LEU D 100 -36.01 -56.58 42.33
N ASN D 101 -35.17 -57.61 42.28
CA ASN D 101 -35.62 -58.96 41.97
C ASN D 101 -36.59 -59.49 43.02
N THR D 102 -36.31 -59.14 44.28
CA THR D 102 -37.21 -59.49 45.37
C THR D 102 -38.58 -58.91 45.11
N LEU D 103 -38.62 -57.63 44.75
CA LEU D 103 -39.87 -57.00 44.37
C LEU D 103 -40.45 -57.71 43.15
N LEU D 104 -39.62 -57.90 42.13
CA LEU D 104 -40.05 -58.52 40.88
C LEU D 104 -40.74 -59.85 41.11
N LYS D 105 -40.28 -60.60 42.11
CA LYS D 105 -40.86 -61.91 42.37
C LYS D 105 -42.03 -61.78 43.34
N GLU D 106 -41.89 -60.91 44.34
CA GLU D 106 -43.00 -60.66 45.26
C GLU D 106 -44.15 -60.01 44.49
N ASN D 107 -43.82 -59.25 43.45
CA ASN D 107 -44.83 -58.73 42.54
C ASN D 107 -45.36 -59.87 41.67
N GLY D 108 -44.50 -60.84 41.39
CA GLY D 108 -44.87 -61.98 40.58
C GLY D 108 -44.49 -61.78 39.13
N VAL D 109 -43.72 -60.74 38.85
CA VAL D 109 -43.25 -60.49 37.51
C VAL D 109 -42.20 -61.54 37.17
N ASP D 110 -42.27 -62.08 35.96
CA ASP D 110 -41.39 -63.16 35.55
C ASP D 110 -39.93 -62.72 35.38
N LEU D 111 -39.75 -61.47 34.94
CA LEU D 111 -38.40 -60.96 34.65
C LEU D 111 -37.55 -60.81 35.91
N SER D 112 -36.23 -61.01 35.76
CA SER D 112 -35.27 -60.80 36.84
C SER D 112 -34.01 -60.12 36.31
N VAL D 113 -33.43 -59.24 37.12
CA VAL D 113 -32.29 -58.44 36.68
C VAL D 113 -30.96 -59.13 36.93
N VAL D 114 -30.15 -59.22 35.88
CA VAL D 114 -28.81 -59.77 35.96
C VAL D 114 -27.79 -58.65 35.74
N VAL D 115 -26.96 -58.39 36.74
CA VAL D 115 -25.95 -57.33 36.61
C VAL D 115 -24.59 -57.94 36.29
N GLU D 116 -24.14 -57.75 35.04
CA GLU D 116 -22.90 -58.34 34.59
C GLU D 116 -21.75 -57.38 34.80
N LYS D 117 -20.61 -57.93 35.21
CA LYS D 117 -19.42 -57.13 35.48
C LYS D 117 -18.94 -56.41 34.22
N GLN D 118 -18.56 -55.16 34.38
CA GLN D 118 -18.08 -54.36 33.27
C GLN D 118 -16.60 -54.02 33.42
N GLU D 119 -15.78 -54.55 32.52
CA GLU D 119 -14.38 -54.18 32.44
C GLU D 119 -14.11 -53.50 31.12
N GLY D 120 -13.44 -52.36 31.17
CA GLY D 120 -13.19 -51.60 29.97
C GLY D 120 -14.14 -50.44 29.85
N MET D 121 -14.29 -49.93 28.63
CA MET D 121 -15.12 -48.76 28.39
C MET D 121 -16.61 -49.07 28.43
N TYR D 122 -17.39 -48.07 28.83
CA TYR D 122 -18.84 -48.21 28.91
C TYR D 122 -19.48 -47.63 27.67
N LYS D 123 -19.92 -48.50 26.77
CA LYS D 123 -20.44 -48.05 25.48
C LYS D 123 -21.90 -47.61 25.58
N SER D 124 -22.37 -46.98 24.51
CA SER D 124 -23.72 -46.42 24.48
C SER D 124 -24.74 -47.43 23.98
N ALA D 125 -26.01 -47.04 23.99
CA ALA D 125 -27.09 -47.90 23.53
C ALA D 125 -28.29 -47.05 23.14
N PRO D 126 -28.87 -47.35 21.97
CA PRO D 126 -29.93 -46.56 21.34
C PRO D 126 -31.26 -46.56 22.09
N LYS D 127 -31.57 -47.66 22.78
CA LYS D 127 -32.81 -47.74 23.52
C LYS D 127 -32.70 -46.90 24.78
N ARG D 128 -33.86 -46.42 25.25
CA ARG D 128 -33.93 -45.60 26.45
C ARG D 128 -35.13 -46.07 27.26
N LEU D 129 -34.97 -46.07 28.58
CA LEU D 129 -36.08 -46.44 29.45
C LEU D 129 -37.13 -45.35 29.38
N THR D 130 -38.40 -45.75 29.37
CA THR D 130 -39.48 -44.79 29.27
C THR D 130 -39.99 -44.48 30.66
N ALA D 131 -40.29 -43.21 30.91
CA ALA D 131 -40.80 -42.81 32.22
C ALA D 131 -42.28 -43.12 32.29
N THR D 132 -42.72 -43.62 33.44
CA THR D 132 -44.13 -43.98 33.63
C THR D 132 -44.46 -44.04 35.12
N THR D 133 -45.75 -44.20 35.41
CA THR D 133 -46.33 -44.18 36.77
C THR D 133 -46.09 -42.85 37.48
N GLU D 134 -47.06 -42.45 38.30
CA GLU D 134 -47.15 -41.11 38.86
C GLU D 134 -48.09 -41.09 40.06
N ALA D 150 -30.34 -64.24 48.84
CA ALA D 150 -31.77 -64.04 49.05
C ALA D 150 -32.61 -64.33 47.80
N PRO D 151 -32.37 -63.62 46.69
CA PRO D 151 -33.28 -63.86 45.57
C PRO D 151 -33.02 -65.20 44.89
N GLU D 152 -34.05 -65.77 44.28
CA GLU D 152 -33.91 -67.04 43.58
C GLU D 152 -33.39 -66.82 42.17
N LEU D 153 -33.25 -67.90 41.41
CA LEU D 153 -33.02 -67.80 39.99
C LEU D 153 -34.36 -67.40 39.38
N ALA D 154 -34.42 -67.22 38.06
CA ALA D 154 -35.70 -66.87 37.43
C ALA D 154 -35.75 -67.17 35.95
N ASN D 155 -36.93 -67.00 35.37
CA ASN D 155 -37.18 -67.41 33.99
C ASN D 155 -36.67 -66.41 32.94
N ASN D 156 -36.94 -65.13 33.13
CA ASN D 156 -36.51 -64.11 32.16
C ASN D 156 -35.49 -63.16 32.77
N THR D 157 -34.52 -62.75 31.96
CA THR D 157 -33.42 -61.91 32.46
C THR D 157 -33.39 -60.50 31.84
N PHE D 158 -33.01 -59.51 32.65
CA PHE D 158 -32.65 -58.18 32.18
C PHE D 158 -31.15 -57.97 32.41
N VAL D 159 -30.39 -57.82 31.33
CA VAL D 159 -28.94 -57.83 31.44
C VAL D 159 -28.34 -56.44 31.59
N VAL D 160 -27.54 -56.25 32.64
CA VAL D 160 -26.86 -54.98 32.82
C VAL D 160 -25.37 -55.13 32.49
N ASP D 161 -24.90 -54.36 31.51
CA ASP D 161 -23.49 -54.32 31.15
C ASP D 161 -22.96 -55.70 30.76
N GLY D 162 -21.69 -55.93 31.04
CA GLY D 162 -21.03 -57.17 30.65
C GLY D 162 -20.53 -57.10 29.23
N PRO D 163 -20.04 -58.23 28.70
CA PRO D 163 -19.52 -58.27 27.33
C PRO D 163 -20.63 -58.27 26.28
N GLU D 164 -20.26 -58.04 25.03
CA GLU D 164 -21.23 -58.10 23.94
C GLU D 164 -21.71 -59.53 23.75
N THR D 165 -23.03 -59.71 23.74
CA THR D 165 -23.62 -61.03 23.56
C THR D 165 -24.63 -61.01 22.42
N LYS D 166 -24.88 -62.17 21.83
CA LYS D 166 -25.93 -62.28 20.82
C LYS D 166 -27.26 -62.49 21.52
N GLU D 167 -27.18 -62.88 22.79
CA GLU D 167 -28.35 -63.06 23.62
C GLU D 167 -28.99 -61.71 23.93
N CYS D 168 -28.16 -60.73 24.29
CA CYS D 168 -28.64 -59.38 24.56
C CYS D 168 -27.71 -58.39 23.88
N PRO D 169 -27.88 -58.22 22.57
CA PRO D 169 -27.07 -57.26 21.81
C PRO D 169 -27.35 -55.83 22.29
N THR D 170 -26.36 -54.95 22.13
CA THR D 170 -26.49 -53.59 22.64
C THR D 170 -27.59 -52.81 21.93
N GLN D 171 -27.82 -53.13 20.66
CA GLN D 171 -28.89 -52.51 19.90
C GLN D 171 -30.27 -52.63 20.56
N ASN D 172 -30.41 -53.60 21.45
CA ASN D 172 -31.64 -53.77 22.21
C ASN D 172 -31.41 -53.45 23.69
N ARG D 173 -30.39 -52.65 23.98
CA ARG D 173 -30.09 -52.27 25.35
C ARG D 173 -30.34 -50.78 25.59
N ALA D 174 -30.57 -50.43 26.85
CA ALA D 174 -30.78 -49.06 27.24
C ALA D 174 -29.47 -48.48 27.78
N TRP D 175 -29.39 -47.15 27.78
CA TRP D 175 -28.20 -46.44 28.21
C TRP D 175 -28.50 -44.97 28.37
N ASN D 176 -28.02 -44.37 29.46
CA ASN D 176 -28.18 -42.94 29.70
C ASN D 176 -29.66 -42.54 29.85
N SER D 177 -30.44 -43.43 30.43
CA SER D 177 -31.87 -43.20 30.59
C SER D 177 -32.20 -42.46 31.88
N LEU D 178 -31.19 -42.28 32.73
CA LEU D 178 -31.39 -41.63 34.01
C LEU D 178 -30.57 -40.36 34.15
N GLU D 179 -31.02 -39.49 35.05
CA GLU D 179 -30.33 -38.24 35.35
C GLU D 179 -30.60 -37.88 36.81
N VAL D 180 -29.71 -37.10 37.41
CA VAL D 180 -29.84 -36.74 38.81
C VAL D 180 -30.99 -35.75 39.00
N GLU D 181 -31.98 -36.15 39.79
CA GLU D 181 -33.08 -35.27 40.13
C GLU D 181 -32.65 -34.28 41.21
N ASP D 182 -32.04 -34.80 42.26
CA ASP D 182 -31.60 -33.95 43.36
C ASP D 182 -30.56 -34.66 44.22
N PHE D 183 -30.03 -33.93 45.19
CA PHE D 183 -29.04 -34.51 46.08
C PHE D 183 -29.62 -34.74 47.47
N GLY D 184 -29.03 -35.66 48.20
CA GLY D 184 -29.42 -35.91 49.57
C GLY D 184 -28.17 -35.86 50.42
N PHE D 185 -28.29 -35.24 51.58
CA PHE D 185 -27.16 -35.17 52.49
C PHE D 185 -26.76 -36.55 52.97
N GLY D 186 -25.48 -36.85 52.83
CA GLY D 186 -24.93 -38.07 53.40
C GLY D 186 -23.78 -37.73 54.31
N LEU D 187 -23.73 -38.40 55.45
CA LEU D 187 -22.65 -38.21 56.41
C LEU D 187 -21.33 -38.68 55.82
N THR D 188 -21.35 -39.89 55.27
CA THR D 188 -20.18 -40.50 54.68
C THR D 188 -20.12 -40.29 53.17
N SER D 189 -21.28 -40.19 52.54
CA SER D 189 -21.33 -40.08 51.09
C SER D 189 -22.60 -39.39 50.63
N THR D 190 -22.45 -38.40 49.75
CA THR D 190 -23.58 -37.63 49.24
C THR D 190 -24.48 -38.51 48.40
N ARG D 191 -25.78 -38.43 48.65
CA ARG D 191 -26.74 -39.24 47.91
C ARG D 191 -27.22 -38.50 46.68
N MET D 192 -27.25 -39.20 45.55
CA MET D 192 -27.71 -38.61 44.30
C MET D 192 -28.89 -39.41 43.77
N PHE D 193 -30.08 -38.81 43.83
CA PHE D 193 -31.29 -39.51 43.44
C PHE D 193 -31.51 -39.40 41.93
N LEU D 194 -31.59 -40.55 41.26
CA LEU D 194 -31.76 -40.57 39.81
C LEU D 194 -33.23 -40.54 39.42
N LYS D 195 -33.50 -40.17 38.18
CA LYS D 195 -34.84 -40.20 37.63
C LYS D 195 -34.78 -40.42 36.12
N VAL D 196 -35.89 -40.85 35.55
CA VAL D 196 -35.94 -41.17 34.12
C VAL D 196 -35.94 -39.90 33.26
N ARG D 197 -35.03 -39.86 32.29
CA ARG D 197 -34.98 -38.76 31.35
C ARG D 197 -36.19 -38.79 30.42
N GLU D 198 -36.84 -37.64 30.25
CA GLU D 198 -37.96 -37.54 29.34
C GLU D 198 -37.48 -37.30 27.91
N SER D 199 -36.46 -36.47 27.75
CA SER D 199 -35.85 -36.25 26.45
C SER D 199 -34.85 -37.34 26.13
N ASN D 200 -34.51 -37.47 24.85
CA ASN D 200 -33.54 -38.47 24.41
C ASN D 200 -32.23 -37.79 24.04
N THR D 201 -31.19 -38.07 24.81
CA THR D 201 -29.89 -37.45 24.56
C THR D 201 -28.74 -38.45 24.66
N THR D 202 -27.58 -38.02 24.20
CA THR D 202 -26.35 -38.78 24.35
C THR D 202 -25.47 -38.02 25.32
N GLU D 203 -25.96 -36.88 25.77
CA GLU D 203 -25.20 -35.97 26.63
C GLU D 203 -25.03 -36.48 28.04
N CYS D 204 -23.82 -36.33 28.56
CA CYS D 204 -23.52 -36.69 29.95
C CYS D 204 -24.36 -35.84 30.90
N ASP D 205 -24.62 -36.37 32.09
CA ASP D 205 -25.43 -35.65 33.07
C ASP D 205 -24.73 -34.38 33.52
N SER D 206 -25.39 -33.25 33.28
CA SER D 206 -24.81 -31.94 33.54
C SER D 206 -24.57 -31.67 35.03
N LYS D 207 -25.54 -32.07 35.85
CA LYS D 207 -25.50 -31.83 37.30
C LYS D 207 -24.15 -32.10 37.97
N ILE D 208 -23.57 -33.27 37.69
CA ILE D 208 -22.34 -33.69 38.34
C ILE D 208 -21.08 -33.14 37.67
N ILE D 209 -21.26 -32.38 36.58
CA ILE D 209 -20.12 -31.84 35.84
C ILE D 209 -19.58 -30.59 36.51
N GLY D 210 -18.26 -30.51 36.62
CA GLY D 210 -17.62 -29.31 37.10
C GLY D 210 -16.54 -28.88 36.13
N THR D 211 -16.66 -27.66 35.63
CA THR D 211 -15.73 -27.13 34.65
C THR D 211 -15.32 -25.74 35.11
N ALA D 212 -14.02 -25.44 35.07
CA ALA D 212 -13.53 -24.17 35.61
C ALA D 212 -12.14 -23.82 35.11
N VAL D 213 -11.83 -22.53 35.15
CA VAL D 213 -10.50 -22.04 34.84
C VAL D 213 -10.14 -20.84 35.72
N LYS D 214 -8.99 -20.94 36.39
CA LYS D 214 -8.50 -19.87 37.25
C LYS D 214 -7.00 -20.05 37.45
N ASN D 215 -6.27 -18.94 37.53
CA ASN D 215 -4.82 -18.97 37.71
C ASN D 215 -4.12 -19.83 36.65
N ASN D 216 -4.65 -19.79 35.43
CA ASN D 216 -4.08 -20.49 34.28
C ASN D 216 -4.10 -22.02 34.44
N LEU D 217 -5.14 -22.51 35.10
CA LEU D 217 -5.44 -23.94 35.16
C LEU D 217 -6.84 -24.18 34.63
N ALA D 218 -6.96 -25.00 33.58
CA ALA D 218 -8.25 -25.26 32.97
C ALA D 218 -8.69 -26.69 33.20
N ILE D 219 -9.91 -26.86 33.69
CA ILE D 219 -10.40 -28.16 34.11
C ILE D 219 -11.78 -28.47 33.54
N HIS D 220 -11.89 -29.64 32.94
CA HIS D 220 -13.19 -30.22 32.63
C HIS D 220 -13.31 -31.45 33.49
N SER D 221 -14.36 -31.53 34.29
CA SER D 221 -14.45 -32.65 35.22
C SER D 221 -15.90 -33.07 35.50
N ASP D 222 -16.02 -34.34 35.86
CA ASP D 222 -17.23 -34.88 36.46
C ASP D 222 -16.76 -35.88 37.51
N LEU D 223 -17.63 -36.81 37.88
CA LEU D 223 -17.28 -37.80 38.89
C LEU D 223 -16.27 -38.82 38.38
N SER D 224 -16.18 -38.96 37.07
CA SER D 224 -15.32 -39.96 36.48
C SER D 224 -14.19 -39.38 35.64
N TYR D 225 -14.36 -38.14 35.18
CA TYR D 225 -13.38 -37.53 34.28
C TYR D 225 -12.70 -36.35 34.94
N TRP D 226 -11.38 -36.30 34.83
CA TRP D 226 -10.64 -35.12 35.23
C TRP D 226 -9.68 -34.75 34.11
N ILE D 227 -10.02 -33.71 33.36
CA ILE D 227 -9.21 -33.32 32.21
C ILE D 227 -8.51 -32.01 32.55
N GLU D 228 -7.19 -32.07 32.57
CA GLU D 228 -6.40 -30.95 33.06
C GLU D 228 -5.50 -30.39 31.98
N SER D 229 -5.72 -29.13 31.64
CA SER D 229 -4.87 -28.45 30.68
C SER D 229 -4.31 -27.23 31.37
N ARG D 230 -3.04 -26.94 31.12
CA ARG D 230 -2.37 -25.86 31.82
C ARG D 230 -1.74 -24.87 30.86
N LEU D 231 -1.48 -23.66 31.36
CA LEU D 231 -0.80 -22.63 30.57
C LEU D 231 0.68 -22.58 30.89
N ASN D 232 1.49 -23.20 30.02
CA ASN D 232 2.93 -23.03 30.10
C ASN D 232 3.30 -21.85 29.21
N ASP D 233 3.94 -22.14 28.07
CA ASP D 233 4.10 -21.14 27.02
C ASP D 233 2.73 -20.89 26.40
N THR D 234 2.01 -21.97 26.16
CA THR D 234 0.66 -21.89 25.59
C THR D 234 -0.33 -22.70 26.41
N TRP D 235 -1.58 -22.71 25.94
CA TRP D 235 -2.60 -23.56 26.53
C TRP D 235 -2.64 -24.90 25.81
N LYS D 236 -2.57 -25.97 26.58
CA LYS D 236 -2.62 -27.30 26.02
C LYS D 236 -2.92 -28.33 27.11
N LEU D 237 -3.35 -29.51 26.67
CA LEU D 237 -3.65 -30.61 27.59
C LEU D 237 -2.37 -31.04 28.29
N GLU D 238 -2.49 -31.36 29.57
CA GLU D 238 -1.33 -31.76 30.35
C GLU D 238 -1.59 -33.05 31.09
N ARG D 239 -2.82 -33.19 31.59
CA ARG D 239 -3.13 -34.32 32.44
C ARG D 239 -4.58 -34.75 32.26
N ALA D 240 -4.80 -36.05 32.15
CA ALA D 240 -6.15 -36.60 32.09
C ALA D 240 -6.21 -37.87 32.92
N VAL D 241 -7.22 -37.97 33.78
CA VAL D 241 -7.42 -39.17 34.60
C VAL D 241 -8.85 -39.62 34.45
N LEU D 242 -9.03 -40.84 33.96
CA LEU D 242 -10.35 -41.37 33.72
C LEU D 242 -10.56 -42.65 34.53
N GLY D 243 -11.47 -42.59 35.50
CA GLY D 243 -11.84 -43.77 36.28
C GLY D 243 -12.32 -44.85 35.34
N GLU D 244 -13.18 -44.47 34.39
CA GLU D 244 -13.55 -45.32 33.27
C GLU D 244 -13.73 -44.48 32.02
N VAL D 245 -13.90 -45.13 30.86
CA VAL D 245 -14.16 -44.43 29.61
C VAL D 245 -15.63 -44.59 29.25
N LYS D 246 -16.29 -43.50 28.89
CA LYS D 246 -17.73 -43.54 28.60
C LYS D 246 -18.07 -42.89 27.26
N SER D 247 -19.20 -43.32 26.68
CA SER D 247 -19.57 -42.86 25.34
C SER D 247 -20.73 -41.88 25.37
N CYS D 248 -20.90 -41.19 26.48
CA CYS D 248 -21.85 -40.08 26.53
C CYS D 248 -21.18 -38.88 25.88
N THR D 249 -21.92 -37.83 25.57
CA THR D 249 -21.30 -36.68 24.94
C THR D 249 -21.14 -35.53 25.91
N TRP D 250 -20.07 -34.77 25.74
CA TRP D 250 -19.77 -33.67 26.64
C TRP D 250 -20.51 -32.40 26.20
N PRO D 251 -21.27 -31.81 27.12
CA PRO D 251 -22.13 -30.65 26.83
C PRO D 251 -21.37 -29.41 26.38
N GLU D 252 -21.86 -28.75 25.34
CA GLU D 252 -21.26 -27.52 24.87
C GLU D 252 -21.41 -26.41 25.89
N THR D 253 -22.47 -26.49 26.67
CA THR D 253 -22.76 -25.49 27.69
C THR D 253 -21.68 -25.47 28.76
N HIS D 254 -21.04 -26.62 28.98
CA HIS D 254 -20.01 -26.73 30.01
C HIS D 254 -18.63 -26.89 29.37
N THR D 255 -18.43 -26.26 28.23
CA THR D 255 -17.20 -26.47 27.47
C THR D 255 -16.52 -25.14 27.20
N LEU D 256 -15.34 -24.97 27.78
CA LEU D 256 -14.54 -23.78 27.54
C LEU D 256 -13.94 -23.85 26.15
N TRP D 257 -13.73 -22.69 25.54
CA TRP D 257 -12.97 -22.59 24.31
C TRP D 257 -13.60 -23.43 23.20
N GLY D 258 -14.92 -23.48 23.17
CA GLY D 258 -15.66 -24.29 22.23
C GLY D 258 -15.74 -23.76 20.81
N ASP D 259 -15.09 -22.62 20.56
CA ASP D 259 -15.14 -21.98 19.25
C ASP D 259 -14.07 -22.49 18.31
N GLY D 260 -14.35 -22.45 17.01
CA GLY D 260 -13.36 -22.75 15.99
C GLY D 260 -12.81 -24.16 16.10
N ILE D 261 -13.71 -25.11 16.35
CA ILE D 261 -13.29 -26.48 16.66
C ILE D 261 -12.96 -27.34 15.43
N LEU D 262 -11.76 -27.93 15.48
CA LEU D 262 -11.42 -29.04 14.61
C LEU D 262 -11.55 -30.33 15.40
N GLU D 263 -12.49 -31.18 15.01
CA GLU D 263 -12.72 -32.44 15.71
C GLU D 263 -11.49 -33.34 15.59
N SER D 264 -10.76 -33.18 14.49
CA SER D 264 -9.58 -33.98 14.23
C SER D 264 -8.45 -33.79 15.24
N ASP D 265 -8.36 -32.60 15.83
CA ASP D 265 -7.27 -32.28 16.74
C ASP D 265 -7.57 -32.67 18.18
N LEU D 266 -8.82 -33.01 18.45
CA LEU D 266 -9.24 -33.36 19.81
C LEU D 266 -8.64 -34.69 20.29
N ILE D 267 -7.77 -34.60 21.29
CA ILE D 267 -7.09 -35.78 21.81
C ILE D 267 -8.08 -36.83 22.28
N ILE D 268 -8.78 -36.55 23.37
CA ILE D 268 -9.87 -37.42 23.79
C ILE D 268 -11.03 -37.17 22.83
N PRO D 269 -11.42 -38.21 22.08
CA PRO D 269 -12.47 -38.13 21.05
C PRO D 269 -13.80 -37.65 21.60
N VAL D 270 -14.60 -37.03 20.74
CA VAL D 270 -15.92 -36.54 21.10
C VAL D 270 -16.80 -37.69 21.55
N THR D 271 -16.64 -38.82 20.88
CA THR D 271 -17.48 -40.00 21.09
C THR D 271 -17.17 -40.67 22.43
N LEU D 272 -16.06 -40.27 23.04
CA LEU D 272 -15.68 -40.80 24.35
C LEU D 272 -15.76 -39.72 25.41
N ALA D 273 -16.81 -38.90 25.32
CA ALA D 273 -17.10 -37.83 26.28
C ALA D 273 -15.97 -36.83 26.33
N GLY D 274 -15.26 -36.69 25.21
CA GLY D 274 -14.27 -35.65 25.08
C GLY D 274 -14.97 -34.32 24.90
N PRO D 275 -14.56 -33.31 25.67
CA PRO D 275 -15.13 -31.97 25.55
C PRO D 275 -14.72 -31.34 24.23
N ARG D 276 -15.66 -30.72 23.53
CA ARG D 276 -15.30 -30.02 22.30
C ARG D 276 -14.61 -28.73 22.65
N SER D 277 -13.42 -28.86 23.23
CA SER D 277 -12.64 -27.72 23.67
C SER D 277 -11.30 -27.69 22.96
N ASN D 278 -10.79 -26.48 22.74
CA ASN D 278 -9.47 -26.35 22.15
C ASN D 278 -8.42 -26.53 23.25
N HIS D 279 -8.91 -26.81 24.46
CA HIS D 279 -8.09 -27.26 25.56
C HIS D 279 -7.79 -28.74 25.41
N ASN D 280 -8.69 -29.44 24.73
CA ASN D 280 -8.54 -30.88 24.53
C ASN D 280 -7.63 -31.14 23.34
N ARG D 281 -6.44 -30.56 23.40
CA ARG D 281 -5.48 -30.66 22.31
C ARG D 281 -4.04 -30.65 22.80
N ARG D 282 -3.14 -31.15 21.95
CA ARG D 282 -1.70 -31.00 22.15
C ARG D 282 -1.01 -30.90 20.78
N PRO D 283 -0.06 -29.97 20.65
CA PRO D 283 0.71 -29.77 19.41
C PRO D 283 1.40 -31.02 18.89
N GLY D 284 1.18 -31.34 17.62
CA GLY D 284 1.82 -32.49 16.99
C GLY D 284 1.05 -33.78 17.18
N TYR D 285 -0.16 -33.68 17.70
CA TYR D 285 -1.00 -34.85 17.90
C TYR D 285 -2.40 -34.60 17.36
N LYS D 286 -3.12 -35.67 17.04
CA LYS D 286 -4.47 -35.54 16.51
C LYS D 286 -5.44 -36.29 17.40
N THR D 287 -6.62 -36.60 16.88
CA THR D 287 -7.58 -37.39 17.64
C THR D 287 -7.01 -38.77 17.92
N GLN D 288 -7.06 -39.17 19.18
CA GLN D 288 -6.59 -40.49 19.56
C GLN D 288 -7.76 -41.47 19.55
N ASN D 289 -8.27 -41.75 18.37
CA ASN D 289 -9.38 -42.67 18.19
C ASN D 289 -8.97 -44.10 18.49
N GLN D 290 -7.66 -44.36 18.39
CA GLN D 290 -7.13 -45.69 18.61
C GLN D 290 -6.30 -45.73 19.87
N GLY D 291 -6.75 -45.05 20.92
CA GLY D 291 -6.11 -45.12 22.21
C GLY D 291 -6.57 -46.34 22.98
N PRO D 292 -5.87 -46.67 24.07
CA PRO D 292 -6.25 -47.79 24.94
C PRO D 292 -7.51 -47.47 25.75
N TRP D 293 -8.64 -47.39 25.08
CA TRP D 293 -9.87 -46.94 25.72
C TRP D 293 -10.62 -48.05 26.43
N ASP D 294 -10.39 -49.29 26.02
CA ASP D 294 -11.13 -50.43 26.57
C ASP D 294 -10.38 -51.06 27.74
N GLU D 295 -9.40 -50.34 28.27
CA GLU D 295 -8.61 -50.83 29.39
C GLU D 295 -9.25 -50.49 30.73
N GLY D 296 -10.27 -49.64 30.71
CA GLY D 296 -10.90 -49.19 31.93
C GLY D 296 -10.35 -47.85 32.35
N ARG D 297 -9.61 -47.84 33.46
CA ARG D 297 -8.97 -46.63 33.94
C ARG D 297 -7.85 -46.21 32.99
N VAL D 298 -7.89 -44.96 32.55
CA VAL D 298 -6.89 -44.44 31.64
C VAL D 298 -6.33 -43.15 32.20
N GLU D 299 -5.01 -43.09 32.35
CA GLU D 299 -4.36 -41.88 32.81
C GLU D 299 -3.47 -41.34 31.71
N ILE D 300 -3.82 -40.17 31.20
CA ILE D 300 -3.11 -39.60 30.08
C ILE D 300 -2.25 -38.44 30.56
N ASP D 301 -1.02 -38.39 30.06
CA ASP D 301 -0.10 -37.31 30.40
C ASP D 301 1.02 -37.30 29.39
N PHE D 302 1.93 -36.33 29.53
CA PHE D 302 2.99 -36.18 28.58
C PHE D 302 4.35 -36.33 29.25
N ASP D 303 4.95 -37.50 29.02
CA ASP D 303 6.15 -37.91 29.70
C ASP D 303 6.63 -39.15 28.98
N TYR D 304 7.69 -39.78 29.48
CA TYR D 304 8.20 -40.99 28.87
C TYR D 304 7.75 -42.22 29.63
N CYS D 305 7.33 -43.24 28.87
CA CYS D 305 7.00 -44.52 29.45
C CYS D 305 8.29 -45.08 30.02
N PRO D 306 8.25 -45.52 31.29
CA PRO D 306 9.42 -45.97 32.05
C PRO D 306 10.36 -46.86 31.25
N GLY D 307 11.60 -46.41 31.08
CA GLY D 307 12.60 -47.19 30.37
C GLY D 307 12.48 -47.14 28.86
N THR D 308 11.73 -46.17 28.35
CA THR D 308 11.56 -46.05 26.91
C THR D 308 12.06 -44.70 26.40
N THR D 309 12.34 -44.64 25.10
CA THR D 309 12.80 -43.40 24.47
C THR D 309 11.99 -43.10 23.22
N VAL D 310 11.53 -41.86 23.09
CA VAL D 310 10.83 -41.43 21.88
C VAL D 310 11.65 -40.35 21.21
N THR D 311 11.78 -40.44 19.89
CA THR D 311 12.60 -39.50 19.14
C THR D 311 11.96 -39.14 17.80
N LEU D 312 12.22 -37.92 17.36
CA LEU D 312 11.70 -37.46 16.08
C LEU D 312 12.51 -38.03 14.93
N SER D 313 11.81 -38.52 13.92
CA SER D 313 12.45 -39.00 12.71
C SER D 313 11.45 -39.05 11.57
N GLU D 314 11.90 -38.67 10.39
CA GLU D 314 11.07 -38.76 9.20
C GLU D 314 11.05 -40.20 8.72
N SER D 315 12.07 -40.95 9.12
CA SER D 315 12.15 -42.36 8.79
C SER D 315 11.17 -43.19 9.62
N CYS D 316 10.66 -42.59 10.70
CA CYS D 316 9.68 -43.26 11.54
C CYS D 316 8.37 -43.47 10.78
N GLY D 317 7.45 -44.22 11.37
CA GLY D 317 6.22 -44.56 10.68
C GLY D 317 5.07 -43.64 11.04
N HIS D 318 4.00 -43.73 10.26
CA HIS D 318 2.85 -42.87 10.44
C HIS D 318 1.99 -43.34 11.60
N ARG D 319 1.01 -42.52 11.99
CA ARG D 319 0.20 -42.83 13.16
C ARG D 319 -0.59 -44.11 12.97
N GLY D 320 -0.71 -44.87 14.06
CA GLY D 320 -1.47 -46.12 14.06
C GLY D 320 -1.93 -46.41 15.48
N PRO D 321 -2.57 -47.56 15.69
CA PRO D 321 -3.13 -47.91 17.00
C PRO D 321 -2.15 -47.75 18.15
N ALA D 322 -2.61 -47.14 19.24
CA ALA D 322 -1.78 -46.97 20.44
C ALA D 322 -1.18 -48.28 20.88
N THR D 323 0.14 -48.29 21.02
CA THR D 323 0.87 -49.50 21.30
C THR D 323 1.43 -49.46 22.73
N ARG D 324 1.50 -50.62 23.36
CA ARG D 324 2.03 -50.70 24.72
C ARG D 324 3.52 -50.97 24.69
N THR D 325 4.22 -50.54 25.73
CA THR D 325 5.66 -50.74 25.83
C THR D 325 6.02 -52.20 26.14
N THR D 326 5.26 -52.82 27.04
CA THR D 326 5.42 -54.24 27.34
C THR D 326 4.57 -55.10 26.42
N THR D 327 5.15 -56.17 25.88
CA THR D 327 4.39 -57.10 25.06
C THR D 327 3.68 -58.13 25.93
N GLU D 328 2.91 -59.00 25.30
CA GLU D 328 2.14 -60.02 26.02
C GLU D 328 3.09 -60.90 26.85
N SER D 329 4.30 -61.12 26.33
CA SER D 329 5.32 -61.81 27.09
C SER D 329 5.75 -60.99 28.30
N GLY D 330 5.79 -59.68 28.14
CA GLY D 330 6.27 -58.80 29.19
C GLY D 330 7.53 -58.06 28.79
N LYS D 331 8.06 -58.39 27.60
CA LYS D 331 9.28 -57.77 27.09
C LYS D 331 9.16 -56.26 26.94
N LEU D 332 10.20 -55.55 27.36
CA LEU D 332 10.27 -54.11 27.28
C LEU D 332 10.77 -53.63 25.92
N ILE D 333 10.22 -52.51 25.46
CA ILE D 333 10.64 -51.90 24.21
C ILE D 333 11.29 -50.54 24.45
N THR D 334 12.58 -50.46 24.20
CA THR D 334 13.32 -49.25 24.55
C THR D 334 13.12 -48.13 23.53
N ASP D 335 13.24 -48.46 22.25
CA ASP D 335 13.33 -47.41 21.22
C ASP D 335 12.04 -47.17 20.45
N TRP D 336 11.47 -45.98 20.66
CA TRP D 336 10.30 -45.54 19.90
C TRP D 336 10.65 -44.31 19.07
N CYS D 337 9.80 -43.99 18.11
CA CYS D 337 9.97 -42.76 17.34
C CYS D 337 8.62 -42.16 16.99
N CYS D 338 8.67 -40.96 16.43
CA CYS D 338 7.49 -40.30 15.90
C CYS D 338 7.96 -39.32 14.83
N ARG D 339 7.03 -38.90 13.98
CA ARG D 339 7.39 -37.99 12.90
C ARG D 339 7.29 -36.53 13.32
N SER D 340 6.07 -36.09 13.60
CA SER D 340 5.82 -34.67 13.87
C SER D 340 5.18 -34.43 15.23
N CYS D 341 5.29 -35.38 16.15
CA CYS D 341 4.75 -35.18 17.48
C CYS D 341 5.67 -34.26 18.28
N THR D 342 5.19 -33.78 19.42
CA THR D 342 6.02 -32.98 20.32
C THR D 342 6.53 -33.79 21.50
N LEU D 343 7.37 -33.17 22.32
CA LEU D 343 7.93 -33.84 23.48
C LEU D 343 7.79 -32.94 24.70
N PRO D 344 7.55 -33.53 25.90
CA PRO D 344 7.43 -34.95 26.23
C PRO D 344 6.27 -35.64 25.52
N PRO D 345 6.42 -36.94 25.20
CA PRO D 345 5.47 -37.64 24.33
C PRO D 345 4.17 -38.02 25.02
N LEU D 346 3.11 -38.24 24.24
CA LEU D 346 1.81 -38.61 24.77
C LEU D 346 1.95 -39.95 25.46
N ARG D 347 1.45 -40.02 26.69
CA ARG D 347 1.61 -41.23 27.49
C ARG D 347 0.30 -41.68 28.10
N TYR D 348 0.02 -42.96 27.97
CA TYR D 348 -1.11 -43.57 28.65
C TYR D 348 -0.62 -44.42 29.81
N GLN D 349 -1.34 -44.41 30.92
CA GLN D 349 -1.07 -45.33 32.00
C GLN D 349 -2.29 -46.22 32.24
N THR D 350 -2.05 -47.51 32.38
CA THR D 350 -3.11 -48.49 32.48
C THR D 350 -2.64 -49.58 33.43
N ASP D 351 -3.59 -50.24 34.09
CA ASP D 351 -3.31 -51.37 34.98
C ASP D 351 -2.36 -52.37 34.33
N SER D 352 -2.55 -52.59 33.03
CA SER D 352 -1.73 -53.54 32.29
C SER D 352 -0.34 -53.00 32.02
N GLY D 353 -0.22 -51.68 31.92
CA GLY D 353 1.06 -51.06 31.62
C GLY D 353 0.91 -49.65 31.05
N CYS D 354 1.95 -49.17 30.38
CA CYS D 354 1.91 -47.82 29.82
C CYS D 354 2.02 -47.87 28.30
N TRP D 355 1.41 -46.89 27.64
CA TRP D 355 1.30 -46.86 26.19
C TRP D 355 1.70 -45.47 25.70
N TYR D 356 2.16 -45.41 24.46
CA TYR D 356 2.41 -44.13 23.81
C TYR D 356 1.26 -43.78 22.87
N GLY D 357 1.22 -42.53 22.41
CA GLY D 357 0.16 -42.06 21.54
C GLY D 357 0.24 -42.64 20.15
N MET D 358 -0.83 -42.48 19.38
CA MET D 358 -0.93 -43.04 18.05
C MET D 358 0.21 -42.61 17.14
N GLU D 359 0.65 -41.37 17.29
CA GLU D 359 1.72 -40.83 16.46
C GLU D 359 3.08 -41.42 16.83
N ILE D 360 3.14 -42.02 18.01
CA ILE D 360 4.38 -42.66 18.46
C ILE D 360 4.45 -44.08 17.94
N ARG D 361 5.54 -44.41 17.26
CA ARG D 361 5.71 -45.72 16.68
C ARG D 361 7.02 -46.36 17.11
N PRO D 362 7.07 -47.69 17.11
CA PRO D 362 8.30 -48.41 17.46
C PRO D 362 9.40 -48.19 16.42
N GLN D 363 10.60 -47.93 16.90
CA GLN D 363 11.75 -47.70 16.03
C GLN D 363 12.13 -48.96 15.25
N ARG D 364 12.09 -50.10 15.93
CA ARG D 364 12.68 -51.33 15.40
C ARG D 364 11.70 -52.44 15.03
N HIS D 365 10.49 -52.39 15.56
CA HIS D 365 9.59 -53.55 15.52
C HIS D 365 8.80 -53.80 14.24
N ASP D 366 8.48 -55.07 14.02
CA ASP D 366 7.35 -55.46 13.17
C ASP D 366 6.10 -55.21 14.00
N GLU D 367 4.97 -54.97 13.35
CA GLU D 367 3.81 -54.41 14.03
C GLU D 367 2.90 -55.45 14.68
N LYS D 368 2.79 -56.63 14.07
CA LYS D 368 1.91 -57.67 14.58
C LYS D 368 2.35 -58.19 15.96
N THR D 369 3.62 -58.04 16.27
CA THR D 369 4.21 -58.67 17.46
C THR D 369 3.81 -57.99 18.76
N LEU D 370 3.30 -56.77 18.70
CA LEU D 370 3.09 -55.98 19.91
C LEU D 370 1.62 -55.80 20.27
N VAL D 371 1.37 -55.41 21.51
CA VAL D 371 0.03 -55.11 21.99
C VAL D 371 -0.43 -53.73 21.51
N GLN D 372 -1.50 -53.70 20.73
CA GLN D 372 -2.03 -52.46 20.19
C GLN D 372 -3.50 -52.32 20.51
N SER D 373 -3.92 -51.09 20.81
CA SER D 373 -5.32 -50.81 21.06
C SER D 373 -6.15 -51.22 19.83
N GLN D 374 -7.27 -51.88 20.08
CA GLN D 374 -8.12 -52.34 19.00
C GLN D 374 -9.43 -51.56 19.02
N VAL D 375 -9.34 -50.34 19.52
CA VAL D 375 -10.51 -49.49 19.65
C VAL D 375 -10.52 -48.45 18.55
N ASN D 376 -11.66 -48.32 17.90
CA ASN D 376 -11.85 -47.28 16.88
C ASN D 376 -13.15 -46.53 17.17
N ALA D 377 -13.00 -45.32 17.69
CA ALA D 377 -14.14 -44.53 18.13
C ALA D 377 -13.98 -43.06 17.76
N ALA E 25 51.11 25.92 -26.79
CA ALA E 25 50.23 25.84 -25.63
C ALA E 25 50.86 26.49 -24.40
N ASP E 26 50.09 26.65 -23.34
CA ASP E 26 50.57 27.27 -22.11
C ASP E 26 51.21 26.25 -21.18
N THR E 27 52.35 26.62 -20.60
CA THR E 27 53.04 25.78 -19.62
C THR E 27 53.24 26.58 -18.34
N GLY E 28 52.89 25.99 -17.20
CA GLY E 28 53.04 26.68 -15.94
C GLY E 28 52.52 25.92 -14.73
N CYS E 29 52.38 26.64 -13.63
CA CYS E 29 51.97 26.05 -12.35
C CYS E 29 51.02 27.00 -11.64
N ALA E 30 50.07 26.46 -10.88
CA ALA E 30 49.11 27.31 -10.20
C ALA E 30 48.50 26.64 -8.98
N ILE E 31 48.01 27.46 -8.07
CA ILE E 31 47.41 26.98 -6.82
C ILE E 31 45.89 26.97 -6.93
N ASP E 32 45.30 25.79 -7.00
CA ASP E 32 43.85 25.66 -7.06
C ASP E 32 43.29 25.34 -5.69
N ILE E 33 42.72 26.37 -5.06
CA ILE E 33 42.12 26.23 -3.74
C ILE E 33 40.95 25.24 -3.76
N SER E 34 40.16 25.31 -4.81
CA SER E 34 38.96 24.49 -4.93
C SER E 34 39.25 23.01 -4.81
N ARG E 35 40.28 22.55 -5.52
CA ARG E 35 40.69 21.16 -5.48
C ARG E 35 41.80 20.96 -4.46
N GLN E 36 42.15 22.04 -3.76
CA GLN E 36 43.19 22.03 -2.74
C GLN E 36 44.47 21.35 -3.23
N GLU E 37 45.09 21.93 -4.25
CA GLU E 37 46.26 21.32 -4.84
C GLU E 37 47.14 22.32 -5.59
N LEU E 38 48.42 22.00 -5.70
CA LEU E 38 49.33 22.75 -6.54
C LEU E 38 49.80 21.84 -7.66
N ARG E 39 49.57 22.25 -8.90
CA ARG E 39 49.88 21.42 -10.05
C ARG E 39 50.63 22.21 -11.09
N CYS E 40 51.45 21.51 -11.87
CA CYS E 40 52.21 22.12 -12.94
C CYS E 40 52.10 21.27 -14.19
N GLY E 41 52.07 21.92 -15.35
CA GLY E 41 52.04 21.22 -16.62
C GLY E 41 51.50 22.07 -17.73
N SER E 42 51.41 21.50 -18.93
CA SER E 42 50.88 22.22 -20.08
C SER E 42 49.37 22.34 -19.97
N GLY E 43 48.80 23.36 -20.61
CA GLY E 43 47.37 23.56 -20.58
C GLY E 43 46.97 24.95 -21.04
N VAL E 44 45.98 25.52 -20.37
CA VAL E 44 45.47 26.85 -20.73
C VAL E 44 45.19 27.68 -19.48
N PHE E 45 45.79 28.87 -19.41
CA PHE E 45 45.61 29.76 -18.26
C PHE E 45 44.87 31.04 -18.66
N ILE E 46 43.73 31.29 -18.02
CA ILE E 46 42.98 32.52 -18.25
C ILE E 46 43.28 33.54 -17.16
N HIS E 47 43.71 34.73 -17.56
CA HIS E 47 44.10 35.77 -16.62
C HIS E 47 43.07 36.89 -16.55
N ASN E 48 43.01 37.54 -15.39
CA ASN E 48 42.18 38.72 -15.20
C ASN E 48 43.00 39.99 -15.43
N ASP E 49 42.89 40.56 -16.63
CA ASP E 49 43.65 41.76 -16.98
C ASP E 49 42.77 42.99 -16.91
N VAL E 50 41.50 42.79 -16.57
CA VAL E 50 40.54 43.90 -16.50
C VAL E 50 40.69 44.60 -15.15
N GLU E 51 41.08 43.84 -14.13
CA GLU E 51 41.29 44.38 -12.80
C GLU E 51 42.61 45.14 -12.71
N ALA E 52 43.62 44.64 -13.42
CA ALA E 52 44.93 45.26 -13.44
C ALA E 52 44.89 46.65 -14.07
N TRP E 53 45.32 47.64 -13.29
CA TRP E 53 45.38 49.01 -13.75
C TRP E 53 46.36 49.15 -14.89
N MET E 54 47.51 48.49 -14.76
CA MET E 54 48.52 48.56 -15.79
C MET E 54 48.05 47.92 -17.08
N ASP E 55 48.40 48.56 -18.19
CA ASP E 55 48.04 48.04 -19.49
C ASP E 55 49.17 47.12 -19.92
N ARG E 56 49.10 45.89 -19.44
CA ARG E 56 50.13 44.89 -19.71
C ARG E 56 50.21 44.57 -21.19
N TYR E 57 49.23 45.04 -21.93
CA TYR E 57 49.23 44.90 -23.38
C TYR E 57 49.21 46.26 -24.04
N LYS E 58 49.84 46.36 -25.21
CA LYS E 58 49.83 47.59 -25.97
C LYS E 58 49.62 47.31 -27.45
N TYR E 59 48.89 48.20 -28.11
CA TYR E 59 48.63 48.06 -29.53
C TYR E 59 49.67 48.84 -30.34
N TYR E 60 50.08 48.28 -31.47
CA TYR E 60 50.98 49.00 -32.37
C TYR E 60 50.63 48.67 -33.81
N PRO E 61 50.51 49.71 -34.64
CA PRO E 61 50.34 49.47 -36.07
C PRO E 61 51.52 48.69 -36.62
N GLU E 62 51.27 47.75 -37.51
CA GLU E 62 52.33 46.96 -38.12
C GLU E 62 53.26 47.90 -38.88
N THR E 63 52.64 48.82 -39.62
CA THR E 63 53.39 49.86 -40.31
C THR E 63 52.67 51.20 -40.22
N PRO E 64 53.34 52.21 -39.65
CA PRO E 64 52.79 53.57 -39.60
C PRO E 64 52.63 54.16 -40.99
N GLN E 65 53.61 53.89 -41.86
CA GLN E 65 53.60 54.40 -43.23
C GLN E 65 52.45 53.80 -44.01
N GLY E 66 52.19 52.52 -43.77
CA GLY E 66 51.09 51.84 -44.41
C GLY E 66 49.81 52.41 -43.85
N LEU E 67 49.76 52.55 -42.53
CA LEU E 67 48.59 53.09 -41.85
C LEU E 67 48.25 54.48 -42.38
N ALA E 68 49.28 55.27 -42.62
CA ALA E 68 49.11 56.61 -43.18
C ALA E 68 48.33 56.56 -44.49
N LYS E 69 48.79 55.71 -45.41
CA LYS E 69 48.18 55.60 -46.73
C LYS E 69 46.76 55.04 -46.68
N ILE E 70 46.47 54.23 -45.65
CA ILE E 70 45.14 53.66 -45.48
C ILE E 70 44.11 54.77 -45.26
N ILE E 71 44.48 55.72 -44.40
CA ILE E 71 43.55 56.75 -43.96
C ILE E 71 43.17 57.70 -45.09
N GLN E 72 44.16 58.12 -45.87
CA GLN E 72 43.93 59.02 -46.99
C GLN E 72 43.03 58.34 -48.03
N LYS E 73 43.19 57.02 -48.16
CA LYS E 73 42.33 56.25 -49.05
C LYS E 73 40.93 56.14 -48.46
N ALA E 74 40.86 55.93 -47.15
CA ALA E 74 39.57 55.95 -46.47
C ALA E 74 38.98 57.33 -46.67
N HIS E 75 39.82 58.34 -46.47
CA HIS E 75 39.45 59.72 -46.72
C HIS E 75 38.99 59.86 -48.16
N LYS E 76 39.79 59.33 -49.09
CA LYS E 76 39.43 59.33 -50.51
C LYS E 76 38.05 58.76 -50.75
N GLU E 77 37.74 57.64 -50.08
CA GLU E 77 36.44 57.00 -50.22
C GLU E 77 35.34 57.81 -49.56
N GLY E 78 35.72 58.83 -48.78
CA GLY E 78 34.76 59.71 -48.16
C GLY E 78 34.56 59.42 -46.68
N VAL E 79 35.58 58.88 -46.05
CA VAL E 79 35.51 58.57 -44.61
C VAL E 79 36.04 59.73 -43.79
N CYS E 80 35.15 60.33 -43.02
CA CYS E 80 35.48 61.50 -42.22
C CYS E 80 36.37 61.17 -41.03
N GLY E 81 36.15 60.01 -40.43
CA GLY E 81 36.87 59.65 -39.23
C GLY E 81 36.69 58.23 -38.77
N LEU E 82 36.81 58.01 -37.47
CA LEU E 82 36.85 56.65 -36.93
C LEU E 82 36.33 56.57 -35.50
N ARG E 83 35.77 55.41 -35.15
CA ARG E 83 35.36 55.14 -33.79
C ARG E 83 36.15 53.93 -33.26
N SER E 84 36.87 54.12 -32.16
CA SER E 84 37.61 53.02 -31.57
C SER E 84 36.64 52.00 -30.98
N VAL E 85 37.07 50.75 -30.97
CA VAL E 85 36.27 49.66 -30.42
C VAL E 85 36.40 49.63 -28.90
N SER E 86 37.61 49.89 -28.42
CA SER E 86 37.92 49.75 -27.01
C SER E 86 38.87 50.86 -26.55
N ARG E 87 38.98 51.00 -25.23
CA ARG E 87 39.86 51.99 -24.63
C ARG E 87 41.29 51.84 -25.12
N LEU E 88 41.72 50.60 -25.30
CA LEU E 88 43.09 50.32 -25.72
C LEU E 88 43.32 50.71 -27.18
N GLU E 89 42.33 50.50 -28.04
CA GLU E 89 42.42 50.95 -29.42
C GLU E 89 42.53 52.47 -29.42
N HIS E 90 41.63 53.09 -28.67
CA HIS E 90 41.62 54.53 -28.48
C HIS E 90 42.99 55.04 -28.03
N GLN E 91 43.56 54.37 -27.03
CA GLN E 91 44.87 54.74 -26.52
C GLN E 91 45.97 54.60 -27.56
N MET E 92 45.87 53.54 -28.37
CA MET E 92 46.86 53.32 -29.43
C MET E 92 46.87 54.52 -30.36
N TRP E 93 45.68 54.98 -30.72
CA TRP E 93 45.55 56.13 -31.59
C TRP E 93 46.19 57.35 -30.94
N GLU E 94 46.05 57.44 -29.61
CA GLU E 94 46.58 58.58 -28.87
C GLU E 94 48.09 58.76 -29.05
N ALA E 95 48.83 57.66 -28.94
CA ALA E 95 50.29 57.73 -29.03
C ALA E 95 50.81 57.92 -30.45
N VAL E 96 50.14 57.32 -31.43
CA VAL E 96 50.63 57.28 -32.80
C VAL E 96 50.28 58.54 -33.60
N LYS E 97 49.28 59.29 -33.14
CA LYS E 97 48.70 60.38 -33.93
C LYS E 97 49.73 61.42 -34.35
N ASP E 98 50.68 61.71 -33.47
CA ASP E 98 51.72 62.67 -33.79
C ASP E 98 52.55 62.16 -34.96
N GLU E 99 53.04 60.94 -34.80
CA GLU E 99 53.91 60.33 -35.79
C GLU E 99 53.22 60.17 -37.13
N LEU E 100 51.92 59.89 -37.10
CA LEU E 100 51.14 59.79 -38.33
C LEU E 100 51.08 61.14 -39.02
N ASN E 101 50.69 62.15 -38.24
CA ASN E 101 50.52 63.50 -38.74
C ASN E 101 51.85 64.08 -39.23
N THR E 102 52.93 63.74 -38.52
CA THR E 102 54.27 64.15 -38.97
C THR E 102 54.51 63.58 -40.37
N LEU E 103 54.21 62.29 -40.53
CA LEU E 103 54.33 61.65 -41.83
C LEU E 103 53.41 62.31 -42.84
N LEU E 104 52.15 62.49 -42.47
CA LEU E 104 51.14 63.05 -43.37
C LEU E 104 51.59 64.37 -43.98
N LYS E 105 52.35 65.13 -43.21
CA LYS E 105 52.83 66.42 -43.68
C LYS E 105 54.17 66.28 -44.40
N GLU E 106 55.06 65.45 -43.87
CA GLU E 106 56.32 65.17 -44.53
C GLU E 106 56.07 64.43 -45.85
N ASN E 107 55.01 63.63 -45.88
CA ASN E 107 54.55 63.02 -47.11
C ASN E 107 53.88 64.07 -47.99
N GLY E 108 53.30 65.08 -47.34
CA GLY E 108 52.64 66.17 -48.04
C GLY E 108 51.14 65.99 -48.14
N VAL E 109 50.60 65.01 -47.43
CA VAL E 109 49.17 64.77 -47.41
C VAL E 109 48.47 65.89 -46.66
N ASP E 110 47.35 66.35 -47.21
CA ASP E 110 46.60 67.46 -46.62
C ASP E 110 45.92 67.04 -45.32
N LEU E 111 45.46 65.80 -45.29
CA LEU E 111 44.70 65.28 -44.15
C LEU E 111 45.58 65.13 -42.89
N SER E 112 44.98 65.34 -41.73
CA SER E 112 45.65 65.12 -40.45
C SER E 112 44.69 64.47 -39.44
N VAL E 113 45.20 63.60 -38.59
CA VAL E 113 44.35 62.82 -37.69
C VAL E 113 44.08 63.53 -36.36
N VAL E 114 42.80 63.66 -36.02
CA VAL E 114 42.39 64.25 -34.76
C VAL E 114 41.80 63.19 -33.85
N VAL E 115 42.42 62.97 -32.70
CA VAL E 115 41.95 61.99 -31.74
C VAL E 115 41.16 62.65 -30.63
N GLU E 116 39.84 62.42 -30.64
CA GLU E 116 38.95 63.04 -29.68
C GLU E 116 38.77 62.14 -28.47
N LYS E 117 38.72 62.73 -27.28
CA LYS E 117 38.58 61.97 -26.04
C LYS E 117 37.24 61.24 -26.02
N GLN E 118 37.26 59.99 -25.58
CA GLN E 118 36.04 59.21 -25.52
C GLN E 118 35.66 58.89 -24.08
N GLU E 119 34.52 59.42 -23.66
CA GLU E 119 33.96 59.08 -22.36
C GLU E 119 32.61 58.39 -22.56
N GLY E 120 32.44 57.25 -21.90
CA GLY E 120 31.22 56.47 -22.08
C GLY E 120 31.47 55.30 -22.99
N MET E 121 30.40 54.76 -23.57
CA MET E 121 30.49 53.59 -24.42
C MET E 121 31.08 53.90 -25.81
N TYR E 122 31.75 52.91 -26.38
CA TYR E 122 32.36 53.03 -27.70
C TYR E 122 31.45 52.43 -28.75
N LYS E 123 30.79 53.28 -29.54
CA LYS E 123 29.83 52.75 -30.49
C LYS E 123 30.51 52.26 -31.77
N SER E 124 29.74 51.56 -32.59
CA SER E 124 30.23 50.94 -33.81
C SER E 124 30.10 51.90 -34.98
N ALA E 125 30.58 51.49 -36.16
CA ALA E 125 30.50 52.30 -37.37
C ALA E 125 30.54 51.41 -38.61
N PRO E 126 29.64 51.67 -39.56
CA PRO E 126 29.44 50.79 -40.73
C PRO E 126 30.63 50.78 -41.68
N LYS E 127 31.35 51.89 -41.80
CA LYS E 127 32.48 51.94 -42.71
C LYS E 127 33.66 51.19 -42.10
N ARG E 128 34.52 50.68 -42.97
CA ARG E 128 35.67 49.90 -42.55
C ARG E 128 36.88 50.33 -43.36
N LEU E 129 38.05 50.34 -42.72
CA LEU E 129 39.28 50.68 -43.44
C LEU E 129 39.62 49.59 -44.42
N THR E 130 40.08 49.98 -45.60
CA THR E 130 40.44 49.02 -46.63
C THR E 130 41.94 48.79 -46.60
N ALA E 131 42.35 47.54 -46.74
CA ALA E 131 43.77 47.21 -46.76
C ALA E 131 44.32 47.47 -48.15
N THR E 132 45.52 48.04 -48.21
CA THR E 132 46.15 48.36 -49.49
C THR E 132 47.65 48.49 -49.28
N THR E 133 48.39 48.61 -50.38
CA THR E 133 49.86 48.62 -50.43
C THR E 133 50.44 47.29 -49.93
N GLU E 134 51.58 46.91 -50.53
CA GLU E 134 52.15 45.57 -50.38
C GLU E 134 53.61 45.57 -50.80
N ALA E 150 54.59 69.17 -31.52
CA ALA E 150 55.38 69.01 -32.74
C ALA E 150 54.57 69.23 -34.02
N PRO E 151 53.50 68.45 -34.25
CA PRO E 151 52.86 68.63 -35.55
C PRO E 151 52.09 69.94 -35.62
N GLU E 152 51.93 70.46 -36.82
CA GLU E 152 51.21 71.70 -37.03
C GLU E 152 49.72 71.43 -37.05
N LEU E 153 48.94 72.49 -37.26
CA LEU E 153 47.53 72.32 -37.55
C LEU E 153 47.48 71.84 -39.00
N ALA E 154 46.29 71.59 -39.53
CA ALA E 154 46.20 71.18 -40.93
C ALA E 154 44.84 71.45 -41.52
N ASN E 155 44.75 71.24 -42.83
CA ASN E 155 43.56 71.62 -43.58
C ASN E 155 42.42 70.60 -43.44
N ASN E 156 42.73 69.31 -43.59
CA ASN E 156 41.69 68.29 -43.48
C ASN E 156 41.90 67.35 -42.31
N THR E 157 40.81 66.94 -41.67
CA THR E 157 40.88 66.11 -40.47
C THR E 157 40.29 64.71 -40.62
N PHE E 158 40.93 63.74 -39.96
CA PHE E 158 40.35 62.42 -39.75
C PHE E 158 40.06 62.28 -38.26
N VAL E 159 38.78 62.17 -37.92
CA VAL E 159 38.37 62.26 -36.53
C VAL E 159 38.29 60.90 -35.84
N VAL E 160 38.98 60.78 -34.71
CA VAL E 160 38.93 59.56 -33.93
C VAL E 160 38.08 59.76 -32.68
N ASP E 161 37.02 58.97 -32.56
CA ASP E 161 36.15 58.96 -31.38
C ASP E 161 35.56 60.33 -31.06
N GLY E 162 35.32 60.56 -29.77
CA GLY E 162 34.67 61.77 -29.32
C GLY E 162 33.16 61.63 -29.41
N PRO E 163 32.43 62.73 -29.17
CA PRO E 163 30.97 62.70 -29.24
C PRO E 163 30.45 62.68 -30.68
N GLU E 164 29.16 62.43 -30.83
CA GLU E 164 28.52 62.45 -32.14
C GLU E 164 28.55 63.86 -32.73
N THR E 165 29.05 63.99 -33.95
CA THR E 165 29.11 65.30 -34.60
C THR E 165 28.45 65.21 -35.97
N LYS E 166 27.97 66.35 -36.47
CA LYS E 166 27.42 66.42 -37.82
C LYS E 166 28.57 66.62 -38.80
N GLU E 167 29.71 67.02 -38.24
CA GLU E 167 30.94 67.18 -39.00
C GLU E 167 31.45 65.83 -39.47
N CYS E 168 31.47 64.89 -38.54
CA CYS E 168 31.94 63.56 -38.84
C CYS E 168 30.96 62.56 -38.23
N PRO E 169 29.82 62.35 -38.89
CA PRO E 169 28.83 61.40 -38.40
C PRO E 169 29.39 59.98 -38.42
N THR E 170 28.89 59.14 -37.54
CA THR E 170 29.42 57.80 -37.39
C THR E 170 29.19 56.98 -38.65
N GLN E 171 28.10 57.25 -39.34
CA GLN E 171 27.80 56.58 -40.60
C GLN E 171 28.92 56.73 -41.63
N ASN E 172 29.75 57.74 -41.46
CA ASN E 172 30.91 57.97 -42.31
C ASN E 172 32.22 57.76 -41.56
N ARG E 173 32.16 56.97 -40.49
CA ARG E 173 33.35 56.64 -39.70
C ARG E 173 33.71 55.17 -39.78
N ALA E 174 34.98 54.87 -39.50
CA ALA E 174 35.44 53.48 -39.48
C ALA E 174 35.44 52.94 -38.05
N TRP E 175 35.41 51.63 -37.93
CA TRP E 175 35.34 50.96 -36.63
C TRP E 175 35.56 49.46 -36.79
N ASN E 176 36.39 48.88 -35.93
CA ASN E 176 36.68 47.45 -35.94
C ASN E 176 37.37 47.04 -37.25
N SER E 177 38.18 47.94 -37.78
CA SER E 177 38.86 47.70 -39.04
C SER E 177 40.20 47.00 -38.82
N LEU E 178 40.59 46.85 -37.56
CA LEU E 178 41.87 46.24 -37.24
C LEU E 178 41.75 44.98 -36.39
N GLU E 179 42.77 44.14 -36.46
CA GLU E 179 42.84 42.90 -35.70
C GLU E 179 44.30 42.59 -35.40
N VAL E 180 44.54 41.82 -34.34
CA VAL E 180 45.89 41.48 -33.95
C VAL E 180 46.48 40.45 -34.92
N GLU E 181 47.58 40.82 -35.58
CA GLU E 181 48.28 39.88 -36.44
C GLU E 181 49.15 38.96 -35.59
N ASP E 182 49.87 39.54 -34.64
CA ASP E 182 50.73 38.76 -33.75
C ASP E 182 51.09 39.54 -32.49
N PHE E 183 51.80 38.88 -31.60
CA PHE E 183 52.24 39.50 -30.36
C PHE E 183 53.72 39.79 -30.40
N GLY E 184 54.15 40.73 -29.58
CA GLY E 184 55.57 41.03 -29.45
C GLY E 184 55.90 41.00 -27.97
N PHE E 185 57.04 40.40 -27.65
CA PHE E 185 57.47 40.37 -26.26
C PHE E 185 57.77 41.75 -25.76
N GLY E 186 57.17 42.11 -24.63
CA GLY E 186 57.50 43.34 -23.97
C GLY E 186 57.93 43.05 -22.54
N LEU E 187 58.97 43.74 -22.11
CA LEU E 187 59.48 43.60 -20.75
C LEU E 187 58.42 44.10 -19.77
N THR E 188 57.91 45.30 -20.06
CA THR E 188 56.90 45.94 -19.21
C THR E 188 55.47 45.71 -19.70
N SER E 189 55.29 45.57 -21.00
CA SER E 189 53.96 45.43 -21.57
C SER E 189 54.01 44.68 -22.90
N THR E 190 53.16 43.67 -23.05
CA THR E 190 53.15 42.87 -24.25
C THR E 190 52.67 43.69 -25.43
N ARG E 191 53.39 43.61 -26.55
CA ARG E 191 53.06 44.38 -27.74
C ARG E 191 52.10 43.61 -28.62
N MET E 192 51.05 44.29 -29.09
CA MET E 192 50.08 43.66 -29.96
C MET E 192 49.97 44.42 -31.28
N PHE E 193 50.47 43.81 -32.34
CA PHE E 193 50.53 44.45 -33.65
C PHE E 193 49.22 44.27 -34.42
N LEU E 194 48.60 45.38 -34.79
CA LEU E 194 47.32 45.32 -35.51
C LEU E 194 47.52 45.24 -37.02
N LYS E 195 46.48 44.80 -37.71
CA LYS E 195 46.47 44.77 -39.16
C LYS E 195 45.05 44.94 -39.68
N VAL E 196 44.92 45.32 -40.94
CA VAL E 196 43.61 45.56 -41.53
C VAL E 196 42.88 44.26 -41.80
N ARG E 197 41.64 44.19 -41.32
CA ARG E 197 40.78 43.04 -41.57
C ARG E 197 40.37 43.03 -43.04
N GLU E 198 40.48 41.87 -43.68
CA GLU E 198 40.04 41.74 -45.06
C GLU E 198 38.54 41.51 -45.12
N SER E 199 38.04 40.68 -44.19
CA SER E 199 36.62 40.43 -44.10
C SER E 199 35.93 41.53 -43.28
N ASN E 200 34.62 41.63 -43.43
CA ASN E 200 33.84 42.63 -42.71
C ASN E 200 33.04 41.96 -41.59
N THR E 201 33.37 42.29 -40.35
CA THR E 201 32.68 41.68 -39.22
C THR E 201 32.30 42.72 -38.17
N THR E 202 31.46 42.29 -37.25
CA THR E 202 31.11 43.09 -36.08
C THR E 202 31.73 42.39 -34.90
N GLU E 203 32.38 41.26 -35.19
CA GLU E 203 32.94 40.41 -34.14
C GLU E 203 34.18 41.01 -33.51
N CYS E 204 34.24 40.94 -32.18
CA CYS E 204 35.38 41.37 -31.41
C CYS E 204 36.60 40.53 -31.78
N ASP E 205 37.79 41.07 -31.58
CA ASP E 205 39.00 40.32 -31.90
C ASP E 205 39.11 39.08 -31.02
N SER E 206 39.15 37.92 -31.65
CA SER E 206 39.17 36.65 -30.95
C SER E 206 40.46 36.45 -30.15
N LYS E 207 41.57 36.86 -30.76
CA LYS E 207 42.90 36.68 -30.20
C LYS E 207 43.05 37.00 -28.69
N ILE E 208 42.56 38.16 -28.28
CA ILE E 208 42.74 38.63 -26.90
C ILE E 208 41.71 38.09 -25.91
N ILE E 209 40.76 37.32 -26.42
CA ILE E 209 39.68 36.78 -25.60
C ILE E 209 40.11 35.52 -24.84
N GLY E 210 39.76 35.45 -23.57
CA GLY E 210 39.99 34.24 -22.79
C GLY E 210 38.71 33.78 -22.11
N THR E 211 38.34 32.53 -22.37
CA THR E 211 37.10 31.97 -21.87
C THR E 211 37.37 30.58 -21.27
N ALA E 212 36.82 30.30 -20.09
CA ALA E 212 37.12 29.05 -19.41
C ALA E 212 36.11 28.72 -18.32
N VAL E 213 36.02 27.44 -17.98
CA VAL E 213 35.21 26.99 -16.85
C VAL E 213 35.89 25.83 -16.13
N LYS E 214 36.06 25.98 -14.82
CA LYS E 214 36.72 24.97 -13.99
C LYS E 214 36.34 25.19 -12.54
N ASN E 215 36.20 24.09 -11.80
CA ASN E 215 35.82 24.13 -10.38
C ASN E 215 34.54 24.94 -10.18
N ASN E 216 33.64 24.83 -11.15
CA ASN E 216 32.34 25.48 -11.10
C ASN E 216 32.46 27.01 -11.09
N LEU E 217 33.47 27.52 -11.80
CA LEU E 217 33.59 28.94 -12.09
C LEU E 217 33.69 29.17 -13.60
N ALA E 218 32.75 29.91 -14.15
CA ALA E 218 32.70 30.12 -15.59
C ALA E 218 33.00 31.58 -15.96
N ILE E 219 33.94 31.76 -16.88
CA ILE E 219 34.45 33.09 -17.19
C ILE E 219 34.46 33.39 -18.69
N HIS E 220 33.90 34.55 -19.04
CA HIS E 220 34.07 35.12 -20.38
C HIS E 220 34.89 36.38 -20.22
N SER E 221 36.03 36.48 -20.92
CA SER E 221 36.89 37.62 -20.71
C SER E 221 37.69 38.07 -21.93
N ASP E 222 38.02 39.35 -21.94
CA ASP E 222 39.02 39.90 -22.83
C ASP E 222 39.79 40.95 -22.05
N LEU E 223 40.44 41.85 -22.77
CA LEU E 223 41.26 42.87 -22.14
C LEU E 223 40.42 43.94 -21.42
N SER E 224 39.16 44.07 -21.82
CA SER E 224 38.29 45.10 -21.29
C SER E 224 37.08 44.52 -20.56
N TYR E 225 36.77 43.26 -20.84
CA TYR E 225 35.60 42.60 -20.26
C TYR E 225 36.00 41.45 -19.35
N TRP E 226 35.40 41.39 -18.17
CA TRP E 226 35.50 40.23 -17.31
C TRP E 226 34.13 39.82 -16.80
N ILE E 227 33.58 38.73 -17.34
CA ILE E 227 32.25 38.28 -16.98
C ILE E 227 32.33 36.99 -16.18
N GLU E 228 31.83 37.03 -14.95
CA GLU E 228 32.00 35.93 -14.02
C GLU E 228 30.66 35.32 -13.62
N SER E 229 30.48 34.04 -13.92
CA SER E 229 29.27 33.33 -13.53
C SER E 229 29.67 32.15 -12.67
N ARG E 230 28.89 31.89 -11.63
CA ARG E 230 29.24 30.86 -10.66
C ARG E 230 28.11 29.85 -10.47
N LEU E 231 28.48 28.68 -9.96
CA LEU E 231 27.51 27.65 -9.62
C LEU E 231 27.24 27.69 -8.11
N ASN E 232 26.14 28.34 -7.72
CA ASN E 232 25.69 28.25 -6.33
C ASN E 232 24.74 27.09 -6.22
N ASP E 233 23.46 27.38 -6.05
CA ASP E 233 22.44 26.34 -6.21
C ASP E 233 22.41 25.97 -7.68
N THR E 234 22.46 27.01 -8.52
CA THR E 234 22.47 26.84 -9.97
C THR E 234 23.60 27.64 -10.64
N TRP E 235 23.64 27.59 -11.96
CA TRP E 235 24.54 28.43 -12.73
C TRP E 235 23.87 29.75 -13.12
N LYS E 236 24.54 30.86 -12.81
CA LYS E 236 24.02 32.18 -13.16
C LYS E 236 25.12 33.23 -13.05
N LEU E 237 24.87 34.38 -13.67
CA LEU E 237 25.79 35.51 -13.61
C LEU E 237 25.93 36.02 -12.18
N GLU E 238 27.15 36.40 -11.81
CA GLU E 238 27.44 36.86 -10.46
C GLU E 238 28.19 38.19 -10.43
N ARG E 239 29.12 38.36 -11.36
CA ARG E 239 30.01 39.51 -11.36
C ARG E 239 30.40 39.92 -12.78
N ALA E 240 30.38 41.22 -13.05
CA ALA E 240 30.83 41.74 -14.34
C ALA E 240 31.61 43.03 -14.15
N VAL E 241 32.78 43.12 -14.76
CA VAL E 241 33.59 44.33 -14.70
C VAL E 241 33.98 44.76 -16.10
N LEU E 242 33.55 45.96 -16.46
CA LEU E 242 33.78 46.47 -17.81
C LEU E 242 34.58 47.77 -17.76
N GLY E 243 35.81 47.72 -18.25
CA GLY E 243 36.66 48.90 -18.34
C GLY E 243 35.95 49.96 -19.16
N GLU E 244 35.40 49.55 -20.28
CA GLU E 244 34.49 50.38 -21.05
C GLU E 244 33.40 49.52 -21.70
N VAL E 245 32.41 50.17 -22.31
CA VAL E 245 31.36 49.46 -23.04
C VAL E 245 31.63 49.58 -24.53
N LYS E 246 31.56 48.46 -25.23
CA LYS E 246 31.87 48.43 -26.66
C LYS E 246 30.75 47.75 -27.46
N SER E 247 30.64 48.10 -28.74
CA SER E 247 29.54 47.62 -29.55
C SER E 247 29.96 46.58 -30.58
N CYS E 248 31.06 45.87 -30.29
CA CYS E 248 31.44 44.72 -31.10
C CYS E 248 30.60 43.52 -30.70
N THR E 249 30.64 42.43 -31.47
CA THR E 249 29.86 41.25 -31.12
C THR E 249 30.74 40.13 -30.61
N TRP E 250 30.23 39.37 -29.66
CA TRP E 250 30.99 38.30 -29.04
C TRP E 250 30.87 36.99 -29.84
N PRO E 251 32.01 36.38 -30.16
CA PRO E 251 32.09 35.18 -31.00
C PRO E 251 31.38 33.97 -30.40
N GLU E 252 30.61 33.25 -31.21
CA GLU E 252 29.94 32.03 -30.77
C GLU E 252 30.96 30.96 -30.42
N THR E 253 32.09 31.01 -31.10
CA THR E 253 33.17 30.03 -30.94
C THR E 253 33.75 30.02 -29.53
N HIS E 254 33.73 31.18 -28.88
CA HIS E 254 34.30 31.32 -27.55
C HIS E 254 33.18 31.49 -26.52
N THR E 255 32.06 30.82 -26.78
CA THR E 255 30.88 30.99 -25.95
C THR E 255 30.40 29.65 -25.40
N LEU E 256 30.47 29.53 -24.07
CA LEU E 256 29.95 28.34 -23.40
C LEU E 256 28.44 28.39 -23.39
N TRP E 257 27.80 27.22 -23.39
CA TRP E 257 26.37 27.13 -23.15
C TRP E 257 25.58 27.95 -24.18
N GLY E 258 26.07 27.95 -25.40
CA GLY E 258 25.47 28.74 -26.48
C GLY E 258 24.20 28.16 -27.07
N ASP E 259 23.76 27.03 -26.54
CA ASP E 259 22.57 26.37 -27.08
C ASP E 259 21.31 26.93 -26.44
N GLY E 260 20.21 26.88 -27.18
CA GLY E 260 18.90 27.21 -26.63
C GLY E 260 18.79 28.64 -26.13
N ILE E 261 19.31 29.59 -26.90
CA ILE E 261 19.38 30.98 -26.45
C ILE E 261 18.08 31.77 -26.65
N LEU E 262 17.62 32.38 -25.56
CA LEU E 262 16.63 33.44 -25.63
C LEU E 262 17.38 34.75 -25.47
N GLU E 263 17.39 35.57 -26.51
CA GLU E 263 18.10 36.83 -26.48
C GLU E 263 17.49 37.77 -25.43
N SER E 264 16.21 37.60 -25.16
CA SER E 264 15.50 38.44 -24.20
C SER E 264 16.03 38.29 -22.78
N ASP E 265 16.54 37.10 -22.45
CA ASP E 265 17.00 36.81 -21.10
C ASP E 265 18.47 37.15 -20.88
N LEU E 266 19.18 37.47 -21.96
CA LEU E 266 20.60 37.82 -21.87
C LEU E 266 20.80 39.17 -21.18
N ILE E 267 21.36 39.15 -19.98
CA ILE E 267 21.54 40.37 -19.20
C ILE E 267 22.32 41.43 -19.98
N ILE E 268 23.61 41.18 -20.21
CA ILE E 268 24.39 42.07 -21.06
C ILE E 268 23.97 41.84 -22.51
N PRO E 269 23.46 42.91 -23.15
CA PRO E 269 22.91 42.86 -24.51
C PRO E 269 23.90 42.34 -25.55
N VAL E 270 23.36 41.72 -26.59
CA VAL E 270 24.16 41.21 -27.70
C VAL E 270 24.90 42.35 -28.40
N THR E 271 24.22 43.49 -28.51
CA THR E 271 24.75 44.64 -29.24
C THR E 271 25.88 45.35 -28.50
N LEU E 272 26.06 44.99 -27.22
CA LEU E 272 27.12 45.58 -26.42
C LEU E 272 28.16 44.53 -26.02
N ALA E 273 28.48 43.65 -26.96
CA ALA E 273 29.49 42.59 -26.80
C ALA E 273 29.13 41.60 -25.70
N GLY E 274 27.83 41.43 -25.47
CA GLY E 274 27.36 40.38 -24.58
C GLY E 274 27.44 39.03 -25.25
N PRO E 275 28.00 38.03 -24.55
CA PRO E 275 28.11 36.67 -25.06
C PRO E 275 26.76 35.97 -25.14
N ARG E 276 26.47 35.30 -26.25
CA ARG E 276 25.24 34.52 -26.37
C ARG E 276 25.36 33.23 -25.57
N SER E 277 25.42 33.37 -24.25
CA SER E 277 25.57 32.24 -23.35
C SER E 277 24.42 32.19 -22.37
N ASN E 278 24.04 30.99 -21.94
CA ASN E 278 23.02 30.86 -20.92
C ASN E 278 23.64 31.07 -19.55
N HIS E 279 24.94 31.39 -19.56
CA HIS E 279 25.63 31.88 -18.38
C HIS E 279 25.32 33.36 -18.18
N ASN E 280 25.01 34.03 -19.28
CA ASN E 280 24.70 35.47 -19.28
C ASN E 280 23.25 35.72 -18.90
N ARG E 281 22.83 35.18 -17.76
CA ARG E 281 21.46 35.30 -17.32
C ARG E 281 21.36 35.38 -15.80
N ARG E 282 20.24 35.90 -15.31
CA ARG E 282 19.90 35.81 -13.89
C ARG E 282 18.39 35.68 -13.75
N PRO E 283 17.94 34.75 -12.90
CA PRO E 283 16.52 34.55 -12.64
C PRO E 283 15.83 35.82 -12.19
N GLY E 284 14.74 36.17 -12.87
CA GLY E 284 13.95 37.34 -12.53
C GLY E 284 14.40 38.61 -13.22
N TYR E 285 15.34 38.47 -14.15
CA TYR E 285 15.83 39.62 -14.90
C TYR E 285 15.87 39.29 -16.38
N LYS E 286 15.82 40.32 -17.22
CA LYS E 286 15.86 40.12 -18.66
C LYS E 286 17.05 40.89 -19.23
N THR E 287 17.02 41.15 -20.53
CA THR E 287 18.06 41.96 -21.14
C THR E 287 18.05 43.37 -20.57
N GLN E 288 19.23 43.84 -20.16
CA GLN E 288 19.35 45.18 -19.63
C GLN E 288 19.74 46.17 -20.73
N ASN E 289 18.80 46.40 -21.64
CA ASN E 289 19.02 47.31 -22.75
C ASN E 289 19.15 48.76 -22.30
N GLN E 290 18.58 49.06 -21.14
CA GLN E 290 18.59 50.41 -20.61
C GLN E 290 19.44 50.52 -19.34
N GLY E 291 20.58 49.86 -19.33
CA GLY E 291 21.53 50.00 -18.23
C GLY E 291 22.39 51.23 -18.41
N PRO E 292 23.13 51.62 -17.36
CA PRO E 292 24.04 52.76 -17.45
C PRO E 292 25.27 52.43 -18.30
N TRP E 293 25.07 52.27 -19.60
CA TRP E 293 26.14 51.84 -20.49
C TRP E 293 27.01 53.00 -20.97
N ASP E 294 26.47 54.20 -20.93
CA ASP E 294 27.17 55.36 -21.47
C ASP E 294 27.99 56.05 -20.38
N GLU E 295 28.18 55.34 -19.27
CA GLU E 295 28.91 55.88 -18.13
C GLU E 295 30.41 55.61 -18.20
N GLY E 296 30.81 54.76 -19.12
CA GLY E 296 32.21 54.37 -19.22
C GLY E 296 32.42 53.03 -18.52
N ARG E 297 33.15 53.05 -17.41
CA ARG E 297 33.38 51.84 -16.62
C ARG E 297 32.13 51.39 -15.90
N VAL E 298 31.77 50.12 -16.08
CA VAL E 298 30.57 49.57 -15.44
C VAL E 298 30.91 48.28 -14.69
N GLU E 299 30.56 48.26 -13.40
CA GLU E 299 30.78 47.08 -12.57
C GLU E 299 29.44 46.53 -12.13
N ILE E 300 29.12 45.31 -12.57
CA ILE E 300 27.82 44.72 -12.29
C ILE E 300 27.91 43.60 -11.27
N ASP E 301 26.96 43.59 -10.35
CA ASP E 301 26.87 42.54 -9.34
C ASP E 301 25.48 42.53 -8.73
N PHE E 302 25.23 41.60 -7.83
CA PHE E 302 23.91 41.47 -7.23
C PHE E 302 24.02 41.67 -5.73
N ASP E 303 23.58 42.84 -5.30
CA ASP E 303 23.76 43.28 -3.94
C ASP E 303 22.91 44.54 -3.79
N TYR E 304 22.99 45.20 -2.66
CA TYR E 304 22.22 46.42 -2.48
C TYR E 304 23.08 47.66 -2.67
N CYS E 305 22.54 48.63 -3.39
CA CYS E 305 23.18 49.92 -3.54
C CYS E 305 23.23 50.54 -2.15
N PRO E 306 24.42 51.02 -1.76
CA PRO E 306 24.69 51.51 -0.40
C PRO E 306 23.58 52.38 0.17
N GLY E 307 22.98 51.95 1.27
CA GLY E 307 21.96 52.73 1.94
C GLY E 307 20.59 52.65 1.28
N THR E 308 20.40 51.65 0.42
CA THR E 308 19.13 51.51 -0.27
C THR E 308 18.48 50.18 0.08
N THR E 309 17.18 50.10 -0.12
CA THR E 309 16.46 48.86 0.13
C THR E 309 15.61 48.50 -1.07
N VAL E 310 15.71 47.24 -1.48
CA VAL E 310 14.88 46.73 -2.57
C VAL E 310 13.96 45.67 -1.98
N THR E 311 12.69 45.73 -2.37
CA THR E 311 11.69 44.80 -1.84
C THR E 311 10.71 44.41 -2.94
N LEU E 312 10.21 43.18 -2.84
CA LEU E 312 9.25 42.66 -3.79
C LEU E 312 7.89 43.27 -3.53
N SER E 313 7.22 43.68 -4.59
CA SER E 313 5.87 44.19 -4.46
C SER E 313 5.14 44.13 -5.80
N GLU E 314 3.88 43.72 -5.72
CA GLU E 314 3.01 43.69 -6.88
C GLU E 314 2.50 45.09 -7.16
N SER E 315 2.52 45.93 -6.12
CA SER E 315 2.13 47.32 -6.24
C SER E 315 3.20 48.14 -6.96
N CYS E 316 4.40 47.58 -7.04
CA CYS E 316 5.51 48.23 -7.73
C CYS E 316 5.24 48.32 -9.23
N GLY E 317 6.11 49.05 -9.94
CA GLY E 317 5.93 49.29 -11.36
C GLY E 317 6.75 48.36 -12.22
N HIS E 318 6.47 48.36 -13.52
CA HIS E 318 7.16 47.49 -14.48
C HIS E 318 8.55 48.03 -14.82
N ARG E 319 9.33 47.21 -15.54
CA ARG E 319 10.72 47.56 -15.84
C ARG E 319 10.85 48.81 -16.73
N GLY E 320 11.88 49.59 -16.45
CA GLY E 320 12.18 50.81 -17.19
C GLY E 320 13.65 51.11 -17.05
N PRO E 321 14.09 52.27 -17.56
CA PRO E 321 15.52 52.65 -17.57
C PRO E 321 16.21 52.52 -16.22
N ALA E 322 17.40 51.93 -16.21
CA ALA E 322 18.18 51.79 -14.99
C ALA E 322 18.34 53.13 -14.29
N THR E 323 17.97 53.17 -13.02
CA THR E 323 17.95 54.41 -12.28
C THR E 323 19.05 54.45 -11.24
N ARG E 324 19.58 55.63 -10.97
CA ARG E 324 20.65 55.79 -9.99
C ARG E 324 20.04 56.09 -8.63
N THR E 325 20.75 55.71 -7.58
CA THR E 325 20.30 55.93 -6.21
C THR E 325 20.43 57.40 -5.85
N THR E 326 21.54 58.01 -6.28
CA THR E 326 21.72 59.44 -6.08
C THR E 326 21.12 60.20 -7.26
N THR E 327 20.36 61.24 -6.96
CA THR E 327 19.83 62.11 -8.00
C THR E 327 20.90 63.17 -8.32
N GLU E 328 20.59 64.02 -9.28
CA GLU E 328 21.54 65.05 -9.71
C GLU E 328 21.94 65.94 -8.54
N SER E 329 21.00 66.15 -7.61
CA SER E 329 21.32 66.86 -6.38
C SER E 329 22.31 66.05 -5.55
N GLY E 330 22.19 64.73 -5.58
CA GLY E 330 23.04 63.89 -4.77
C GLY E 330 22.24 63.15 -3.72
N LYS E 331 20.96 63.48 -3.66
CA LYS E 331 20.05 62.88 -2.69
C LYS E 331 20.01 61.36 -2.80
N LEU E 332 20.08 60.69 -1.66
CA LEU E 332 20.03 59.24 -1.61
C LEU E 332 18.58 58.78 -1.58
N ILE E 333 18.32 57.65 -2.25
CA ILE E 333 17.00 57.07 -2.28
C ILE E 333 16.98 55.73 -1.56
N THR E 334 16.28 55.69 -0.43
CA THR E 334 16.32 54.52 0.43
C THR E 334 15.44 53.39 -0.10
N ASP E 335 14.22 53.73 -0.50
CA ASP E 335 13.22 52.71 -0.78
C ASP E 335 13.00 52.46 -2.28
N TRP E 336 13.38 51.26 -2.72
CA TRP E 336 13.14 50.80 -4.08
C TRP E 336 12.24 49.56 -4.08
N CYS E 337 11.68 49.21 -5.24
CA CYS E 337 10.90 47.97 -5.36
C CYS E 337 11.08 47.30 -6.72
N CYS E 338 10.56 46.08 -6.82
CA CYS E 338 10.48 45.37 -8.10
C CYS E 338 9.35 44.35 -7.97
N ARG E 339 8.87 43.87 -9.10
CA ARG E 339 7.79 42.89 -9.13
C ARG E 339 8.32 41.46 -9.07
N SER E 340 9.05 41.06 -10.11
CA SER E 340 9.46 39.66 -10.25
C SER E 340 10.98 39.42 -10.32
N CYS E 341 11.78 40.38 -9.85
CA CYS E 341 13.23 40.17 -9.81
C CYS E 341 13.62 39.28 -8.62
N THR E 342 14.88 38.83 -8.60
CA THR E 342 15.39 38.07 -7.45
C THR E 342 16.27 38.92 -6.54
N LEU E 343 16.68 38.35 -5.40
CA LEU E 343 17.51 39.07 -4.45
C LEU E 343 18.72 38.24 -4.03
N PRO E 344 19.87 38.88 -3.78
CA PRO E 344 20.16 40.32 -3.86
C PRO E 344 19.97 40.92 -5.25
N PRO E 345 19.54 42.20 -5.32
CA PRO E 345 19.09 42.84 -6.55
C PRO E 345 20.22 43.25 -7.49
N LEU E 346 19.90 43.41 -8.76
CA LEU E 346 20.89 43.77 -9.77
C LEU E 346 21.48 45.12 -9.42
N ARG E 347 22.80 45.20 -9.43
CA ARG E 347 23.48 46.42 -9.01
C ARG E 347 24.52 46.86 -10.01
N TYR E 348 24.50 48.14 -10.35
CA TYR E 348 25.53 48.75 -11.15
C TYR E 348 26.40 49.62 -10.27
N GLN E 349 27.71 49.60 -10.50
CA GLN E 349 28.60 50.57 -9.86
C GLN E 349 29.26 51.38 -10.93
N THR E 350 29.28 52.69 -10.72
CA THR E 350 29.75 53.60 -11.75
C THR E 350 30.47 54.74 -11.04
N ASP E 351 31.41 55.37 -11.75
CA ASP E 351 32.14 56.52 -11.23
C ASP E 351 31.16 57.54 -10.63
N SER E 352 30.01 57.71 -11.28
CA SER E 352 29.01 58.66 -10.81
C SER E 352 28.25 58.14 -9.58
N GLY E 353 28.13 56.83 -9.45
CA GLY E 353 27.40 56.26 -8.34
C GLY E 353 26.93 54.85 -8.61
N CYS E 354 25.93 54.40 -7.88
CA CYS E 354 25.43 53.04 -8.07
C CYS E 354 23.98 53.06 -8.54
N TRP E 355 23.62 52.05 -9.31
CA TRP E 355 22.31 51.98 -9.96
C TRP E 355 21.71 50.61 -9.73
N TYR E 356 20.39 50.54 -9.76
CA TYR E 356 19.73 49.24 -9.73
C TYR E 356 19.29 48.85 -11.14
N GLY E 357 18.89 47.60 -11.31
CA GLY E 357 18.49 47.08 -12.61
C GLY E 357 17.17 47.63 -13.10
N MET E 358 16.89 47.40 -14.38
CA MET E 358 15.68 47.90 -15.02
C MET E 358 14.38 47.47 -14.34
N GLU E 359 14.36 46.23 -13.86
CA GLU E 359 13.17 45.69 -13.20
C GLU E 359 12.99 46.32 -11.82
N ILE E 360 14.06 46.94 -11.33
CA ILE E 360 14.02 47.61 -10.03
C ILE E 360 13.48 49.02 -10.19
N ARG E 361 12.46 49.36 -9.41
CA ARG E 361 11.83 50.67 -9.50
C ARG E 361 11.75 51.33 -8.13
N PRO E 362 11.67 52.66 -8.12
CA PRO E 362 11.53 53.41 -6.87
C PRO E 362 10.19 53.17 -6.19
N GLN E 363 10.22 52.96 -4.88
CA GLN E 363 9.01 52.77 -4.10
C GLN E 363 8.15 54.04 -4.05
N ARG E 364 8.81 55.19 -3.86
CA ARG E 364 8.11 56.43 -3.53
C ARG E 364 8.12 57.51 -4.62
N HIS E 365 9.05 57.43 -5.56
CA HIS E 365 9.31 58.55 -6.47
C HIS E 365 8.39 58.74 -7.66
N ASP E 366 8.29 59.99 -8.09
CA ASP E 366 7.87 60.34 -9.44
C ASP E 366 9.09 60.06 -10.31
N GLU E 367 8.90 59.82 -11.61
CA GLU E 367 9.96 59.25 -12.44
C GLU E 367 10.94 60.22 -13.09
N LYS E 368 10.46 61.38 -13.51
CA LYS E 368 11.30 62.36 -14.20
C LYS E 368 12.42 62.92 -13.32
N THR E 369 12.20 62.88 -12.01
CA THR E 369 13.05 63.57 -11.04
C THR E 369 14.42 62.91 -10.87
N LEU E 370 14.55 61.66 -11.32
CA LEU E 370 15.75 60.89 -11.02
C LEU E 370 16.63 60.70 -12.25
N VAL E 371 17.88 60.32 -12.01
CA VAL E 371 18.83 60.03 -13.07
C VAL E 371 18.57 58.65 -13.66
N GLN E 372 18.27 58.62 -14.96
CA GLN E 372 17.98 57.38 -15.66
C GLN E 372 18.84 57.23 -16.90
N SER E 373 19.29 56.00 -17.15
CA SER E 373 20.05 55.69 -18.36
C SER E 373 19.20 56.04 -19.58
N GLN E 374 19.82 56.67 -20.57
CA GLN E 374 19.10 57.02 -21.78
C GLN E 374 19.64 56.21 -22.94
N VAL E 375 20.09 55.01 -22.62
CA VAL E 375 20.66 54.14 -23.63
C VAL E 375 19.63 53.10 -24.02
N ASN E 376 19.43 52.96 -25.32
CA ASN E 376 18.53 51.93 -25.83
C ASN E 376 19.28 51.15 -26.89
N ALA E 377 19.72 49.96 -26.50
CA ALA E 377 20.57 49.14 -27.35
C ALA E 377 20.20 47.67 -27.23
N ALA F 25 38.96 30.77 -6.61
CA ALA F 25 39.55 30.83 -7.94
C ALA F 25 41.01 30.41 -7.93
N ASP F 26 41.59 30.24 -9.11
CA ASP F 26 42.99 29.83 -9.22
C ASP F 26 43.94 31.04 -9.22
N THR F 27 45.03 30.92 -8.45
CA THR F 27 46.07 31.95 -8.41
C THR F 27 47.41 31.30 -8.75
N GLY F 28 48.15 31.89 -9.68
CA GLY F 28 49.43 31.32 -10.08
C GLY F 28 50.12 32.04 -11.22
N CYS F 29 51.11 31.37 -11.81
CA CYS F 29 51.94 31.96 -12.85
C CYS F 29 52.22 30.91 -13.93
N ALA F 30 52.34 31.36 -15.18
CA ALA F 30 52.57 30.42 -16.28
C ALA F 30 53.25 31.08 -17.45
N ILE F 31 53.91 30.27 -18.27
CA ILE F 31 54.65 30.78 -19.41
C ILE F 31 53.82 30.63 -20.68
N ASP F 32 53.35 31.75 -21.21
CA ASP F 32 52.57 31.74 -22.43
C ASP F 32 53.48 32.10 -23.60
N ILE F 33 53.89 31.08 -24.34
CA ILE F 33 54.74 31.22 -25.52
C ILE F 33 54.06 32.05 -26.60
N SER F 34 52.77 31.80 -26.79
CA SER F 34 51.99 32.46 -27.82
C SER F 34 52.04 33.98 -27.71
N ARG F 35 51.88 34.48 -26.49
CA ARG F 35 51.94 35.93 -26.24
C ARG F 35 53.34 36.34 -25.81
N GLN F 36 54.25 35.37 -25.77
CA GLN F 36 55.64 35.57 -25.40
C GLN F 36 55.77 36.38 -24.12
N GLU F 37 55.24 35.84 -23.04
CA GLU F 37 55.19 36.56 -21.78
C GLU F 37 55.09 35.61 -20.60
N LEU F 38 55.58 36.05 -19.46
CA LEU F 38 55.35 35.34 -18.21
C LEU F 38 54.52 36.24 -17.33
N ARG F 39 53.38 35.73 -16.90
CA ARG F 39 52.43 36.53 -16.14
C ARG F 39 52.00 35.75 -14.91
N CYS F 40 51.65 36.48 -13.86
CA CYS F 40 51.19 35.85 -12.63
C CYS F 40 49.97 36.59 -12.13
N GLY F 41 49.01 35.84 -11.58
CA GLY F 41 47.82 36.43 -11.01
C GLY F 41 46.66 35.45 -10.92
N SER F 42 45.52 35.91 -10.44
CA SER F 42 44.34 35.06 -10.31
C SER F 42 43.66 34.80 -11.67
N GLY F 43 42.94 33.68 -11.75
CA GLY F 43 42.25 33.30 -12.97
C GLY F 43 41.84 31.84 -12.96
N VAL F 44 41.96 31.17 -14.11
CA VAL F 44 41.56 29.78 -14.24
C VAL F 44 42.58 28.97 -15.03
N PHE F 45 43.06 27.87 -14.44
CA PHE F 45 44.07 27.03 -15.08
C PHE F 45 43.54 25.63 -15.39
N ILE F 46 43.57 25.26 -16.67
CA ILE F 46 43.18 23.92 -17.09
C ILE F 46 44.42 23.05 -17.33
N HIS F 47 44.47 21.90 -16.67
CA HIS F 47 45.64 21.02 -16.74
C HIS F 47 45.40 19.77 -17.57
N ASN F 48 46.48 19.23 -18.15
CA ASN F 48 46.43 17.95 -18.84
C ASN F 48 46.80 16.80 -17.92
N ASP F 49 45.77 16.13 -17.39
CA ASP F 49 45.99 15.03 -16.48
C ASP F 49 45.79 13.71 -17.21
N VAL F 50 45.43 13.79 -18.49
CA VAL F 50 45.20 12.60 -19.30
C VAL F 50 46.52 12.07 -19.84
N GLU F 51 47.46 12.99 -20.07
CA GLU F 51 48.79 12.62 -20.55
C GLU F 51 49.64 12.07 -19.41
N ALA F 52 49.48 12.66 -18.23
CA ALA F 52 50.21 12.21 -17.07
C ALA F 52 49.78 10.79 -16.73
N TRP F 53 50.75 9.89 -16.70
CA TRP F 53 50.50 8.50 -16.37
C TRP F 53 50.01 8.39 -14.93
N MET F 54 50.63 9.19 -14.06
CA MET F 54 50.26 9.18 -12.65
C MET F 54 48.84 9.66 -12.41
N ASP F 55 48.16 8.99 -11.49
CA ASP F 55 46.80 9.34 -11.12
C ASP F 55 46.83 10.37 -10.00
N ARG F 56 47.00 11.63 -10.39
CA ARG F 56 47.11 12.72 -9.43
C ARG F 56 45.83 12.93 -8.63
N TYR F 57 44.73 12.31 -9.08
CA TYR F 57 43.48 12.36 -8.35
C TYR F 57 43.06 10.95 -7.96
N LYS F 58 42.37 10.82 -6.84
CA LYS F 58 41.86 9.53 -6.39
C LYS F 58 40.43 9.62 -5.87
N TYR F 59 39.63 8.59 -6.12
CA TYR F 59 38.27 8.56 -5.63
C TYR F 59 38.20 7.86 -4.27
N TYR F 60 37.35 8.36 -3.39
CA TYR F 60 37.10 7.74 -2.10
C TYR F 60 35.64 7.92 -1.73
N PRO F 61 34.97 6.83 -1.34
CA PRO F 61 33.61 6.94 -0.81
C PRO F 61 33.60 7.83 0.43
N GLU F 62 32.59 8.68 0.57
CA GLU F 62 32.51 9.55 1.73
C GLU F 62 32.39 8.70 2.99
N THR F 63 31.56 7.66 2.92
CA THR F 63 31.45 6.72 4.03
C THR F 63 31.35 5.30 3.52
N PRO F 64 32.30 4.45 3.95
CA PRO F 64 32.30 3.01 3.61
C PRO F 64 31.10 2.30 4.24
N GLN F 65 30.78 2.64 5.48
CA GLN F 65 29.65 2.01 6.18
C GLN F 65 28.34 2.41 5.51
N GLY F 66 28.26 3.66 5.08
CA GLY F 66 27.09 4.15 4.40
C GLY F 66 26.95 3.51 3.03
N LEU F 67 28.06 3.47 2.30
CA LEU F 67 28.08 2.89 0.95
C LEU F 67 27.63 1.44 0.95
N ALA F 68 28.06 0.68 1.95
CA ALA F 68 27.65 -0.72 2.09
C ALA F 68 26.14 -0.84 2.13
N LYS F 69 25.51 -0.02 2.98
CA LYS F 69 24.07 -0.07 3.16
C LYS F 69 23.34 0.29 1.87
N ILE F 70 23.97 1.13 1.05
CA ILE F 70 23.39 1.53 -0.23
C ILE F 70 23.23 0.32 -1.14
N ILE F 71 24.28 -0.50 -1.21
CA ILE F 71 24.33 -1.62 -2.14
C ILE F 71 23.31 -2.70 -1.78
N GLN F 72 23.21 -3.04 -0.49
CA GLN F 72 22.25 -4.05 -0.05
C GLN F 72 20.83 -3.58 -0.37
N LYS F 73 20.62 -2.27 -0.29
CA LYS F 73 19.35 -1.66 -0.65
C LYS F 73 19.18 -1.71 -2.15
N ALA F 74 20.27 -1.45 -2.87
CA ALA F 74 20.26 -1.58 -4.33
C ALA F 74 19.95 -3.02 -4.69
N HIS F 75 20.62 -3.95 -4.00
CA HIS F 75 20.38 -5.38 -4.17
C HIS F 75 18.93 -5.71 -3.84
N LYS F 76 18.47 -5.19 -2.70
CA LYS F 76 17.07 -5.36 -2.28
C LYS F 76 16.11 -4.95 -3.39
N GLU F 77 16.39 -3.81 -4.02
CA GLU F 77 15.55 -3.30 -5.09
C GLU F 77 15.68 -4.16 -6.35
N GLY F 78 16.64 -5.08 -6.35
CA GLY F 78 16.80 -6.01 -7.44
C GLY F 78 17.92 -5.66 -8.40
N VAL F 79 18.93 -4.95 -7.92
CA VAL F 79 20.05 -4.55 -8.76
C VAL F 79 21.19 -5.57 -8.67
N CYS F 80 21.47 -6.23 -9.78
CA CYS F 80 22.48 -7.28 -9.82
C CYS F 80 23.90 -6.71 -9.73
N GLY F 81 24.12 -5.55 -10.33
CA GLY F 81 25.46 -5.01 -10.39
C GLY F 81 25.60 -3.58 -10.84
N LEU F 82 26.74 -3.25 -11.43
CA LEU F 82 27.06 -1.85 -11.72
C LEU F 82 28.03 -1.71 -12.88
N ARG F 83 27.94 -0.58 -13.58
CA ARG F 83 28.91 -0.22 -14.61
C ARG F 83 29.59 1.10 -14.26
N SER F 84 30.91 1.08 -14.13
CA SER F 84 31.65 2.29 -13.84
C SER F 84 31.58 3.23 -15.03
N VAL F 85 31.65 4.53 -14.74
CA VAL F 85 31.65 5.54 -15.80
C VAL F 85 33.05 5.65 -16.37
N SER F 86 34.04 5.52 -15.50
CA SER F 86 35.43 5.71 -15.89
C SER F 86 36.39 4.76 -15.21
N ARG F 87 37.59 4.70 -15.76
CA ARG F 87 38.68 3.89 -15.22
C ARG F 87 38.93 4.25 -13.76
N LEU F 88 38.82 5.54 -13.46
CA LEU F 88 39.07 6.05 -12.12
C LEU F 88 37.97 5.63 -11.15
N GLU F 89 36.73 5.61 -11.64
CA GLU F 89 35.63 5.08 -10.83
C GLU F 89 35.87 3.61 -10.61
N HIS F 90 36.14 2.91 -11.71
CA HIS F 90 36.44 1.48 -11.68
C HIS F 90 37.57 1.19 -10.70
N GLN F 91 38.64 1.99 -10.75
CA GLN F 91 39.77 1.83 -9.86
C GLN F 91 39.37 2.00 -8.40
N MET F 92 38.46 2.94 -8.14
CA MET F 92 37.98 3.17 -6.79
C MET F 92 37.35 1.91 -6.21
N TRP F 93 36.54 1.25 -7.04
CA TRP F 93 35.88 0.02 -6.61
C TRP F 93 36.88 -1.07 -6.27
N GLU F 94 37.97 -1.13 -7.03
CA GLU F 94 38.99 -2.15 -6.85
C GLU F 94 39.61 -2.11 -5.45
N ALA F 95 39.95 -0.90 -5.01
CA ALA F 95 40.64 -0.72 -3.73
C ALA F 95 39.71 -0.90 -2.53
N VAL F 96 38.45 -0.47 -2.69
CA VAL F 96 37.50 -0.46 -1.59
C VAL F 96 36.80 -1.82 -1.38
N LYS F 97 36.80 -2.67 -2.40
CA LYS F 97 35.96 -3.87 -2.42
C LYS F 97 36.21 -4.81 -1.25
N ASP F 98 37.47 -4.94 -0.85
CA ASP F 98 37.80 -5.79 0.29
C ASP F 98 37.15 -5.25 1.55
N GLU F 99 37.36 -3.96 1.80
CA GLU F 99 36.85 -3.36 3.02
C GLU F 99 35.33 -3.43 3.04
N LEU F 100 34.73 -3.34 1.85
CA LEU F 100 33.28 -3.45 1.73
C LEU F 100 32.79 -4.83 2.12
N ASN F 101 33.39 -5.86 1.52
CA ASN F 101 32.94 -7.23 1.75
C ASN F 101 33.15 -7.63 3.20
N THR F 102 34.26 -7.18 3.78
CA THR F 102 34.56 -7.43 5.19
C THR F 102 33.45 -6.87 6.06
N LEU F 103 33.04 -5.64 5.78
CA LEU F 103 31.93 -5.04 6.50
C LEU F 103 30.69 -5.90 6.29
N LEU F 104 30.40 -6.19 5.02
CA LEU F 104 29.22 -6.96 4.65
C LEU F 104 29.09 -8.26 5.42
N LYS F 105 30.23 -8.87 5.74
CA LYS F 105 30.22 -10.14 6.44
C LYS F 105 30.23 -9.89 7.94
N GLU F 106 31.02 -8.92 8.40
CA GLU F 106 31.02 -8.55 9.80
C GLU F 106 29.67 -7.95 10.17
N ASN F 107 29.03 -7.28 9.20
CA ASN F 107 27.65 -6.84 9.37
C ASN F 107 26.72 -8.05 9.32
N GLY F 108 27.13 -9.06 8.56
CA GLY F 108 26.35 -10.26 8.42
C GLY F 108 25.48 -10.26 7.19
N VAL F 109 25.67 -9.28 6.31
CA VAL F 109 24.94 -9.22 5.06
C VAL F 109 25.45 -10.34 4.15
N ASP F 110 24.54 -11.04 3.48
CA ASP F 110 24.89 -12.17 2.62
C ASP F 110 25.63 -11.77 1.34
N LEU F 111 25.31 -10.59 0.82
CA LEU F 111 25.88 -10.13 -0.44
C LEU F 111 27.38 -9.87 -0.34
N SER F 112 28.09 -10.09 -1.45
CA SER F 112 29.51 -9.74 -1.54
C SER F 112 29.80 -9.14 -2.91
N VAL F 113 30.69 -8.15 -2.94
CA VAL F 113 30.94 -7.40 -4.16
C VAL F 113 32.03 -8.03 -5.01
N VAL F 114 31.73 -8.25 -6.28
CA VAL F 114 32.69 -8.77 -7.24
C VAL F 114 33.07 -7.67 -8.22
N VAL F 115 34.33 -7.29 -8.25
CA VAL F 115 34.78 -6.24 -9.18
C VAL F 115 35.47 -6.90 -10.37
N GLU F 116 34.78 -6.87 -11.51
CA GLU F 116 35.25 -7.55 -12.71
C GLU F 116 36.07 -6.58 -13.57
N LYS F 117 37.14 -7.08 -14.16
CA LYS F 117 38.03 -6.24 -14.98
C LYS F 117 37.33 -5.67 -16.20
N GLN F 118 37.59 -4.41 -16.48
CA GLN F 118 36.98 -3.75 -17.63
C GLN F 118 38.01 -3.38 -18.69
N GLU F 119 37.90 -3.99 -19.86
CA GLU F 119 38.70 -3.61 -21.00
C GLU F 119 37.80 -3.08 -22.11
N GLY F 120 38.14 -1.92 -22.65
CA GLY F 120 37.30 -1.31 -23.66
C GLY F 120 36.48 -0.18 -23.07
N MET F 121 35.39 0.18 -23.74
CA MET F 121 34.57 1.31 -23.33
C MET F 121 33.70 1.03 -22.11
N TYR F 122 33.42 2.09 -21.35
CA TYR F 122 32.58 1.99 -20.16
C TYR F 122 31.17 2.40 -20.53
N LYS F 123 30.29 1.41 -20.67
CA LYS F 123 28.94 1.71 -21.13
C LYS F 123 28.07 2.20 -19.99
N SER F 124 26.91 2.73 -20.36
CA SER F 124 26.00 3.30 -19.39
C SER F 124 25.04 2.23 -18.89
N ALA F 125 24.21 2.58 -17.91
CA ALA F 125 23.23 1.66 -17.34
C ALA F 125 22.08 2.43 -16.72
N PRO F 126 20.84 2.00 -16.99
CA PRO F 126 19.62 2.71 -16.60
C PRO F 126 19.36 2.78 -15.11
N LYS F 127 19.77 1.76 -14.35
CA LYS F 127 19.52 1.77 -12.92
C LYS F 127 20.46 2.75 -12.21
N ARG F 128 20.00 3.27 -11.07
CA ARG F 128 20.77 4.23 -10.30
C ARG F 128 20.69 3.89 -8.81
N LEU F 129 21.80 4.08 -8.10
CA LEU F 129 21.82 3.85 -6.66
C LEU F 129 21.01 4.93 -5.92
N THR F 130 20.27 4.52 -4.90
CA THR F 130 19.46 5.46 -4.14
C THR F 130 20.18 5.88 -2.86
N ALA F 131 20.08 7.17 -2.52
CA ALA F 131 20.70 7.69 -1.32
C ALA F 131 19.81 7.43 -0.10
N THR F 132 20.45 7.07 1.02
CA THR F 132 19.73 6.78 2.26
C THR F 132 20.70 6.92 3.43
N THR F 133 20.19 6.86 4.66
CA THR F 133 20.93 7.08 5.91
C THR F 133 21.57 8.46 5.99
N GLU F 134 21.69 8.98 7.21
CA GLU F 134 22.05 10.37 7.47
C GLU F 134 22.48 10.56 8.92
N ALA F 150 42.17 -11.76 2.48
CA ALA F 150 41.36 -11.54 3.67
C ALA F 150 39.89 -11.97 3.50
N PRO F 151 39.17 -11.38 2.53
CA PRO F 151 37.75 -11.73 2.53
C PRO F 151 37.48 -13.14 2.01
N GLU F 152 36.39 -13.74 2.48
CA GLU F 152 35.99 -15.07 2.05
C GLU F 152 35.20 -14.99 0.77
N LEU F 153 34.77 -16.16 0.29
CA LEU F 153 33.78 -16.22 -0.78
C LEU F 153 32.44 -15.88 -0.14
N ALA F 154 31.37 -15.88 -0.93
CA ALA F 154 30.05 -15.61 -0.37
C ALA F 154 28.92 -16.12 -1.26
N ASN F 155 27.70 -16.01 -0.75
CA ASN F 155 26.52 -16.56 -1.42
C ASN F 155 25.98 -15.72 -2.56
N ASN F 156 25.78 -14.42 -2.34
CA ASN F 156 25.25 -13.57 -3.38
C ASN F 156 26.24 -12.48 -3.81
N THR F 157 26.26 -12.19 -5.11
CA THR F 157 27.26 -11.27 -5.67
C THR F 157 26.70 -9.96 -6.22
N PHE F 158 27.46 -8.89 -6.04
CA PHE F 158 27.22 -7.63 -6.75
C PHE F 158 28.34 -7.40 -7.74
N VAL F 159 28.00 -7.41 -9.01
CA VAL F 159 29.02 -7.38 -10.07
C VAL F 159 29.34 -5.97 -10.57
N VAL F 160 30.62 -5.63 -10.54
CA VAL F 160 31.08 -4.34 -11.04
C VAL F 160 31.79 -4.51 -12.38
N ASP F 161 31.28 -3.85 -13.40
CA ASP F 161 31.90 -3.86 -14.72
C ASP F 161 32.04 -5.26 -15.26
N GLY F 162 33.09 -5.50 -16.05
CA GLY F 162 33.29 -6.78 -16.69
C GLY F 162 32.54 -6.86 -18.00
N PRO F 163 32.52 -8.04 -18.63
CA PRO F 163 31.81 -8.21 -19.90
C PRO F 163 30.32 -8.34 -19.69
N GLU F 164 29.54 -8.24 -20.77
CA GLU F 164 28.10 -8.44 -20.68
C GLU F 164 27.77 -9.89 -20.32
N THR F 165 26.96 -10.06 -19.28
CA THR F 165 26.57 -11.38 -18.83
C THR F 165 25.05 -11.47 -18.75
N LYS F 166 24.53 -12.69 -18.86
CA LYS F 166 23.11 -12.92 -18.65
C LYS F 166 22.87 -13.08 -17.17
N GLU F 167 23.96 -13.30 -16.43
CA GLU F 167 23.90 -13.40 -14.99
C GLU F 167 23.56 -12.04 -14.40
N CYS F 168 24.24 -11.02 -14.88
CA CYS F 168 24.00 -9.65 -14.44
C CYS F 168 23.97 -8.72 -15.64
N PRO F 169 22.83 -8.69 -16.35
CA PRO F 169 22.67 -7.82 -17.50
C PRO F 169 22.71 -6.34 -17.12
N THR F 170 23.10 -5.49 -18.07
CA THR F 170 23.30 -4.06 -17.78
C THR F 170 21.99 -3.38 -17.41
N GLN F 171 20.88 -3.85 -17.98
CA GLN F 171 19.56 -3.32 -17.65
C GLN F 171 19.25 -3.36 -16.15
N ASN F 172 19.93 -4.22 -15.43
CA ASN F 172 19.80 -4.30 -13.99
C ASN F 172 21.07 -3.86 -13.28
N ARG F 173 21.88 -3.05 -13.96
CA ARG F 173 23.10 -2.52 -13.37
C ARG F 173 23.02 -1.02 -13.15
N ALA F 174 23.81 -0.52 -12.21
CA ALA F 174 23.85 0.91 -11.92
C ALA F 174 25.01 1.57 -12.65
N TRP F 175 24.92 2.88 -12.83
CA TRP F 175 25.92 3.63 -13.56
C TRP F 175 25.68 5.11 -13.36
N ASN F 176 26.75 5.86 -13.13
CA ASN F 176 26.67 7.32 -12.97
C ASN F 176 25.84 7.70 -11.74
N SER F 177 25.90 6.87 -10.70
CA SER F 177 25.11 7.09 -9.50
C SER F 177 25.84 7.96 -8.49
N LEU F 178 27.10 8.28 -8.77
CA LEU F 178 27.91 9.05 -7.83
C LEU F 178 28.43 10.35 -8.43
N GLU F 179 28.75 11.29 -7.56
CA GLU F 179 29.30 12.58 -7.98
C GLU F 179 30.22 13.11 -6.88
N VAL F 180 31.15 13.98 -7.27
CA VAL F 180 32.11 14.53 -6.33
C VAL F 180 31.45 15.53 -5.39
N GLU F 181 31.50 15.22 -4.10
CA GLU F 181 31.04 16.15 -3.08
C GLU F 181 32.08 17.23 -2.82
N ASP F 182 33.32 16.80 -2.63
CA ASP F 182 34.42 17.72 -2.37
C ASP F 182 35.77 17.07 -2.60
N PHE F 183 36.82 17.85 -2.47
CA PHE F 183 38.18 17.35 -2.67
C PHE F 183 38.91 17.27 -1.33
N GLY F 184 39.93 16.42 -1.26
CA GLY F 184 40.75 16.33 -0.08
C GLY F 184 42.20 16.45 -0.46
N PHE F 185 42.96 17.21 0.32
CA PHE F 185 44.38 17.39 0.04
C PHE F 185 45.15 16.09 0.21
N GLY F 186 45.89 15.73 -0.84
CA GLY F 186 46.81 14.62 -0.77
C GLY F 186 48.19 15.10 -1.17
N LEU F 187 49.21 14.64 -0.46
CA LEU F 187 50.58 14.99 -0.76
C LEU F 187 50.95 14.44 -2.14
N THR F 188 50.64 13.16 -2.36
CA THR F 188 50.93 12.49 -3.61
C THR F 188 49.77 12.53 -4.60
N SER F 189 48.54 12.55 -4.08
CA SER F 189 47.39 12.47 -4.95
C SER F 189 46.17 13.13 -4.31
N THR F 190 45.53 14.00 -5.07
CA THR F 190 44.36 14.73 -4.57
C THR F 190 43.21 13.78 -4.34
N ARG F 191 42.58 13.90 -3.19
CA ARG F 191 41.47 13.02 -2.82
C ARG F 191 40.15 13.62 -3.28
N MET F 192 39.32 12.79 -3.90
CA MET F 192 38.00 13.24 -4.36
C MET F 192 36.90 12.42 -3.71
N PHE F 193 36.15 13.03 -2.81
CA PHE F 193 35.13 12.30 -2.06
C PHE F 193 33.82 12.25 -2.84
N LEU F 194 33.34 11.04 -3.13
CA LEU F 194 32.11 10.87 -3.88
C LEU F 194 30.90 10.84 -2.97
N LYS F 195 29.74 11.06 -3.57
CA LYS F 195 28.47 10.97 -2.86
C LYS F 195 27.39 10.55 -3.84
N VAL F 196 26.27 10.05 -3.31
CA VAL F 196 25.18 9.57 -4.14
C VAL F 196 24.41 10.71 -4.78
N ARG F 197 24.22 10.63 -6.09
CA ARG F 197 23.41 11.61 -6.83
C ARG F 197 21.95 11.49 -6.43
N GLU F 198 21.34 12.63 -6.15
CA GLU F 198 19.91 12.69 -5.86
C GLU F 198 19.10 12.76 -7.16
N SER F 199 19.58 13.55 -8.11
CA SER F 199 18.94 13.64 -9.42
C SER F 199 19.41 12.52 -10.35
N ASN F 200 18.64 12.26 -11.40
CA ASN F 200 18.99 11.25 -12.39
C ASN F 200 19.45 11.89 -13.70
N THR F 201 20.71 11.70 -14.06
CA THR F 201 21.25 12.28 -15.29
C THR F 201 22.12 11.31 -16.07
N THR F 202 22.44 11.69 -17.30
CA THR F 202 23.41 10.97 -18.13
C THR F 202 24.64 11.86 -18.25
N GLU F 203 24.56 13.02 -17.63
CA GLU F 203 25.62 14.02 -17.72
C GLU F 203 26.85 13.61 -16.94
N CYS F 204 28.01 13.82 -17.54
CA CYS F 204 29.28 13.58 -16.87
C CYS F 204 29.39 14.52 -15.68
N ASP F 205 30.17 14.13 -14.67
CA ASP F 205 30.35 14.96 -13.49
C ASP F 205 31.04 16.26 -13.86
N SER F 206 30.35 17.38 -13.60
CA SER F 206 30.84 18.70 -13.99
C SER F 206 32.10 19.10 -13.26
N LYS F 207 32.13 18.81 -11.96
CA LYS F 207 33.25 19.18 -11.08
C LYS F 207 34.64 18.92 -11.68
N ILE F 208 34.84 17.73 -12.23
CA ILE F 208 36.14 17.33 -12.73
C ILE F 208 36.39 17.84 -14.15
N ILE F 209 35.40 18.52 -14.72
CA ILE F 209 35.52 19.02 -16.08
C ILE F 209 36.27 20.35 -16.11
N GLY F 210 37.19 20.47 -17.06
CA GLY F 210 37.88 21.71 -17.33
C GLY F 210 37.78 22.02 -18.81
N THR F 211 37.27 23.20 -19.13
CA THR F 211 37.07 23.62 -20.51
C THR F 211 37.63 25.01 -20.66
N ALA F 212 38.36 25.27 -21.74
CA ALA F 212 39.02 26.56 -21.90
C ALA F 212 39.43 26.84 -23.34
N VAL F 213 39.58 28.12 -23.65
CA VAL F 213 40.12 28.56 -24.94
C VAL F 213 40.97 29.81 -24.76
N LYS F 214 42.20 29.76 -25.26
CA LYS F 214 43.13 30.89 -25.19
C LYS F 214 44.23 30.72 -26.24
N ASN F 215 44.67 31.84 -26.82
CA ASN F 215 45.70 31.84 -27.85
C ASN F 215 45.38 30.90 -28.99
N ASN F 216 44.10 30.82 -29.33
CA ASN F 216 43.63 29.99 -30.44
C ASN F 216 43.86 28.50 -30.18
N LEU F 217 43.77 28.13 -28.90
CA LEU F 217 43.74 26.74 -28.49
C LEU F 217 42.48 26.47 -27.67
N ALA F 218 41.63 25.57 -28.16
CA ALA F 218 40.37 25.28 -27.47
C ALA F 218 40.37 23.87 -26.92
N ILE F 219 40.04 23.74 -25.64
CA ILE F 219 40.17 22.45 -24.95
C ILE F 219 38.89 22.09 -24.20
N HIS F 220 38.41 20.87 -24.43
CA HIS F 220 37.40 20.28 -23.58
C HIS F 220 38.06 19.12 -22.84
N SER F 221 38.03 19.16 -21.53
CA SER F 221 38.78 18.16 -20.77
C SER F 221 38.13 17.76 -19.45
N ASP F 222 38.44 16.55 -19.04
CA ASP F 222 38.20 16.08 -17.69
C ASP F 222 39.39 15.20 -17.32
N LEU F 223 39.20 14.32 -16.35
CA LEU F 223 40.26 13.44 -15.89
C LEU F 223 40.64 12.34 -16.90
N SER F 224 39.71 12.04 -17.80
CA SER F 224 39.91 10.95 -18.74
C SER F 224 39.93 11.42 -20.18
N TYR F 225 39.37 12.60 -20.42
CA TYR F 225 39.23 13.10 -21.77
C TYR F 225 40.10 14.34 -21.98
N TRP F 226 40.85 14.34 -23.07
CA TRP F 226 41.54 15.56 -23.51
C TRP F 226 41.26 15.80 -24.97
N ILE F 227 40.39 16.76 -25.26
CA ILE F 227 39.99 17.04 -26.62
C ILE F 227 40.58 18.38 -27.04
N GLU F 228 41.41 18.35 -28.07
CA GLU F 228 42.19 19.51 -28.47
C GLU F 228 41.85 19.96 -29.88
N SER F 229 41.37 21.19 -30.01
CA SER F 229 41.06 21.76 -31.31
C SER F 229 41.86 23.04 -31.48
N ARG F 230 42.37 23.26 -32.68
CA ARG F 230 43.25 24.40 -32.92
C ARG F 230 42.79 25.27 -34.08
N LEU F 231 43.25 26.51 -34.08
CA LEU F 231 42.99 27.44 -35.17
C LEU F 231 44.17 27.51 -36.13
N ASN F 232 44.07 26.80 -37.25
CA ASN F 232 45.04 26.95 -38.34
C ASN F 232 44.53 28.02 -39.29
N ASP F 233 44.10 27.60 -40.47
CA ASP F 233 43.35 28.50 -41.34
C ASP F 233 41.99 28.73 -40.67
N THR F 234 41.42 27.65 -40.15
CA THR F 234 40.14 27.70 -39.45
C THR F 234 40.19 26.97 -38.11
N TRP F 235 39.05 26.93 -37.43
CA TRP F 235 38.89 26.13 -36.21
C TRP F 235 38.39 24.72 -36.52
N LYS F 236 39.09 23.73 -35.99
CA LYS F 236 38.72 22.34 -36.18
C LYS F 236 39.43 21.44 -35.19
N LEU F 237 38.94 20.22 -35.03
CA LEU F 237 39.55 19.24 -34.16
C LEU F 237 40.93 18.86 -34.68
N GLU F 238 41.89 18.68 -33.77
CA GLU F 238 43.25 18.36 -34.15
C GLU F 238 43.78 17.16 -33.38
N ARG F 239 43.43 17.08 -32.10
CA ARG F 239 43.98 16.08 -31.21
C ARG F 239 42.98 15.65 -30.16
N ALA F 240 42.87 14.35 -29.94
CA ALA F 240 42.01 13.81 -28.89
C ALA F 240 42.70 12.67 -28.17
N VAL F 241 42.70 12.70 -26.85
CA VAL F 241 43.29 11.64 -26.05
C VAL F 241 42.30 11.17 -24.99
N LEU F 242 41.95 9.89 -25.04
CA LEU F 242 40.98 9.33 -24.12
C LEU F 242 41.59 8.17 -23.34
N GLY F 243 41.72 8.36 -22.03
CA GLY F 243 42.20 7.31 -21.15
C GLY F 243 41.30 6.10 -21.30
N GLU F 244 40.00 6.35 -21.31
CA GLU F 244 39.02 5.34 -21.69
C GLU F 244 37.85 6.01 -22.42
N VAL F 245 36.96 5.21 -22.99
CA VAL F 245 35.75 5.73 -23.63
C VAL F 245 34.56 5.49 -22.74
N LYS F 246 33.75 6.53 -22.52
CA LYS F 246 32.62 6.44 -21.61
C LYS F 246 31.33 6.95 -22.25
N SER F 247 30.19 6.48 -21.76
CA SER F 247 28.91 6.80 -22.38
C SER F 247 28.10 7.79 -21.56
N CYS F 248 28.77 8.61 -20.77
CA CYS F 248 28.09 9.71 -20.10
C CYS F 248 27.91 10.80 -21.13
N THR F 249 27.10 11.81 -20.84
CA THR F 249 26.88 12.87 -21.81
C THR F 249 27.62 14.14 -21.38
N TRP F 250 28.10 14.88 -22.36
CA TRP F 250 28.88 16.08 -22.08
C TRP F 250 27.96 17.28 -21.88
N PRO F 251 28.13 17.99 -20.75
CA PRO F 251 27.26 19.09 -20.33
C PRO F 251 27.28 20.25 -21.30
N GLU F 252 26.11 20.80 -21.60
CA GLU F 252 26.03 21.98 -22.45
C GLU F 252 26.65 23.17 -21.74
N THR F 253 26.59 23.13 -20.41
CA THR F 253 27.09 24.21 -19.58
C THR F 253 28.59 24.39 -19.73
N HIS F 254 29.28 23.28 -20.02
CA HIS F 254 30.73 23.30 -20.17
C HIS F 254 31.14 23.07 -21.62
N THR F 255 30.33 23.59 -22.54
CA THR F 255 30.56 23.33 -23.95
C THR F 255 30.66 24.64 -24.75
N LEU F 256 31.83 24.88 -25.34
CA LEU F 256 32.03 26.04 -26.21
C LEU F 256 31.32 25.82 -27.53
N TRP F 257 30.90 26.91 -28.15
CA TRP F 257 30.42 26.88 -29.53
C TRP F 257 29.23 25.93 -29.69
N GLY F 258 28.35 25.91 -28.69
CA GLY F 258 27.22 25.01 -28.65
C GLY F 258 26.02 25.36 -29.53
N ASP F 259 26.15 26.44 -30.29
CA ASP F 259 25.05 26.90 -31.14
C ASP F 259 25.05 26.23 -32.51
N GLY F 260 23.87 26.11 -33.12
CA GLY F 260 23.75 25.67 -34.49
C GLY F 260 24.30 24.27 -34.71
N ILE F 261 24.01 23.38 -33.78
CA ILE F 261 24.62 22.06 -33.79
C ILE F 261 23.96 21.09 -34.77
N LEU F 262 24.78 20.51 -35.64
CA LEU F 262 24.42 19.32 -36.40
C LEU F 262 25.09 18.13 -35.72
N GLU F 263 24.29 17.24 -35.14
CA GLU F 263 24.83 16.08 -34.43
C GLU F 263 25.59 15.15 -35.37
N SER F 264 25.19 15.16 -36.64
CA SER F 264 25.80 14.31 -37.65
C SER F 264 27.28 14.63 -37.88
N ASP F 265 27.65 15.89 -37.69
CA ASP F 265 29.00 16.35 -37.98
C ASP F 265 29.94 16.16 -36.79
N LEU F 266 29.36 15.84 -35.64
CA LEU F 266 30.15 15.66 -34.42
C LEU F 266 31.03 14.42 -34.49
N ILE F 267 32.34 14.63 -34.54
CA ILE F 267 33.30 13.54 -34.67
C ILE F 267 33.13 12.51 -33.54
N ILE F 268 33.48 12.90 -32.33
CA ILE F 268 33.20 12.08 -31.16
C ILE F 268 31.70 12.20 -30.84
N PRO F 269 30.98 11.08 -30.91
CA PRO F 269 29.53 11.05 -30.72
C PRO F 269 29.09 11.61 -29.38
N VAL F 270 27.88 12.16 -29.32
CA VAL F 270 27.32 12.70 -28.09
C VAL F 270 27.19 11.59 -27.05
N THR F 271 26.83 10.40 -27.54
CA THR F 271 26.57 9.26 -26.68
C THR F 271 27.85 8.71 -26.06
N LEU F 272 28.99 9.16 -26.57
CA LEU F 272 30.28 8.75 -26.02
C LEU F 272 30.96 9.93 -25.37
N ALA F 273 30.15 10.75 -24.69
CA ALA F 273 30.63 11.92 -23.95
C ALA F 273 31.28 12.91 -24.89
N GLY F 274 30.84 12.92 -26.14
CA GLY F 274 31.28 13.94 -27.07
C GLY F 274 30.59 15.25 -26.76
N PRO F 275 31.38 16.33 -26.66
CA PRO F 275 30.81 17.65 -26.39
C PRO F 275 30.04 18.16 -27.59
N ARG F 276 28.83 18.68 -27.37
CA ARG F 276 28.04 19.25 -28.46
C ARG F 276 28.66 20.58 -28.87
N SER F 277 29.84 20.49 -29.44
CA SER F 277 30.61 21.66 -29.86
C SER F 277 30.89 21.61 -31.34
N ASN F 278 30.96 22.77 -31.97
CA ASN F 278 31.37 22.85 -33.37
C ASN F 278 32.90 22.79 -33.46
N HIS F 279 33.51 22.65 -32.29
CA HIS F 279 34.93 22.34 -32.18
C HIS F 279 35.12 20.85 -32.45
N ASN F 280 34.06 20.08 -32.15
CA ASN F 280 34.10 18.63 -32.32
C ASN F 280 33.77 18.24 -33.76
N ARG F 281 34.50 18.84 -34.70
CA ARG F 281 34.26 18.62 -36.13
C ARG F 281 35.55 18.72 -36.94
N ARG F 282 35.52 18.11 -38.12
CA ARG F 282 36.57 18.28 -39.11
C ARG F 282 35.98 18.22 -40.51
N PRO F 283 36.39 19.14 -41.40
CA PRO F 283 35.92 19.18 -42.78
C PRO F 283 36.11 17.85 -43.53
N GLY F 284 35.04 17.35 -44.15
CA GLY F 284 35.10 16.12 -44.90
C GLY F 284 34.85 14.88 -44.04
N TYR F 285 34.42 15.11 -42.80
CA TYR F 285 34.15 14.02 -41.88
C TYR F 285 32.80 14.19 -41.19
N LYS F 286 32.23 13.08 -40.73
CA LYS F 286 30.94 13.08 -40.07
C LYS F 286 31.08 12.47 -38.68
N THR F 287 29.96 12.06 -38.09
CA THR F 287 30.00 11.36 -36.82
C THR F 287 30.75 10.06 -36.98
N GLN F 288 31.71 9.82 -36.10
CA GLN F 288 32.45 8.57 -36.14
C GLN F 288 31.80 7.57 -35.19
N ASN F 289 30.59 7.15 -35.55
CA ASN F 289 29.82 6.20 -34.76
C ASN F 289 30.43 4.81 -34.78
N GLN F 290 31.21 4.53 -35.82
CA GLN F 290 31.83 3.21 -35.96
C GLN F 290 33.35 3.28 -35.80
N GLY F 291 33.81 4.09 -34.86
CA GLY F 291 35.22 4.12 -34.52
C GLY F 291 35.60 3.03 -33.55
N PRO F 292 36.91 2.81 -33.36
CA PRO F 292 37.43 1.81 -32.42
C PRO F 292 37.26 2.24 -30.96
N TRP F 293 36.01 2.27 -30.50
CA TRP F 293 35.71 2.80 -29.18
C TRP F 293 35.89 1.75 -28.08
N ASP F 294 35.80 0.48 -28.46
CA ASP F 294 35.83 -0.60 -27.48
C ASP F 294 37.25 -1.13 -27.30
N GLU F 295 38.22 -0.35 -27.76
CA GLU F 295 39.62 -0.75 -27.64
C GLU F 295 40.23 -0.27 -26.33
N GLY F 296 39.49 0.58 -25.62
CA GLY F 296 39.99 1.17 -24.39
C GLY F 296 40.53 2.56 -24.65
N ARG F 297 41.84 2.72 -24.52
CA ARG F 297 42.50 3.99 -24.80
C ARG F 297 42.50 4.29 -26.30
N VAL F 298 42.00 5.46 -26.67
CA VAL F 298 41.93 5.86 -28.07
C VAL F 298 42.54 7.24 -28.23
N GLU F 299 43.50 7.37 -29.14
CA GLU F 299 44.12 8.66 -29.41
C GLU F 299 43.81 9.09 -30.83
N ILE F 300 43.11 10.22 -30.96
CA ILE F 300 42.66 10.68 -32.26
C ILE F 300 43.51 11.86 -32.72
N ASP F 301 43.87 11.84 -34.00
CA ASP F 301 44.63 12.93 -34.61
C ASP F 301 44.53 12.82 -36.13
N PHE F 302 45.13 13.76 -36.83
CA PHE F 302 45.04 13.76 -38.29
C PHE F 302 46.42 13.69 -38.90
N ASP F 303 46.72 12.50 -39.43
CA ASP F 303 48.04 12.16 -39.92
C ASP F 303 47.88 10.85 -40.67
N TYR F 304 48.98 10.29 -41.14
CA TYR F 304 48.93 9.01 -41.83
C TYR F 304 49.35 7.89 -40.90
N CYS F 305 48.60 6.81 -40.94
CA CYS F 305 48.96 5.62 -40.18
C CYS F 305 50.26 5.13 -40.77
N PRO F 306 51.25 4.86 -39.92
CA PRO F 306 52.61 4.49 -40.32
C PRO F 306 52.63 3.48 -41.46
N GLY F 307 53.23 3.88 -42.58
CA GLY F 307 53.34 3.00 -43.73
C GLY F 307 52.09 2.91 -44.59
N THR F 308 51.17 3.86 -44.43
CA THR F 308 49.93 3.87 -45.21
C THR F 308 49.78 5.15 -46.02
N THR F 309 48.95 5.08 -47.06
CA THR F 309 48.64 6.24 -47.90
C THR F 309 47.14 6.36 -48.10
N VAL F 310 46.62 7.59 -47.94
CA VAL F 310 45.22 7.85 -48.20
C VAL F 310 45.12 8.83 -49.37
N THR F 311 44.19 8.57 -50.29
CA THR F 311 44.03 9.41 -51.47
C THR F 311 42.57 9.59 -51.83
N LEU F 312 42.27 10.75 -52.41
CA LEU F 312 40.92 11.05 -52.85
C LEU F 312 40.61 10.28 -54.13
N SER F 313 39.44 9.65 -54.17
CA SER F 313 39.00 8.97 -55.36
C SER F 313 37.49 8.77 -55.33
N GLU F 314 36.86 8.95 -56.48
CA GLU F 314 35.43 8.72 -56.61
C GLU F 314 35.17 7.22 -56.74
N SER F 315 36.19 6.50 -57.18
CA SER F 315 36.11 5.05 -57.30
C SER F 315 36.18 4.37 -55.94
N CYS F 316 36.60 5.12 -54.92
CA CYS F 316 36.66 4.60 -53.56
C CYS F 316 35.26 4.34 -53.03
N GLY F 317 35.18 3.68 -51.87
CA GLY F 317 33.88 3.29 -51.33
C GLY F 317 33.37 4.27 -50.29
N HIS F 318 32.10 4.12 -49.94
CA HIS F 318 31.45 5.02 -48.99
C HIS F 318 31.88 4.66 -47.58
N ARG F 319 31.51 5.53 -46.62
CA ARG F 319 31.93 5.35 -45.24
C ARG F 319 31.41 4.03 -44.66
N GLY F 320 32.23 3.42 -43.81
CA GLY F 320 31.87 2.18 -43.13
C GLY F 320 32.69 2.07 -41.86
N PRO F 321 32.59 0.93 -41.15
CA PRO F 321 33.26 0.73 -39.86
C PRO F 321 34.75 1.06 -39.91
N ALA F 322 35.24 1.79 -38.91
CA ALA F 322 36.66 2.12 -38.82
C ALA F 322 37.51 0.87 -38.93
N THR F 323 38.45 0.89 -39.87
CA THR F 323 39.25 -0.29 -40.17
C THR F 323 40.69 -0.11 -39.71
N ARG F 324 41.32 -1.20 -39.30
CA ARG F 324 42.70 -1.15 -38.84
C ARG F 324 43.66 -1.40 -40.00
N THR F 325 44.84 -0.82 -39.89
CA THR F 325 45.87 -0.99 -40.91
C THR F 325 46.48 -2.38 -40.84
N THR F 326 46.73 -2.87 -39.62
CA THR F 326 47.20 -4.23 -39.43
C THR F 326 46.00 -5.17 -39.28
N THR F 327 46.03 -6.29 -40.01
CA THR F 327 44.97 -7.28 -39.90
C THR F 327 45.30 -8.25 -38.76
N GLU F 328 44.39 -9.18 -38.51
CA GLU F 328 44.55 -10.15 -37.44
C GLU F 328 45.85 -10.96 -37.61
N SER F 329 46.22 -11.21 -38.86
CA SER F 329 47.50 -11.84 -39.18
C SER F 329 48.67 -10.92 -38.81
N GLY F 330 48.48 -9.62 -38.99
CA GLY F 330 49.54 -8.65 -38.76
C GLY F 330 49.95 -7.93 -40.03
N LYS F 331 49.40 -8.36 -41.16
CA LYS F 331 49.71 -7.80 -42.47
C LYS F 331 49.41 -6.31 -42.57
N LEU F 332 50.33 -5.56 -43.17
CA LEU F 332 50.17 -4.13 -43.37
C LEU F 332 49.39 -3.81 -44.64
N ILE F 333 48.56 -2.76 -44.56
CA ILE F 333 47.77 -2.31 -45.70
C ILE F 333 48.23 -0.93 -46.18
N THR F 334 48.82 -0.89 -47.36
CA THR F 334 49.44 0.33 -47.86
C THR F 334 48.45 1.34 -48.43
N ASP F 335 47.54 0.87 -49.27
CA ASP F 335 46.71 1.79 -50.05
C ASP F 335 45.29 1.95 -49.52
N TRP F 336 44.99 3.15 -49.03
CA TRP F 336 43.65 3.49 -48.59
C TRP F 336 43.13 4.58 -49.50
N CYS F 337 41.83 4.79 -49.47
CA CYS F 337 41.25 5.89 -50.21
C CYS F 337 40.10 6.49 -49.45
N CYS F 338 39.61 7.61 -49.97
CA CYS F 338 38.43 8.24 -49.44
C CYS F 338 37.81 9.06 -50.56
N ARG F 339 36.53 9.36 -50.43
CA ARG F 339 35.83 10.12 -51.46
C ARG F 339 35.93 11.61 -51.21
N SER F 340 35.35 12.07 -50.12
CA SER F 340 35.25 13.50 -49.85
C SER F 340 35.88 13.93 -48.52
N CYS F 341 36.75 13.10 -47.96
CA CYS F 341 37.42 13.47 -46.72
C CYS F 341 38.55 14.47 -47.03
N THR F 342 39.09 15.08 -45.97
CA THR F 342 40.24 15.96 -46.12
C THR F 342 41.54 15.28 -45.69
N LEU F 343 42.66 15.96 -45.91
CA LEU F 343 43.98 15.43 -45.54
C LEU F 343 44.78 16.49 -44.79
N PRO F 344 45.61 16.08 -43.82
CA PRO F 344 45.91 14.72 -43.36
C PRO F 344 44.68 14.00 -42.80
N PRO F 345 44.61 12.68 -43.00
CA PRO F 345 43.41 11.89 -42.73
C PRO F 345 43.20 11.59 -41.26
N LEU F 346 41.95 11.28 -40.90
CA LEU F 346 41.57 10.96 -39.53
C LEU F 346 42.34 9.72 -39.09
N ARG F 347 42.97 9.77 -37.93
CA ARG F 347 43.79 8.66 -37.48
C ARG F 347 43.45 8.25 -36.06
N TYR F 348 43.25 6.95 -35.86
CA TYR F 348 43.10 6.41 -34.52
C TYR F 348 44.38 5.68 -34.15
N GLN F 349 44.80 5.81 -32.90
CA GLN F 349 45.90 5.03 -32.38
C GLN F 349 45.41 4.21 -31.19
N THR F 350 45.77 2.93 -31.19
CA THR F 350 45.24 1.99 -30.22
C THR F 350 46.36 1.01 -29.86
N ASP F 351 46.29 0.43 -28.66
CA ASP F 351 47.26 -0.58 -28.23
C ASP F 351 47.47 -1.66 -29.29
N SER F 352 46.38 -2.05 -29.94
CA SER F 352 46.43 -3.09 -30.98
C SER F 352 47.03 -2.56 -32.28
N GLY F 353 46.90 -1.25 -32.53
CA GLY F 353 47.41 -0.66 -33.76
C GLY F 353 46.79 0.68 -34.10
N CYS F 354 46.89 1.09 -35.35
CA CYS F 354 46.33 2.38 -35.76
C CYS F 354 45.21 2.19 -36.78
N TRP F 355 44.25 3.11 -36.76
CA TRP F 355 43.05 3.00 -37.58
C TRP F 355 42.79 4.33 -38.30
N TYR F 356 42.10 4.25 -39.43
CA TYR F 356 41.64 5.46 -40.13
C TYR F 356 40.16 5.72 -39.87
N GLY F 357 39.69 6.89 -40.29
CA GLY F 357 38.31 7.27 -40.06
C GLY F 357 37.33 6.48 -40.92
N MET F 358 36.05 6.57 -40.57
CA MET F 358 34.99 5.82 -41.25
C MET F 358 34.94 6.08 -42.76
N GLU F 359 35.17 7.33 -43.14
CA GLU F 359 35.11 7.72 -44.54
C GLU F 359 36.31 7.17 -45.32
N ILE F 360 37.33 6.76 -44.57
CA ILE F 360 38.52 6.19 -45.18
C ILE F 360 38.30 4.72 -45.47
N ARG F 361 38.53 4.32 -46.71
CA ARG F 361 38.29 2.96 -47.11
C ARG F 361 39.52 2.37 -47.79
N PRO F 362 39.65 1.04 -47.75
CA PRO F 362 40.77 0.38 -48.43
C PRO F 362 40.63 0.48 -49.94
N GLN F 363 41.72 0.80 -50.61
CA GLN F 363 41.72 0.90 -52.06
C GLN F 363 41.45 -0.45 -52.72
N ARG F 364 42.06 -1.49 -52.17
CA ARG F 364 42.14 -2.79 -52.85
C ARG F 364 41.33 -3.95 -52.24
N HIS F 365 40.98 -3.84 -50.97
CA HIS F 365 40.49 -4.99 -50.21
C HIS F 365 39.03 -5.40 -50.40
N ASP F 366 38.79 -6.70 -50.20
CA ASP F 366 37.45 -7.19 -49.85
C ASP F 366 37.24 -6.83 -48.38
N GLU F 367 35.99 -6.73 -47.95
CA GLU F 367 35.68 -6.08 -46.68
C GLU F 367 35.74 -7.02 -45.47
N LYS F 368 35.35 -8.27 -45.66
CA LYS F 368 35.30 -9.24 -44.55
C LYS F 368 36.69 -9.54 -43.98
N THR F 369 37.73 -9.34 -44.78
CA THR F 369 39.08 -9.80 -44.44
C THR F 369 39.76 -8.97 -43.35
N LEU F 370 39.27 -7.76 -43.09
CA LEU F 370 40.02 -6.84 -42.22
C LEU F 370 39.38 -6.62 -40.87
N VAL F 371 40.17 -6.06 -39.95
CA VAL F 371 39.69 -5.72 -38.61
C VAL F 371 38.87 -4.43 -38.66
N GLN F 372 37.59 -4.52 -38.31
CA GLN F 372 36.71 -3.36 -38.34
C GLN F 372 36.02 -3.18 -37.01
N SER F 373 35.85 -1.92 -36.62
CA SER F 373 35.10 -1.60 -35.42
C SER F 373 33.69 -2.17 -35.55
N GLN F 374 33.21 -2.75 -34.46
CA GLN F 374 31.89 -3.34 -34.44
C GLN F 374 31.03 -2.51 -33.52
N VAL F 375 31.37 -1.23 -33.43
CA VAL F 375 30.70 -0.32 -32.53
C VAL F 375 29.72 0.55 -33.30
N ASN F 376 28.49 0.62 -32.79
CA ASN F 376 27.49 1.51 -33.34
C ASN F 376 26.82 2.31 -32.23
N ALA F 377 27.18 3.58 -32.11
CA ALA F 377 26.72 4.42 -31.00
C ALA F 377 26.40 5.83 -31.49
C1 NAG G . 10.93 -44.55 -29.78
C2 NAG G . 10.81 -44.31 -31.28
C3 NAG G . 11.24 -45.56 -32.05
C4 NAG G . 12.62 -46.03 -31.61
C5 NAG G . 12.70 -46.16 -30.09
C6 NAG G . 14.11 -46.43 -29.60
C7 NAG G . 9.14 -42.76 -32.20
C8 NAG G . 7.69 -42.56 -32.52
N2 NAG G . 9.45 -43.94 -31.65
O3 NAG G . 11.25 -45.28 -33.45
O4 NAG G . 12.92 -47.28 -32.22
O5 NAG G . 12.27 -44.94 -29.47
O6 NAG G . 14.25 -47.75 -29.12
O7 NAG G . 9.99 -41.91 -32.44
S SO4 H . -9.60 -4.68 5.49
O1 SO4 H . -10.96 -5.00 5.94
O2 SO4 H . -8.77 -5.86 5.52
O3 SO4 H . -9.65 -4.14 4.14
O4 SO4 H . -9.02 -3.69 6.39
C1 NAG I . -50.86 35.01 8.07
C2 NAG I . -52.16 34.57 7.43
C3 NAG I . -53.18 35.70 7.48
C4 NAG I . -53.36 36.19 8.91
C5 NAG I . -52.00 36.52 9.55
C6 NAG I . -52.12 36.79 11.03
C7 NAG I . -52.10 32.86 5.66
C8 NAG I . -51.83 32.60 4.21
N2 NAG I . -51.94 34.13 6.06
O3 NAG I . -54.43 35.24 6.97
O4 NAG I . -54.19 37.35 8.92
O5 NAG I . -51.11 35.40 9.42
O6 NAG I . -52.06 38.19 11.30
O7 NAG I . -52.43 31.99 6.45
C1 NAG J . 9.77 24.56 31.73
C2 NAG J . 10.79 24.41 32.84
C3 NAG J . 11.37 25.78 33.21
C4 NAG J . 11.92 26.48 31.98
C5 NAG J . 10.86 26.53 30.87
C6 NAG J . 11.40 27.07 29.57
C7 NAG J . 10.60 22.55 34.44
C8 NAG J . 9.90 22.03 35.65
N2 NAG J . 10.21 23.76 34.00
O3 NAG J . 12.39 25.61 34.19
O4 NAG J . 12.33 27.80 32.32
O5 NAG J . 10.36 25.22 30.60
O6 NAG J . 11.77 28.44 29.67
O7 NAG J . 11.48 21.91 33.85
S SO4 K . -18.24 -22.41 16.11
O1 SO4 K . -19.05 -23.59 16.35
O2 SO4 K . -16.87 -22.65 16.59
O3 SO4 K . -18.22 -22.11 14.69
O4 SO4 K . -18.81 -21.28 16.85
C1 NAG L . -40.76 -70.29 35.23
C2 NAG L . -41.29 -70.40 36.66
C3 NAG L . -41.59 -71.87 36.99
C4 NAG L . -42.51 -72.48 35.94
C5 NAG L . -41.95 -72.26 34.54
C6 NAG L . -42.90 -72.71 33.46
C7 NAG L . -40.48 -68.61 38.11
C8 NAG L . -39.41 -68.19 39.08
N2 NAG L . -40.35 -69.84 37.62
O3 NAG L . -42.18 -71.96 38.28
O4 NAG L . -42.66 -73.88 36.19
O5 NAG L . -41.70 -70.87 34.32
O6 NAG L . -43.13 -74.11 33.51
O7 NAG L . -41.41 -67.87 37.79
C1 NAG M . 46.01 74.55 -46.37
C2 NAG M . 47.54 74.65 -46.47
C3 NAG M . 47.97 76.08 -46.70
C4 NAG M . 47.27 76.64 -47.94
C5 NAG M . 45.75 76.50 -47.79
C6 NAG M . 45.00 76.91 -49.03
C7 NAG M . 48.89 73.00 -45.23
C8 NAG M . 49.43 72.61 -43.89
N2 NAG M . 48.15 74.13 -45.26
O3 NAG M . 49.39 76.16 -46.85
O4 NAG M . 47.61 78.01 -48.12
O5 NAG M . 45.44 75.11 -47.56
O6 NAG M . 44.84 78.32 -49.08
O7 NAG M . 49.08 72.34 -46.24
C1 NAG N . 25.61 -19.23 2.34
C2 NAG N . 26.29 -19.01 3.68
C3 NAG N . 26.43 -20.34 4.42
C4 NAG N . 25.08 -21.01 4.56
C5 NAG N . 24.41 -21.13 3.18
C6 NAG N . 22.99 -21.65 3.27
C7 NAG N . 27.88 -17.16 3.97
C8 NAG N . 29.28 -16.67 3.71
N2 NAG N . 27.60 -18.38 3.51
O3 NAG N . 27.01 -20.12 5.70
O4 NAG N . 25.22 -22.29 5.14
O5 NAG N . 24.34 -19.85 2.54
O6 NAG N . 22.94 -23.06 3.09
O7 NAG N . 27.06 -16.49 4.58
S SO4 O . 21.31 26.03 -31.30
O1 SO4 O . 20.04 25.39 -31.03
O2 SO4 O . 22.39 25.06 -31.18
O3 SO4 O . 21.31 26.58 -32.64
O4 SO4 O . 21.53 27.10 -30.32
#